data_6AZV
#
_entry.id   6AZV
#
_cell.length_a   203.392
_cell.length_b   120.868
_cell.length_c   101.527
_cell.angle_alpha   90.000
_cell.angle_beta   119.110
_cell.angle_gamma   90.000
#
_symmetry.space_group_name_H-M   'C 1 2 1'
#
loop_
_entity.id
_entity.type
_entity.pdbx_description
1 polymer 'Indoleamine 2,3-dioxygenase 1'
2 non-polymer '(1R,2S)-2-(4-[bis(2-methylpropyl)amino]-3-{[(4-methylphenyl)carbamoyl]amino}phenyl)cyclopropane-1-carboxylic acid'
3 water water
#
_entity_poly.entity_id   1
_entity_poly.type   'polypeptide(L)'
_entity_poly.pdbx_seq_one_letter_code
;GSHMENSWTISKEYHIDEEVGFALPNPQENLPDFYNDWMFIAKHLPDLIESGQLRERVEKLNMLSIDHLTDHKSQRLARL
VLGCITMAYVWGKGHGDVRKVLPRNIAVPYCQLSKKLELPPILVYADCVLANWKKKDPNKPLTYENMDVLFSFRDGDCSK
GFFLVSLLVEIAAASAIKVIPTVFKAMQMQERDTLLKALLEIASCLEKALQVFHQIHDHVNPKAFFSVLRIYLSGWKGNP
QLSDGLVYEGFWEDPKEFAGGSAGQSSVFQCFDVLLGIQQTAGGGHAAQFLQDMRRYMPPAHRNFLCSLESNPSVREFVL
SKGDAGLREAYDACVKALVSLRSYHLQIVTKYILIPASQQPKENKTSEDPSKLEAKGTGGTDLMNFLKTVRSTTEKSLLK
EG
;
_entity_poly.pdbx_strand_id   A,B,C,D
#
loop_
_chem_comp.id
_chem_comp.type
_chem_comp.name
_chem_comp.formula
C4V non-polymer '(1R,2S)-2-(4-[bis(2-methylpropyl)amino]-3-{[(4-methylphenyl)carbamoyl]amino}phenyl)cyclopropane-1-carboxylic acid' 'C26 H35 N3 O3'
#
# COMPACT_ATOMS: atom_id res chain seq x y z
N THR A 9 9.35 -0.74 -9.27
CA THR A 9 9.36 -1.52 -10.51
C THR A 9 9.62 -0.67 -11.78
N ILE A 10 9.21 -1.18 -12.94
CA ILE A 10 9.26 -0.49 -14.24
C ILE A 10 9.79 -1.39 -15.37
N SER A 11 10.59 -0.81 -16.26
CA SER A 11 10.74 -1.43 -17.57
C SER A 11 11.53 -2.74 -17.57
N LYS A 12 12.80 -2.63 -18.01
CA LYS A 12 13.56 -3.63 -18.75
C LYS A 12 12.84 -4.01 -20.05
N GLU A 13 11.89 -4.97 -19.95
CA GLU A 13 11.27 -5.64 -21.11
C GLU A 13 10.43 -4.72 -21.96
N TYR A 14 9.95 -3.59 -21.43
CA TYR A 14 9.03 -2.79 -22.20
C TYR A 14 9.71 -1.62 -22.84
N HIS A 15 10.97 -1.39 -22.52
CA HIS A 15 11.79 -0.37 -23.17
C HIS A 15 11.22 1.03 -23.03
N ILE A 16 10.86 1.38 -21.79
CA ILE A 16 10.44 2.72 -21.40
C ILE A 16 11.58 3.29 -20.59
N ASP A 17 12.13 4.38 -21.10
CA ASP A 17 13.26 5.10 -20.55
C ASP A 17 12.84 6.20 -19.57
N GLU A 18 13.60 6.35 -18.48
CA GLU A 18 13.20 7.32 -17.47
C GLU A 18 13.30 8.75 -18.02
N GLU A 19 14.19 8.98 -18.98
CA GLU A 19 14.40 10.31 -19.55
C GLU A 19 13.53 10.59 -20.79
N VAL A 20 13.44 9.65 -21.74
CA VAL A 20 12.77 9.91 -23.01
C VAL A 20 11.54 9.06 -23.21
N GLY A 21 11.21 8.20 -22.27
CA GLY A 21 9.91 7.57 -22.35
C GLY A 21 9.83 6.54 -23.45
N PHE A 22 8.85 6.69 -24.33
CA PHE A 22 8.70 5.74 -25.43
C PHE A 22 9.76 5.91 -26.48
N ALA A 23 10.43 7.05 -26.53
CA ALA A 23 11.44 7.26 -27.51
C ALA A 23 12.63 6.35 -27.25
N LEU A 24 13.45 6.22 -28.28
CA LEU A 24 14.67 5.43 -28.23
C LEU A 24 15.80 6.27 -27.67
N PRO A 25 16.47 5.86 -26.61
CA PRO A 25 17.58 6.67 -26.09
C PRO A 25 18.82 6.57 -26.96
N ASN A 26 19.47 7.73 -27.14
CA ASN A 26 20.76 7.90 -27.82
C ASN A 26 20.79 7.03 -29.09
N PRO A 27 19.87 7.25 -30.03
CA PRO A 27 19.76 6.34 -31.18
C PRO A 27 21.02 6.37 -32.02
N GLN A 28 21.36 5.22 -32.58
CA GLN A 28 22.47 5.13 -33.51
C GLN A 28 22.32 6.04 -34.74
N GLU A 29 23.45 6.61 -35.16
CA GLU A 29 23.55 7.53 -36.28
C GLU A 29 24.20 6.93 -37.52
N ASN A 30 24.95 5.83 -37.36
CA ASN A 30 25.69 5.21 -38.44
C ASN A 30 25.43 3.72 -38.46
N LEU A 31 25.34 3.17 -39.68
CA LEU A 31 25.21 1.75 -39.86
C LEU A 31 26.57 1.16 -40.16
N PRO A 32 26.72 -0.15 -40.04
CA PRO A 32 27.88 -0.82 -40.61
C PRO A 32 28.16 -0.41 -42.06
N ASP A 33 29.45 -0.43 -42.40
CA ASP A 33 29.96 -0.16 -43.74
C ASP A 33 29.16 -0.88 -44.82
N PHE A 34 28.83 -2.16 -44.57
CA PHE A 34 28.10 -3.03 -45.48
C PHE A 34 26.86 -2.35 -46.04
N TYR A 35 26.33 -1.38 -45.32
CA TYR A 35 25.13 -0.68 -45.73
C TYR A 35 25.44 0.74 -46.16
N ASN A 36 26.64 0.98 -46.64
CA ASN A 36 26.95 2.34 -47.06
C ASN A 36 26.04 2.82 -48.18
N ASP A 37 25.70 1.94 -49.14
CA ASP A 37 24.86 2.37 -50.26
C ASP A 37 23.51 2.89 -49.79
N TRP A 38 22.90 2.22 -48.80
CA TRP A 38 21.65 2.72 -48.23
C TRP A 38 21.88 4.10 -47.63
N MET A 39 22.84 4.21 -46.72
CA MET A 39 23.02 5.43 -45.98
C MET A 39 23.28 6.60 -46.90
N PHE A 40 23.93 6.40 -48.01
CA PHE A 40 24.15 7.54 -48.89
C PHE A 40 22.83 8.09 -49.44
N ILE A 41 21.93 7.22 -49.91
CA ILE A 41 20.66 7.70 -50.45
C ILE A 41 19.87 8.42 -49.34
N ALA A 42 19.71 7.78 -48.19
CA ALA A 42 18.89 8.38 -47.15
C ALA A 42 19.44 9.72 -46.73
N LYS A 43 20.76 9.83 -46.67
CA LYS A 43 21.36 11.05 -46.19
C LYS A 43 21.30 12.16 -47.22
N HIS A 44 20.97 11.83 -48.46
CA HIS A 44 20.93 12.86 -49.50
C HIS A 44 19.55 12.94 -50.15
N LEU A 45 18.49 12.53 -49.45
CA LEU A 45 17.17 12.57 -50.07
C LEU A 45 16.80 13.96 -50.53
N PRO A 46 17.01 15.02 -49.76
CA PRO A 46 16.72 16.38 -50.29
C PRO A 46 17.36 16.64 -51.65
N ASP A 47 18.66 16.42 -51.80
CA ASP A 47 19.27 16.69 -53.09
C ASP A 47 18.75 15.71 -54.15
N LEU A 48 18.50 14.44 -53.78
CA LEU A 48 18.15 13.42 -54.77
C LEU A 48 16.68 13.47 -55.25
N ILE A 49 15.74 13.92 -54.43
CA ILE A 49 14.38 14.11 -54.89
C ILE A 49 14.30 15.34 -55.78
N GLU A 50 14.94 16.43 -55.38
CA GLU A 50 14.81 17.64 -56.17
C GLU A 50 15.35 17.43 -57.57
N SER A 51 16.37 16.60 -57.72
CA SER A 51 16.98 16.33 -59.00
C SER A 51 16.36 15.15 -59.73
N GLY A 52 15.41 14.46 -59.12
CA GLY A 52 14.86 13.28 -59.75
C GLY A 52 15.80 12.11 -59.82
N GLN A 53 17.04 12.24 -59.33
CA GLN A 53 17.97 11.12 -59.42
C GLN A 53 17.64 9.98 -58.46
N LEU A 54 16.71 10.16 -57.52
CA LEU A 54 16.51 9.18 -56.47
C LEU A 54 16.10 7.82 -57.00
N ARG A 55 15.16 7.78 -57.91
CA ARG A 55 14.62 6.48 -58.32
C ARG A 55 15.61 5.65 -59.13
N GLU A 56 16.49 6.29 -59.91
CA GLU A 56 17.55 5.53 -60.59
C GLU A 56 18.51 4.93 -59.58
N ARG A 57 18.84 5.68 -58.52
CA ARG A 57 19.71 5.14 -57.48
C ARG A 57 19.06 4.01 -56.70
N VAL A 58 17.73 3.98 -56.58
CA VAL A 58 17.15 2.85 -55.88
C VAL A 58 17.15 1.63 -56.78
N GLU A 59 16.99 1.81 -58.09
CA GLU A 59 16.87 0.67 -58.99
C GLU A 59 18.24 0.07 -59.36
N LYS A 60 19.31 0.85 -59.31
CA LYS A 60 20.67 0.33 -59.52
C LYS A 60 21.27 -0.17 -58.22
N LEU A 61 20.45 -0.62 -57.28
CA LEU A 61 20.88 -0.95 -55.93
C LEU A 61 20.86 -2.46 -55.79
N ASN A 62 21.97 -3.01 -55.32
CA ASN A 62 22.08 -4.43 -55.05
C ASN A 62 21.34 -4.79 -53.76
N MET A 63 20.99 -6.07 -53.65
CA MET A 63 20.22 -6.54 -52.51
C MET A 63 21.20 -6.86 -51.41
N LEU A 64 21.04 -6.21 -50.28
CA LEU A 64 21.92 -6.37 -49.13
C LEU A 64 21.27 -7.26 -48.09
N SER A 65 22.09 -8.13 -47.55
CA SER A 65 21.72 -8.96 -46.42
C SER A 65 21.52 -8.09 -45.20
N ILE A 66 20.51 -8.41 -44.39
CA ILE A 66 20.35 -7.69 -43.13
C ILE A 66 21.09 -8.34 -41.99
N ASP A 67 21.86 -9.40 -42.24
CA ASP A 67 22.50 -10.14 -41.16
C ASP A 67 23.55 -9.36 -40.41
N HIS A 68 24.06 -8.25 -40.95
CA HIS A 68 25.10 -7.50 -40.26
C HIS A 68 24.53 -6.38 -39.43
N LEU A 69 23.22 -6.37 -39.23
CA LEU A 69 22.52 -5.49 -38.29
C LEU A 69 22.22 -6.33 -37.06
N THR A 70 23.05 -6.22 -36.01
CA THR A 70 23.08 -7.21 -34.94
C THR A 70 22.40 -6.75 -33.65
N ASP A 71 22.30 -5.46 -33.38
CA ASP A 71 21.64 -4.98 -32.17
C ASP A 71 20.35 -4.28 -32.54
N HIS A 72 19.58 -3.89 -31.52
CA HIS A 72 18.30 -3.22 -31.75
C HIS A 72 18.50 -1.84 -32.38
N LYS A 73 19.34 -1.00 -31.77
CA LYS A 73 19.53 0.35 -32.29
C LYS A 73 20.05 0.35 -33.73
N SER A 74 20.92 -0.60 -34.07
CA SER A 74 21.39 -0.72 -35.45
C SER A 74 20.20 -1.04 -36.37
N GLN A 75 19.35 -1.96 -35.95
CA GLN A 75 18.23 -2.34 -36.78
C GLN A 75 17.18 -1.24 -36.85
N ARG A 76 17.08 -0.43 -35.78
CA ARG A 76 16.15 0.66 -35.80
C ARG A 76 16.58 1.69 -36.81
N LEU A 77 17.88 1.98 -36.82
CA LEU A 77 18.41 2.97 -37.75
C LEU A 77 18.23 2.50 -39.18
N ALA A 78 18.43 1.21 -39.43
CA ALA A 78 18.25 0.69 -40.78
C ALA A 78 16.79 0.83 -41.25
N ARG A 79 15.82 0.61 -40.36
CA ARG A 79 14.40 0.76 -40.74
C ARG A 79 14.07 2.20 -41.07
N LEU A 80 14.65 3.14 -40.31
CA LEU A 80 14.40 4.54 -40.59
C LEU A 80 14.93 4.89 -41.97
N VAL A 81 16.14 4.40 -42.26
CA VAL A 81 16.82 4.63 -43.55
C VAL A 81 16.00 4.00 -44.67
N LEU A 82 15.59 2.74 -44.52
CA LEU A 82 14.85 2.11 -45.61
C LEU A 82 13.46 2.71 -45.73
N GLY A 83 12.86 3.11 -44.61
CA GLY A 83 11.53 3.69 -44.68
C GLY A 83 11.55 5.05 -45.36
N CYS A 84 12.52 5.89 -44.99
CA CYS A 84 12.66 7.15 -45.67
C CYS A 84 13.03 6.95 -47.11
N ILE A 85 13.90 5.97 -47.41
CA ILE A 85 14.22 5.74 -48.80
C ILE A 85 12.93 5.34 -49.53
N THR A 86 12.16 4.45 -48.90
CA THR A 86 10.93 3.93 -49.51
C THR A 86 9.88 5.04 -49.74
N MET A 87 9.62 5.87 -48.74
CA MET A 87 8.61 6.88 -48.93
C MET A 87 8.96 7.79 -50.10
N ALA A 88 10.21 8.19 -50.20
CA ALA A 88 10.61 9.06 -51.30
C ALA A 88 10.51 8.37 -52.65
N TYR A 89 10.73 7.06 -52.71
CA TYR A 89 10.69 6.34 -53.99
C TYR A 89 9.27 6.23 -54.51
N VAL A 90 8.32 6.02 -53.58
CA VAL A 90 6.93 5.81 -53.93
C VAL A 90 6.30 7.11 -54.40
N TRP A 91 6.54 8.22 -53.70
CA TRP A 91 5.79 9.43 -53.98
C TRP A 91 6.50 10.47 -54.85
N GLY A 92 7.83 10.44 -54.91
CA GLY A 92 8.58 11.30 -55.77
C GLY A 92 8.44 12.74 -55.40
N LYS A 93 8.34 13.60 -56.41
CA LYS A 93 8.04 15.00 -56.15
C LYS A 93 6.55 15.20 -55.91
N GLY A 94 5.76 14.12 -55.99
CA GLY A 94 4.40 14.11 -55.49
C GLY A 94 3.34 14.77 -56.34
N HIS A 95 3.51 14.80 -57.67
CA HIS A 95 2.49 15.44 -58.50
C HIS A 95 1.99 14.47 -59.54
N GLY A 96 1.50 13.33 -59.05
CA GLY A 96 0.88 12.28 -59.81
C GLY A 96 1.79 11.13 -60.20
N ASP A 97 3.12 11.30 -60.13
CA ASP A 97 4.07 10.28 -60.60
C ASP A 97 4.45 9.34 -59.46
N VAL A 98 3.59 8.34 -59.23
CA VAL A 98 3.78 7.37 -58.14
C VAL A 98 4.40 6.11 -58.71
N ARG A 99 5.00 5.32 -57.83
CA ARG A 99 5.49 4.01 -58.20
C ARG A 99 4.69 3.07 -57.35
N LYS A 100 3.97 2.18 -58.02
CA LYS A 100 3.14 1.17 -57.42
C LYS A 100 3.92 -0.09 -57.04
N VAL A 101 5.19 -0.24 -57.45
CA VAL A 101 6.00 -1.45 -57.21
C VAL A 101 7.30 -0.98 -56.61
N LEU A 102 7.63 -1.48 -55.36
CA LEU A 102 8.91 -1.26 -54.70
C LEU A 102 9.92 -2.32 -55.14
N PRO A 103 11.11 -1.92 -55.65
CA PRO A 103 12.05 -2.89 -56.26
C PRO A 103 12.60 -3.94 -55.29
N ARG A 104 12.68 -5.21 -55.74
CA ARG A 104 13.04 -6.30 -54.83
C ARG A 104 14.29 -6.00 -54.01
N ASN A 105 15.29 -5.33 -54.59
CA ASN A 105 16.57 -5.21 -53.89
C ASN A 105 16.51 -4.28 -52.66
N ILE A 106 15.43 -3.52 -52.52
CA ILE A 106 15.15 -2.76 -51.31
C ILE A 106 13.96 -3.33 -50.55
N ALA A 107 12.98 -3.89 -51.25
CA ALA A 107 11.81 -4.34 -50.50
C ALA A 107 12.14 -5.59 -49.70
N VAL A 108 12.95 -6.49 -50.21
CA VAL A 108 13.19 -7.73 -49.49
C VAL A 108 13.90 -7.47 -48.17
N PRO A 109 15.00 -6.75 -48.13
CA PRO A 109 15.59 -6.44 -46.83
C PRO A 109 14.66 -5.61 -45.93
N TYR A 110 13.87 -4.71 -46.50
CA TYR A 110 12.98 -3.90 -45.67
C TYR A 110 11.89 -4.75 -45.04
N CYS A 111 11.31 -5.68 -45.79
CA CYS A 111 10.30 -6.56 -45.24
C CYS A 111 10.89 -7.56 -44.26
N GLN A 112 12.10 -8.06 -44.54
CA GLN A 112 12.77 -8.96 -43.59
C GLN A 112 13.03 -8.27 -42.27
N LEU A 113 13.50 -7.02 -42.32
CA LEU A 113 13.83 -6.29 -41.09
C LEU A 113 12.57 -5.86 -40.35
N SER A 114 11.48 -5.67 -41.09
CA SER A 114 10.22 -5.39 -40.47
C SER A 114 9.68 -6.62 -39.76
N LYS A 115 9.76 -7.79 -40.41
CA LYS A 115 9.30 -9.01 -39.74
C LYS A 115 10.04 -9.21 -38.40
N LYS A 116 11.38 -9.00 -38.42
CA LYS A 116 12.20 -9.21 -37.24
C LYS A 116 11.80 -8.28 -36.11
N LEU A 117 11.56 -7.00 -36.41
CA LEU A 117 11.17 -5.96 -35.46
C LEU A 117 9.67 -5.87 -35.23
N GLU A 118 8.89 -6.71 -35.91
CA GLU A 118 7.43 -6.83 -35.74
C GLU A 118 6.70 -5.50 -35.97
N LEU A 119 7.10 -4.76 -37.01
CA LEU A 119 6.48 -3.52 -37.44
C LEU A 119 6.09 -3.62 -38.93
N PRO A 120 5.16 -2.81 -39.41
CA PRO A 120 4.76 -2.92 -40.82
C PRO A 120 5.82 -2.29 -41.72
N PRO A 121 6.02 -2.80 -42.97
CA PRO A 121 7.05 -2.20 -43.83
C PRO A 121 6.63 -0.83 -44.34
N ILE A 122 6.60 0.18 -43.48
CA ILE A 122 6.28 1.56 -43.87
C ILE A 122 6.75 2.50 -42.77
N LEU A 123 7.03 3.73 -43.15
CA LEU A 123 7.54 4.69 -42.20
C LEU A 123 6.53 4.96 -41.10
N VAL A 124 6.99 4.78 -39.88
CA VAL A 124 6.09 4.71 -38.74
C VAL A 124 6.62 5.67 -37.67
N TYR A 125 5.77 6.03 -36.72
CA TYR A 125 6.19 6.99 -35.69
C TYR A 125 7.47 6.54 -34.94
N ALA A 126 7.60 5.23 -34.64
CA ALA A 126 8.79 4.73 -33.96
C ALA A 126 10.07 4.88 -34.79
N ASP A 127 9.96 5.08 -36.09
CA ASP A 127 11.13 5.34 -36.91
C ASP A 127 11.54 6.81 -36.89
N CYS A 128 10.76 7.67 -37.52
CA CYS A 128 11.18 9.06 -37.76
C CYS A 128 10.85 10.05 -36.63
N VAL A 129 10.32 9.61 -35.50
CA VAL A 129 10.36 10.52 -34.36
C VAL A 129 11.24 9.87 -33.31
N LEU A 130 10.88 8.68 -32.83
CA LEU A 130 11.51 8.09 -31.67
C LEU A 130 12.99 7.71 -31.92
N ALA A 131 13.33 7.29 -33.14
CA ALA A 131 14.69 6.84 -33.43
C ALA A 131 15.46 7.82 -34.32
N ASN A 132 14.96 9.02 -34.50
CA ASN A 132 15.45 9.91 -35.53
C ASN A 132 15.85 11.29 -34.97
N TRP A 133 16.72 11.27 -33.97
CA TRP A 133 17.19 12.49 -33.33
C TRP A 133 18.61 12.27 -32.82
N LYS A 134 19.31 13.37 -32.64
CA LYS A 134 20.60 13.37 -31.99
C LYS A 134 20.68 14.62 -31.11
N LYS A 135 21.50 14.56 -30.05
CA LYS A 135 21.89 15.79 -29.38
C LYS A 135 23.03 16.46 -30.15
N LYS A 136 23.01 17.79 -30.19
CA LYS A 136 24.11 18.53 -30.83
C LYS A 136 25.34 18.51 -29.93
N ASP A 137 25.14 18.78 -28.63
CA ASP A 137 26.18 18.67 -27.61
C ASP A 137 25.58 17.88 -26.46
N PRO A 138 26.16 16.72 -26.08
CA PRO A 138 25.53 15.91 -25.01
C PRO A 138 25.68 16.47 -23.60
N ASN A 139 26.62 17.41 -23.36
CA ASN A 139 26.83 17.99 -22.04
C ASN A 139 25.73 18.97 -21.64
N LYS A 140 24.90 19.40 -22.59
CA LYS A 140 23.72 20.26 -22.40
C LYS A 140 22.40 19.47 -22.53
N PRO A 141 21.21 20.09 -22.15
CA PRO A 141 19.95 19.31 -22.08
C PRO A 141 19.13 19.18 -23.37
N LEU A 142 18.03 18.43 -23.27
CA LEU A 142 17.17 18.09 -24.41
C LEU A 142 16.16 19.22 -24.70
N THR A 143 16.60 20.21 -25.46
CA THR A 143 15.73 21.28 -25.96
C THR A 143 15.92 21.44 -27.47
N TYR A 144 14.95 22.08 -28.12
CA TYR A 144 15.02 22.20 -29.58
C TYR A 144 16.36 22.82 -30.01
N GLU A 145 16.91 23.74 -29.20
CA GLU A 145 18.14 24.45 -29.58
C GLU A 145 19.35 23.54 -29.58
N ASN A 146 19.28 22.43 -28.83
CA ASN A 146 20.37 21.47 -28.70
C ASN A 146 20.05 20.10 -29.32
N MET A 147 19.08 20.01 -30.23
CA MET A 147 18.66 18.73 -30.81
C MET A 147 18.60 18.90 -32.33
N ASP A 148 18.69 17.77 -33.05
CA ASP A 148 18.53 17.78 -34.51
C ASP A 148 18.02 16.41 -34.94
N VAL A 149 17.45 16.34 -36.14
CA VAL A 149 17.03 15.05 -36.69
C VAL A 149 18.15 14.45 -37.53
N LEU A 150 18.03 13.15 -37.76
CA LEU A 150 18.96 12.43 -38.61
C LEU A 150 18.58 12.48 -40.08
N PHE A 151 17.29 12.52 -40.40
CA PHE A 151 16.87 12.49 -41.79
C PHE A 151 15.70 13.43 -42.01
N SER A 152 15.74 14.12 -43.15
CA SER A 152 14.67 14.98 -43.63
C SER A 152 14.26 14.54 -45.02
N PHE A 153 13.19 15.14 -45.56
CA PHE A 153 12.83 14.83 -46.93
C PHE A 153 13.21 15.90 -47.94
N ARG A 154 12.89 17.15 -47.70
CA ARG A 154 13.08 18.20 -48.69
C ARG A 154 13.48 19.46 -47.97
N ASP A 155 14.37 20.23 -48.57
CA ASP A 155 14.66 21.53 -48.02
C ASP A 155 13.34 22.29 -47.87
N GLY A 156 13.07 22.76 -46.65
CA GLY A 156 11.86 23.46 -46.35
C GLY A 156 10.66 22.58 -46.03
N ASP A 157 10.86 21.26 -45.95
CA ASP A 157 9.76 20.39 -45.57
C ASP A 157 9.34 20.58 -44.11
N CYS A 158 10.14 21.30 -43.31
CA CYS A 158 9.91 21.40 -41.88
C CYS A 158 9.96 20.03 -41.21
N SER A 159 10.73 19.10 -41.76
CA SER A 159 11.00 17.85 -41.06
C SER A 159 11.55 18.11 -39.66
N LYS A 160 12.55 19.00 -39.55
CA LYS A 160 13.19 19.21 -38.27
C LYS A 160 12.16 19.56 -37.22
N GLY A 161 11.39 20.63 -37.47
CA GLY A 161 10.46 21.13 -36.46
C GLY A 161 9.38 20.12 -36.10
N PHE A 162 8.73 19.53 -37.11
CA PHE A 162 7.61 18.64 -36.84
C PHE A 162 8.06 17.36 -36.14
N PHE A 163 9.22 16.83 -36.48
CA PHE A 163 9.63 15.61 -35.81
C PHE A 163 10.10 15.88 -34.39
N LEU A 164 10.92 16.93 -34.22
CA LEU A 164 11.50 17.18 -32.90
C LEU A 164 10.48 17.70 -31.90
N VAL A 165 9.56 18.57 -32.32
CA VAL A 165 8.54 19.00 -31.37
C VAL A 165 7.69 17.81 -30.96
N SER A 166 7.41 16.89 -31.92
CA SER A 166 6.70 15.63 -31.62
C SER A 166 7.46 14.83 -30.57
N LEU A 167 8.79 14.71 -30.77
CA LEU A 167 9.62 13.97 -29.83
C LEU A 167 9.68 14.66 -28.46
N LEU A 168 9.66 15.99 -28.43
CA LEU A 168 9.72 16.70 -27.15
C LEU A 168 8.46 16.47 -26.33
N VAL A 169 7.34 16.16 -27.01
CA VAL A 169 6.14 15.79 -26.27
C VAL A 169 6.31 14.43 -25.66
N GLU A 170 6.87 13.49 -26.41
CA GLU A 170 7.14 12.18 -25.83
C GLU A 170 8.08 12.31 -24.62
N ILE A 171 9.03 13.25 -24.68
CA ILE A 171 9.96 13.43 -23.57
C ILE A 171 9.26 14.05 -22.36
N ALA A 172 8.46 15.09 -22.57
CA ALA A 172 7.74 15.62 -21.43
C ALA A 172 6.91 14.54 -20.78
N ALA A 173 6.33 13.66 -21.59
CA ALA A 173 5.49 12.61 -21.07
C ALA A 173 6.28 11.65 -20.22
N ALA A 174 7.54 11.42 -20.56
CA ALA A 174 8.32 10.51 -19.75
C ALA A 174 8.32 10.94 -18.28
N SER A 175 8.23 12.25 -18.04
CA SER A 175 8.21 12.74 -16.65
C SER A 175 7.04 12.14 -15.90
N ALA A 176 5.91 11.95 -16.58
CA ALA A 176 4.73 11.36 -15.98
C ALA A 176 4.75 9.85 -16.04
N ILE A 177 5.24 9.27 -17.13
CA ILE A 177 5.20 7.81 -17.24
C ILE A 177 5.99 7.17 -16.12
N LYS A 178 7.13 7.75 -15.75
CA LYS A 178 7.95 7.17 -14.70
C LYS A 178 7.31 7.22 -13.32
N VAL A 179 6.22 7.98 -13.13
CA VAL A 179 5.51 8.03 -11.86
C VAL A 179 4.60 6.82 -11.65
N ILE A 180 4.38 6.03 -12.70
CA ILE A 180 3.34 5.00 -12.76
C ILE A 180 3.51 3.82 -11.81
N PRO A 181 4.71 3.36 -11.48
CA PRO A 181 4.80 2.36 -10.40
C PRO A 181 4.44 2.92 -9.02
N THR A 182 4.68 4.21 -8.77
CA THR A 182 4.30 4.77 -7.47
C THR A 182 2.82 4.68 -7.24
N VAL A 183 2.01 4.82 -8.30
CA VAL A 183 0.56 4.71 -8.18
C VAL A 183 0.18 3.32 -7.69
N PHE A 184 0.73 2.29 -8.34
CA PHE A 184 0.35 0.92 -8.01
C PHE A 184 0.90 0.46 -6.66
N LYS A 185 2.10 0.94 -6.29
CA LYS A 185 2.66 0.67 -4.96
C LYS A 185 1.81 1.35 -3.90
N ALA A 186 1.47 2.61 -4.13
CA ALA A 186 0.63 3.28 -3.17
C ALA A 186 -0.75 2.65 -3.10
N MET A 187 -1.30 2.14 -4.19
CA MET A 187 -2.55 1.41 -4.03
C MET A 187 -2.32 0.12 -3.25
N GLN A 188 -1.25 -0.60 -3.60
CA GLN A 188 -1.03 -1.88 -2.96
C GLN A 188 -0.90 -1.67 -1.46
N MET A 189 -0.17 -0.63 -1.06
CA MET A 189 0.17 -0.39 0.32
C MET A 189 -0.88 0.42 1.05
N GLN A 190 -2.05 0.60 0.45
CA GLN A 190 -3.03 1.54 0.95
C GLN A 190 -2.32 2.72 1.61
N GLU A 191 -1.46 3.40 0.85
CA GLU A 191 -0.74 4.63 1.24
C GLU A 191 -1.42 5.78 0.50
N ARG A 192 -2.38 6.43 1.15
CA ARG A 192 -3.24 7.40 0.46
C ARG A 192 -2.50 8.70 0.12
N ASP A 193 -1.59 9.17 0.97
CA ASP A 193 -0.94 10.43 0.68
C ASP A 193 0.05 10.29 -0.47
N THR A 194 0.64 9.11 -0.61
CA THR A 194 1.56 8.89 -1.71
C THR A 194 0.85 8.86 -3.07
N LEU A 195 -0.28 8.15 -3.16
CA LEU A 195 -1.01 8.04 -4.41
C LEU A 195 -1.55 9.39 -4.87
N LEU A 196 -2.00 10.21 -3.92
CA LEU A 196 -2.46 11.54 -4.24
C LEU A 196 -1.33 12.38 -4.81
N LYS A 197 -0.18 12.38 -4.16
CA LYS A 197 0.91 13.13 -4.77
C LYS A 197 1.24 12.55 -6.13
N ALA A 198 1.13 11.24 -6.34
CA ALA A 198 1.48 10.68 -7.64
C ALA A 198 0.52 11.14 -8.70
N LEU A 199 -0.75 11.22 -8.37
CA LEU A 199 -1.71 11.71 -9.32
C LEU A 199 -1.51 13.19 -9.58
N LEU A 200 -1.26 13.97 -8.54
CA LEU A 200 -1.05 15.39 -8.82
C LEU A 200 0.20 15.61 -9.66
N GLU A 201 1.22 14.77 -9.46
CA GLU A 201 2.46 14.90 -10.20
C GLU A 201 2.25 14.43 -11.66
N ILE A 202 1.45 13.39 -11.87
CA ILE A 202 1.10 13.01 -13.23
C ILE A 202 0.30 14.12 -13.91
N ALA A 203 -0.72 14.64 -13.23
CA ALA A 203 -1.47 15.75 -13.81
C ALA A 203 -0.53 16.89 -14.19
N SER A 204 0.36 17.27 -13.27
CA SER A 204 1.27 18.37 -13.54
C SER A 204 2.18 18.06 -14.72
N CYS A 205 2.55 16.81 -14.93
CA CYS A 205 3.48 16.54 -16.02
C CYS A 205 2.78 16.54 -17.37
N LEU A 206 1.54 16.04 -17.42
CA LEU A 206 0.71 16.22 -18.60
C LEU A 206 0.38 17.70 -18.87
N GLU A 207 0.26 18.54 -17.83
CA GLU A 207 0.04 19.95 -18.11
C GLU A 207 1.30 20.60 -18.66
N LYS A 208 2.50 20.15 -18.24
CA LYS A 208 3.69 20.71 -18.87
C LYS A 208 3.89 20.11 -20.27
N ALA A 209 3.45 18.86 -20.48
CA ALA A 209 3.49 18.29 -21.82
C ALA A 209 2.61 19.07 -22.79
N LEU A 210 1.44 19.52 -22.34
CA LEU A 210 0.64 20.36 -23.19
C LEU A 210 1.40 21.61 -23.62
N GLN A 211 2.25 22.17 -22.76
CA GLN A 211 2.94 23.41 -23.12
C GLN A 211 3.96 23.18 -24.24
N VAL A 212 4.43 21.96 -24.43
CA VAL A 212 5.36 21.68 -25.52
C VAL A 212 4.66 21.82 -26.87
N PHE A 213 3.42 21.37 -26.97
CA PHE A 213 2.61 21.51 -28.17
C PHE A 213 2.64 22.93 -28.72
N HIS A 214 2.71 23.95 -27.86
CA HIS A 214 2.77 25.33 -28.33
C HIS A 214 3.96 25.61 -29.25
N GLN A 215 5.02 24.77 -29.21
CA GLN A 215 6.24 25.00 -29.98
C GLN A 215 6.08 24.69 -31.47
N ILE A 216 5.08 23.90 -31.84
CA ILE A 216 4.88 23.58 -33.24
C ILE A 216 4.77 24.86 -34.05
N HIS A 217 4.10 25.87 -33.49
CA HIS A 217 3.85 27.07 -34.25
C HIS A 217 5.15 27.78 -34.61
N ASP A 218 6.20 27.58 -33.82
CA ASP A 218 7.43 28.31 -34.09
C ASP A 218 8.40 27.58 -35.03
N HIS A 219 8.16 26.30 -35.33
CA HIS A 219 9.08 25.53 -36.17
C HIS A 219 8.41 24.81 -37.35
N VAL A 220 7.07 24.76 -37.40
CA VAL A 220 6.36 24.15 -38.52
C VAL A 220 5.37 25.15 -39.13
N ASN A 221 5.51 25.34 -40.43
CA ASN A 221 4.69 26.25 -41.23
C ASN A 221 3.55 25.44 -41.84
N PRO A 222 2.29 25.86 -41.70
CA PRO A 222 1.18 25.02 -42.22
C PRO A 222 1.30 24.60 -43.69
N LYS A 223 1.64 25.52 -44.61
CA LYS A 223 1.74 25.17 -46.03
C LYS A 223 2.87 24.18 -46.28
N ALA A 224 4.06 24.44 -45.74
CA ALA A 224 5.18 23.51 -45.96
C ALA A 224 4.79 22.12 -45.49
N PHE A 225 4.07 22.04 -44.37
CA PHE A 225 3.62 20.76 -43.84
C PHE A 225 2.60 20.09 -44.75
N PHE A 226 1.55 20.80 -45.12
CA PHE A 226 0.44 20.11 -45.75
C PHE A 226 0.80 19.67 -47.16
N SER A 227 1.55 20.49 -47.87
CA SER A 227 1.87 20.22 -49.28
C SER A 227 3.21 19.54 -49.52
N VAL A 228 4.06 19.36 -48.50
CA VAL A 228 5.36 18.72 -48.70
C VAL A 228 5.55 17.53 -47.76
N LEU A 229 5.67 17.83 -46.46
CA LEU A 229 5.99 16.80 -45.47
C LEU A 229 4.91 15.75 -45.43
N ARG A 230 3.66 16.17 -45.41
CA ARG A 230 2.57 15.21 -45.36
C ARG A 230 2.50 14.33 -46.61
N ILE A 231 3.08 14.72 -47.77
CA ILE A 231 3.05 13.73 -48.85
C ILE A 231 4.05 12.61 -48.56
N TYR A 232 5.16 12.90 -47.88
CA TYR A 232 6.09 11.80 -47.64
C TYR A 232 5.72 11.00 -46.40
N LEU A 233 4.76 11.46 -45.60
CA LEU A 233 4.20 10.63 -44.54
C LEU A 233 2.92 9.93 -44.95
N SER A 234 2.46 10.14 -46.18
CA SER A 234 1.24 9.48 -46.65
C SER A 234 1.48 8.00 -46.92
N GLY A 235 0.52 7.19 -46.52
CA GLY A 235 0.55 5.76 -46.75
C GLY A 235 -0.25 5.26 -47.94
N TRP A 236 -0.56 3.98 -47.91
CA TRP A 236 -1.28 3.32 -48.98
C TRP A 236 -2.24 2.28 -48.42
N LYS A 237 -3.05 2.71 -47.47
CA LYS A 237 -4.23 1.97 -47.03
C LYS A 237 -5.38 2.92 -47.22
N GLY A 238 -6.32 2.56 -48.09
CA GLY A 238 -7.39 3.51 -48.35
C GLY A 238 -6.92 4.78 -49.02
N ASN A 239 -5.91 4.69 -49.91
CA ASN A 239 -5.35 5.79 -50.72
C ASN A 239 -5.78 5.64 -52.18
N PRO A 240 -6.45 6.60 -52.76
CA PRO A 240 -6.87 6.44 -54.16
C PRO A 240 -5.71 6.34 -55.13
N GLN A 241 -4.55 6.91 -54.79
CA GLN A 241 -3.44 6.89 -55.72
C GLN A 241 -2.77 5.53 -55.80
N LEU A 242 -2.95 4.68 -54.77
CA LEU A 242 -2.54 3.29 -54.77
C LEU A 242 -3.72 2.47 -54.24
N SER A 243 -4.75 2.36 -55.07
CA SER A 243 -6.02 1.79 -54.62
C SER A 243 -5.84 0.45 -53.92
N ASP A 244 -4.89 -0.35 -54.37
CA ASP A 244 -4.74 -1.72 -53.93
C ASP A 244 -3.56 -1.93 -53.00
N GLY A 245 -2.81 -0.88 -52.72
CA GLY A 245 -1.63 -0.99 -51.94
C GLY A 245 -0.34 -0.96 -52.74
N LEU A 246 0.72 -1.35 -52.06
CA LEU A 246 2.05 -1.33 -52.61
C LEU A 246 2.50 -2.74 -52.79
N VAL A 247 3.14 -3.00 -53.91
CA VAL A 247 3.72 -4.30 -54.21
C VAL A 247 5.14 -4.30 -53.72
N TYR A 248 5.45 -5.23 -52.82
CA TYR A 248 6.81 -5.40 -52.31
C TYR A 248 7.47 -6.50 -53.17
N GLU A 249 8.11 -6.09 -54.26
CA GLU A 249 8.64 -7.02 -55.25
C GLU A 249 9.56 -8.05 -54.57
N GLY A 250 9.30 -9.33 -54.82
CA GLY A 250 10.09 -10.39 -54.27
C GLY A 250 9.72 -10.83 -52.87
N PHE A 251 8.83 -10.12 -52.20
CA PHE A 251 8.44 -10.53 -50.86
C PHE A 251 7.01 -11.01 -50.75
N TRP A 252 6.06 -10.31 -51.39
CA TRP A 252 4.70 -10.78 -51.58
C TRP A 252 4.32 -10.63 -53.04
N GLU A 253 3.66 -11.64 -53.61
CA GLU A 253 3.27 -11.47 -55.01
C GLU A 253 2.12 -10.48 -55.07
N ASP A 254 1.26 -10.37 -53.88
CA ASP A 254 0.07 -9.54 -53.77
C ASP A 254 0.40 -8.15 -53.21
N PRO A 255 -0.26 -7.08 -53.70
CA PRO A 255 -0.05 -5.75 -53.10
C PRO A 255 -0.66 -5.68 -51.72
N LYS A 256 -0.03 -4.90 -50.83
CA LYS A 256 -0.43 -4.81 -49.43
C LYS A 256 -0.69 -3.37 -49.05
N GLU A 257 -1.76 -3.16 -48.28
CA GLU A 257 -2.09 -1.84 -47.75
C GLU A 257 -1.51 -1.64 -46.33
N PHE A 258 -0.94 -0.46 -46.07
CA PHE A 258 -0.55 -0.01 -44.72
C PHE A 258 -0.74 1.49 -44.71
N ALA A 259 -1.14 1.97 -43.52
CA ALA A 259 -1.34 3.38 -43.23
C ALA A 259 -0.03 4.10 -43.00
N GLY A 260 -0.07 5.42 -43.16
CA GLY A 260 1.01 6.29 -42.79
C GLY A 260 0.77 7.05 -41.49
N GLY A 261 1.74 7.89 -41.14
CA GLY A 261 1.53 9.07 -40.29
C GLY A 261 0.75 8.83 -39.03
N SER A 262 0.05 9.88 -38.64
CA SER A 262 -0.89 9.88 -37.51
C SER A 262 -0.19 10.09 -36.16
N ALA A 263 -0.61 11.14 -35.47
CA ALA A 263 -0.28 11.26 -34.05
C ALA A 263 -0.74 10.04 -33.26
N GLY A 264 -1.61 9.22 -33.86
CA GLY A 264 -2.14 8.07 -33.17
C GLY A 264 -1.13 6.99 -32.92
N GLN A 265 0.02 7.04 -33.62
CA GLN A 265 1.16 6.13 -33.46
C GLN A 265 1.94 6.43 -32.19
N SER A 266 1.80 7.59 -31.60
CA SER A 266 2.32 7.72 -30.25
C SER A 266 1.60 6.78 -29.33
N SER A 267 2.37 6.30 -28.35
CA SER A 267 1.80 5.51 -27.28
C SER A 267 1.32 6.38 -26.16
N VAL A 268 1.64 7.67 -26.19
CA VAL A 268 1.39 8.51 -25.00
C VAL A 268 -0.11 8.58 -24.71
N PHE A 269 -0.92 8.94 -25.69
CA PHE A 269 -2.32 9.14 -25.37
C PHE A 269 -2.93 7.83 -24.91
N GLN A 270 -2.68 6.73 -25.61
CA GLN A 270 -3.34 5.50 -25.17
C GLN A 270 -2.80 5.06 -23.81
N CYS A 271 -1.52 5.30 -23.54
CA CYS A 271 -0.93 4.96 -22.24
C CYS A 271 -1.75 5.55 -21.11
N PHE A 272 -2.09 6.84 -21.20
CA PHE A 272 -2.84 7.38 -20.09
C PHE A 272 -4.33 7.05 -20.16
N ASP A 273 -4.88 6.64 -21.29
CA ASP A 273 -6.23 6.08 -21.26
C ASP A 273 -6.28 4.84 -20.38
N VAL A 274 -5.34 3.89 -20.59
CA VAL A 274 -5.39 2.61 -19.87
C VAL A 274 -5.26 2.85 -18.36
N LEU A 275 -4.28 3.70 -17.99
CA LEU A 275 -3.99 4.00 -16.60
C LEU A 275 -5.24 4.48 -15.89
N LEU A 276 -5.84 5.52 -16.46
CA LEU A 276 -7.03 6.17 -15.90
C LEU A 276 -8.31 5.37 -16.10
N GLY A 277 -8.25 4.22 -16.76
CA GLY A 277 -9.41 3.37 -16.88
C GLY A 277 -10.46 3.97 -17.78
N ILE A 278 -10.03 4.78 -18.75
CA ILE A 278 -10.91 5.40 -19.71
C ILE A 278 -11.15 4.42 -20.85
N GLN A 279 -12.40 4.00 -21.03
CA GLN A 279 -12.74 2.97 -22.02
C GLN A 279 -13.09 3.64 -23.36
N GLN A 280 -12.18 3.50 -24.33
CA GLN A 280 -12.21 4.11 -25.68
C GLN A 280 -12.19 5.66 -25.60
N GLY A 284 -16.20 3.86 -26.49
CA GLY A 284 -17.58 3.75 -26.95
C GLY A 284 -17.83 4.14 -28.42
N GLY A 285 -18.29 3.17 -29.24
CA GLY A 285 -18.76 3.43 -30.60
C GLY A 285 -18.46 2.41 -31.69
N HIS A 286 -17.29 1.75 -31.61
CA HIS A 286 -16.55 1.13 -32.72
C HIS A 286 -15.21 1.84 -32.90
N ALA A 287 -14.95 2.84 -32.06
CA ALA A 287 -13.66 3.53 -32.05
C ALA A 287 -12.57 2.60 -31.54
N ALA A 288 -12.96 1.58 -30.79
CA ALA A 288 -12.01 0.58 -30.33
C ALA A 288 -11.24 -0.01 -31.47
N GLN A 289 -11.88 -0.20 -32.61
CA GLN A 289 -11.16 -0.78 -33.74
C GLN A 289 -10.00 0.12 -34.16
N PHE A 290 -10.21 1.44 -34.22
CA PHE A 290 -9.15 2.31 -34.75
C PHE A 290 -8.00 2.36 -33.76
N LEU A 291 -8.30 2.50 -32.47
CA LEU A 291 -7.24 2.55 -31.45
C LEU A 291 -6.49 1.21 -31.37
N GLN A 292 -7.21 0.10 -31.62
CA GLN A 292 -6.59 -1.22 -31.65
C GLN A 292 -5.59 -1.33 -32.80
N ASP A 293 -5.95 -0.80 -33.98
CA ASP A 293 -5.08 -0.80 -35.13
C ASP A 293 -3.89 0.14 -34.94
N MET A 294 -4.09 1.28 -34.31
CA MET A 294 -2.94 2.12 -33.97
C MET A 294 -1.86 1.33 -33.16
N ARG A 295 -2.26 0.39 -32.28
CA ARG A 295 -1.24 -0.38 -31.58
C ARG A 295 -0.38 -1.17 -32.57
N ARG A 296 -0.95 -1.62 -33.70
CA ARG A 296 -0.17 -2.42 -34.64
C ARG A 296 1.04 -1.64 -35.18
N TYR A 297 0.87 -0.33 -35.42
CA TYR A 297 1.96 0.51 -35.87
C TYR A 297 2.94 0.89 -34.77
N MET A 298 2.76 0.38 -33.45
CA MET A 298 3.69 0.66 -32.36
C MET A 298 4.72 -0.48 -32.18
N PRO A 299 5.89 -0.21 -31.61
CA PRO A 299 6.85 -1.28 -31.37
C PRO A 299 6.28 -2.37 -30.49
N PRO A 300 6.70 -3.61 -30.69
CA PRO A 300 6.09 -4.68 -29.90
C PRO A 300 6.27 -4.50 -28.40
N ALA A 301 7.41 -3.99 -27.93
CA ALA A 301 7.61 -3.77 -26.49
C ALA A 301 6.61 -2.76 -25.94
N HIS A 302 6.35 -1.70 -26.68
CA HIS A 302 5.44 -0.69 -26.21
C HIS A 302 4.01 -1.21 -26.21
N ARG A 303 3.66 -2.07 -27.17
CA ARG A 303 2.34 -2.67 -27.10
C ARG A 303 2.28 -3.71 -25.98
N ASN A 304 3.38 -4.42 -25.70
CA ASN A 304 3.38 -5.29 -24.52
C ASN A 304 3.24 -4.48 -23.25
N PHE A 305 3.71 -3.24 -23.26
CA PHE A 305 3.57 -2.41 -22.06
C PHE A 305 2.14 -1.98 -21.87
N LEU A 306 1.50 -1.51 -22.95
CA LEU A 306 0.10 -1.11 -22.79
C LEU A 306 -0.75 -2.30 -22.35
N CYS A 307 -0.34 -3.53 -22.63
CA CYS A 307 -1.12 -4.66 -22.11
C CYS A 307 -0.77 -4.96 -20.66
N SER A 308 0.51 -4.87 -20.27
CA SER A 308 0.86 -5.06 -18.87
C SER A 308 0.10 -4.06 -18.00
N LEU A 309 -0.21 -2.87 -18.54
CA LEU A 309 -1.03 -1.89 -17.83
C LEU A 309 -2.47 -2.35 -17.59
N GLU A 310 -3.21 -2.81 -18.63
CA GLU A 310 -4.54 -3.31 -18.33
C GLU A 310 -4.55 -4.46 -17.31
N SER A 311 -3.42 -5.14 -17.08
CA SER A 311 -3.36 -6.23 -16.10
C SER A 311 -3.19 -5.75 -14.66
N ASN A 312 -2.90 -4.45 -14.44
CA ASN A 312 -2.80 -3.93 -13.09
C ASN A 312 -4.18 -3.57 -12.54
N PRO A 313 -4.34 -3.56 -11.21
CA PRO A 313 -5.62 -3.15 -10.62
C PRO A 313 -6.02 -1.78 -11.12
N SER A 314 -7.33 -1.61 -11.22
CA SER A 314 -7.89 -0.38 -11.75
C SER A 314 -7.67 0.75 -10.76
N VAL A 315 -6.92 1.76 -11.18
CA VAL A 315 -6.86 3.03 -10.45
C VAL A 315 -8.24 3.68 -10.37
N ARG A 316 -9.07 3.55 -11.42
CA ARG A 316 -10.43 4.09 -11.32
C ARG A 316 -11.26 3.37 -10.24
N GLU A 317 -11.28 2.04 -10.24
CA GLU A 317 -12.03 1.34 -9.18
C GLU A 317 -11.49 1.70 -7.80
N PHE A 318 -10.19 2.04 -7.70
CA PHE A 318 -9.57 2.34 -6.40
C PHE A 318 -10.02 3.71 -5.86
N VAL A 319 -10.03 4.73 -6.72
CA VAL A 319 -10.39 6.08 -6.29
C VAL A 319 -11.87 6.17 -5.96
N LEU A 320 -12.71 5.47 -6.72
CA LEU A 320 -14.12 5.48 -6.42
C LEU A 320 -14.42 4.76 -5.10
N SER A 321 -13.75 3.63 -4.86
CA SER A 321 -14.00 2.82 -3.67
C SER A 321 -13.62 3.50 -2.34
N LYS A 322 -12.75 4.52 -2.34
CA LYS A 322 -12.34 5.11 -1.08
C LYS A 322 -13.33 6.14 -0.55
N GLY A 323 -14.14 6.76 -1.42
CA GLY A 323 -14.98 7.87 -0.98
C GLY A 323 -14.24 9.16 -0.67
N ASP A 324 -12.94 9.22 -0.94
CA ASP A 324 -12.03 10.31 -0.57
C ASP A 324 -12.02 11.37 -1.68
N ALA A 325 -12.33 12.61 -1.34
CA ALA A 325 -12.49 13.65 -2.35
C ALA A 325 -11.17 14.23 -2.86
N GLY A 326 -10.11 14.22 -2.05
CA GLY A 326 -8.83 14.65 -2.58
C GLY A 326 -8.39 13.77 -3.73
N LEU A 327 -8.53 12.45 -3.57
CA LEU A 327 -8.13 11.53 -4.62
C LEU A 327 -8.98 11.71 -5.88
N ARG A 328 -10.28 11.92 -5.70
CA ARG A 328 -11.12 12.16 -6.86
C ARG A 328 -10.65 13.39 -7.58
N GLU A 329 -10.32 14.45 -6.84
CA GLU A 329 -9.89 15.67 -7.50
C GLU A 329 -8.55 15.46 -8.22
N ALA A 330 -7.66 14.62 -7.70
CA ALA A 330 -6.39 14.42 -8.39
C ALA A 330 -6.55 13.51 -9.62
N TYR A 331 -7.39 12.47 -9.51
CA TYR A 331 -7.74 11.69 -10.69
C TYR A 331 -8.37 12.58 -11.78
N ASP A 332 -9.33 13.45 -11.40
CA ASP A 332 -9.90 14.36 -12.40
C ASP A 332 -8.85 15.30 -13.01
N ALA A 333 -7.84 15.73 -12.23
CA ALA A 333 -6.81 16.61 -12.80
C ALA A 333 -6.07 15.95 -13.95
N CYS A 334 -5.86 14.63 -13.85
CA CYS A 334 -5.22 13.90 -14.92
C CYS A 334 -6.14 13.79 -16.13
N VAL A 335 -7.38 13.36 -15.90
CA VAL A 335 -8.32 13.23 -17.00
C VAL A 335 -8.51 14.57 -17.70
N LYS A 336 -8.66 15.67 -16.95
CA LYS A 336 -8.76 16.97 -17.61
C LYS A 336 -7.48 17.28 -18.41
N ALA A 337 -6.30 17.01 -17.85
CA ALA A 337 -5.11 17.28 -18.63
C ALA A 337 -5.12 16.44 -19.91
N LEU A 338 -5.69 15.26 -19.85
CA LEU A 338 -5.83 14.49 -21.07
C LEU A 338 -6.86 15.11 -22.03
N VAL A 339 -8.03 15.62 -21.56
CA VAL A 339 -8.89 16.26 -22.57
C VAL A 339 -8.15 17.45 -23.17
N SER A 340 -7.38 18.19 -22.37
CA SER A 340 -6.66 19.34 -22.93
C SER A 340 -5.72 18.89 -24.05
N LEU A 341 -4.98 17.79 -23.86
CA LEU A 341 -4.07 17.39 -24.92
C LEU A 341 -4.84 17.11 -26.21
N ARG A 342 -5.98 16.42 -26.08
CA ARG A 342 -6.78 16.03 -27.24
C ARG A 342 -7.41 17.25 -27.89
N SER A 343 -7.74 18.26 -27.10
CA SER A 343 -8.22 19.51 -27.65
C SER A 343 -7.10 20.20 -28.44
N TYR A 344 -5.92 20.33 -27.84
CA TYR A 344 -4.87 21.04 -28.56
C TYR A 344 -4.41 20.26 -29.81
N HIS A 345 -4.39 18.92 -29.75
CA HIS A 345 -4.31 18.09 -30.94
C HIS A 345 -5.28 18.61 -32.00
N LEU A 346 -6.59 18.51 -31.69
CA LEU A 346 -7.66 18.93 -32.59
C LEU A 346 -7.37 20.30 -33.19
N GLN A 347 -6.92 21.23 -32.35
CA GLN A 347 -6.62 22.57 -32.82
C GLN A 347 -5.46 22.56 -33.77
N ILE A 348 -4.53 21.62 -33.60
CA ILE A 348 -3.44 21.54 -34.56
C ILE A 348 -3.94 21.03 -35.90
N VAL A 349 -4.81 20.01 -35.87
CA VAL A 349 -5.43 19.55 -37.09
C VAL A 349 -6.15 20.71 -37.80
N THR A 350 -6.76 21.63 -37.07
CA THR A 350 -7.43 22.73 -37.78
C THR A 350 -6.40 23.59 -38.53
N LYS A 351 -5.32 23.98 -37.85
CA LYS A 351 -4.36 24.90 -38.44
C LYS A 351 -3.54 24.27 -39.57
N TYR A 352 -3.13 23.01 -39.39
CA TYR A 352 -2.09 22.39 -40.21
C TYR A 352 -2.61 21.42 -41.25
N ILE A 353 -3.92 21.10 -41.25
CA ILE A 353 -4.56 20.22 -42.22
C ILE A 353 -5.86 20.84 -42.75
N LEU A 354 -6.83 21.14 -41.88
CA LEU A 354 -8.15 21.58 -42.31
C LEU A 354 -8.09 22.85 -43.15
N ILE A 355 -7.39 23.87 -42.66
CA ILE A 355 -7.32 25.16 -43.33
C ILE A 355 -6.51 25.03 -44.62
N PRO A 356 -5.33 24.40 -44.58
CA PRO A 356 -4.59 24.17 -45.82
C PRO A 356 -5.33 23.29 -46.82
N ALA A 357 -6.16 22.38 -46.36
CA ALA A 357 -6.94 21.59 -47.30
C ALA A 357 -7.96 22.44 -48.05
N SER A 358 -8.44 23.52 -47.45
CA SER A 358 -9.35 24.43 -48.11
C SER A 358 -8.63 25.42 -49.09
N GLN A 359 -7.36 25.22 -49.38
CA GLN A 359 -6.65 26.15 -50.27
C GLN A 359 -6.12 25.47 -51.56
N ASP A 382 -13.97 14.56 -41.06
CA ASP A 382 -13.49 13.18 -41.26
C ASP A 382 -12.66 12.64 -40.05
N LEU A 383 -11.37 12.99 -40.05
CA LEU A 383 -10.54 12.65 -38.91
C LEU A 383 -10.96 13.46 -37.71
N MET A 384 -11.52 14.65 -37.94
CA MET A 384 -11.92 15.49 -36.82
C MET A 384 -13.16 14.94 -36.10
N ASN A 385 -14.09 14.34 -36.82
CA ASN A 385 -15.22 13.73 -36.13
C ASN A 385 -14.76 12.63 -35.19
N PHE A 386 -13.86 11.75 -35.63
CA PHE A 386 -13.39 10.67 -34.78
C PHE A 386 -12.70 11.23 -33.54
N LEU A 387 -11.91 12.28 -33.70
CA LEU A 387 -11.14 12.82 -32.60
C LEU A 387 -12.06 13.45 -31.57
N LYS A 388 -13.09 14.16 -32.05
CA LYS A 388 -14.06 14.77 -31.16
C LYS A 388 -14.74 13.72 -30.28
N THR A 389 -15.09 12.58 -30.87
CA THR A 389 -15.68 11.49 -30.11
C THR A 389 -14.79 10.98 -28.99
N VAL A 390 -13.50 10.78 -29.26
CA VAL A 390 -12.62 10.32 -28.20
C VAL A 390 -12.52 11.35 -27.07
N ARG A 391 -12.43 12.64 -27.43
CA ARG A 391 -12.39 13.67 -26.41
C ARG A 391 -13.65 13.67 -25.56
N SER A 392 -14.82 13.50 -26.19
CA SER A 392 -16.04 13.44 -25.41
C SER A 392 -15.96 12.29 -24.43
N THR A 393 -15.45 11.14 -24.86
CA THR A 393 -15.37 10.00 -23.95
C THR A 393 -14.39 10.26 -22.81
N THR A 394 -13.35 11.03 -23.06
CA THR A 394 -12.47 11.37 -21.97
C THR A 394 -13.17 12.27 -20.96
N GLU A 395 -13.81 13.35 -21.45
CA GLU A 395 -14.44 14.29 -20.55
C GLU A 395 -15.53 13.60 -19.73
N LYS A 396 -16.24 12.65 -20.32
CA LYS A 396 -17.32 11.97 -19.60
C LYS A 396 -16.79 11.02 -18.54
N SER A 397 -15.47 10.86 -18.48
CA SER A 397 -14.84 10.01 -17.49
C SER A 397 -14.47 10.76 -16.21
N LEU A 398 -14.86 12.04 -16.10
CA LEU A 398 -14.67 12.80 -14.88
C LEU A 398 -15.63 12.33 -13.80
N LEU A 399 -15.22 12.53 -12.55
CA LEU A 399 -15.90 12.01 -11.38
C LEU A 399 -16.81 13.03 -10.73
N LYS A 400 -16.32 14.24 -10.43
CA LYS A 400 -17.12 15.29 -9.80
C LYS A 400 -17.26 16.48 -10.73
N THR B 9 4.81 -20.13 -37.70
CA THR B 9 3.82 -19.54 -36.79
C THR B 9 3.11 -20.58 -35.89
N ILE B 10 3.10 -20.32 -34.58
CA ILE B 10 2.35 -21.13 -33.61
C ILE B 10 2.54 -20.58 -32.18
N SER B 11 3.78 -20.19 -31.84
CA SER B 11 4.07 -19.42 -30.62
C SER B 11 4.29 -20.31 -29.39
N LYS B 12 5.33 -20.01 -28.59
CA LYS B 12 5.69 -20.79 -27.38
C LYS B 12 5.73 -19.94 -26.12
N GLU B 13 5.95 -18.64 -26.25
CA GLU B 13 6.00 -17.76 -25.08
C GLU B 13 4.65 -17.77 -24.36
N TYR B 14 3.59 -18.20 -25.04
CA TYR B 14 2.21 -18.03 -24.61
C TYR B 14 1.60 -19.30 -24.00
N HIS B 15 2.36 -20.41 -23.96
CA HIS B 15 2.01 -21.65 -23.25
C HIS B 15 0.65 -22.21 -23.63
N ILE B 16 0.44 -22.34 -24.94
CA ILE B 16 -0.77 -22.89 -25.49
C ILE B 16 -0.38 -24.25 -26.05
N ASP B 17 -1.04 -25.30 -25.53
CA ASP B 17 -0.76 -26.67 -25.92
C ASP B 17 -1.65 -27.08 -27.10
N GLU B 18 -1.09 -27.86 -28.02
CA GLU B 18 -1.82 -28.30 -29.21
C GLU B 18 -2.91 -29.30 -28.84
N GLU B 19 -2.74 -30.02 -27.71
CA GLU B 19 -3.65 -31.04 -27.22
C GLU B 19 -4.64 -30.50 -26.18
N VAL B 20 -4.17 -29.73 -25.19
CA VAL B 20 -5.00 -29.34 -24.05
C VAL B 20 -5.21 -27.84 -23.98
N GLY B 21 -4.64 -27.09 -24.92
CA GLY B 21 -4.99 -25.71 -25.02
C GLY B 21 -4.38 -24.90 -23.89
N PHE B 22 -5.25 -24.12 -23.23
CA PHE B 22 -4.84 -23.28 -22.11
C PHE B 22 -4.49 -24.08 -20.87
N ALA B 23 -4.87 -25.34 -20.80
CA ALA B 23 -4.53 -26.12 -19.63
C ALA B 23 -3.03 -26.39 -19.56
N LEU B 24 -2.62 -26.78 -18.36
CA LEU B 24 -1.26 -27.20 -18.11
C LEU B 24 -1.12 -28.66 -18.51
N PRO B 25 -0.22 -29.00 -19.41
CA PRO B 25 -0.09 -30.43 -19.76
C PRO B 25 0.64 -31.17 -18.63
N ASN B 26 0.19 -32.37 -18.34
CA ASN B 26 0.80 -33.26 -17.34
C ASN B 26 1.15 -32.51 -16.06
N PRO B 27 0.16 -32.02 -15.32
CA PRO B 27 0.47 -31.23 -14.11
C PRO B 27 1.21 -32.09 -13.12
N GLN B 28 2.14 -31.47 -12.40
CA GLN B 28 2.79 -32.14 -11.29
C GLN B 28 1.78 -32.53 -10.23
N GLU B 29 2.00 -33.69 -9.63
CA GLU B 29 1.16 -34.22 -8.57
C GLU B 29 1.81 -34.19 -7.18
N ASN B 30 3.13 -34.05 -7.11
CA ASN B 30 3.87 -34.11 -5.86
C ASN B 30 4.85 -32.96 -5.76
N LEU B 31 5.06 -32.48 -4.53
CA LEU B 31 6.04 -31.45 -4.22
C LEU B 31 7.26 -32.05 -3.54
N PRO B 32 8.34 -31.34 -3.48
CA PRO B 32 9.44 -31.77 -2.63
C PRO B 32 9.03 -32.19 -1.21
N ASP B 33 9.85 -33.06 -0.59
CA ASP B 33 9.71 -33.50 0.80
C ASP B 33 9.39 -32.28 1.65
N PHE B 34 10.06 -31.19 1.34
CA PHE B 34 10.03 -29.98 2.17
C PHE B 34 8.61 -29.46 2.39
N TYR B 35 7.69 -29.76 1.48
CA TYR B 35 6.34 -29.24 1.58
C TYR B 35 5.30 -30.32 1.87
N ASN B 36 5.70 -31.38 2.55
CA ASN B 36 4.75 -32.42 2.90
C ASN B 36 3.59 -31.90 3.74
N ASP B 37 3.89 -30.96 4.66
CA ASP B 37 2.87 -30.43 5.56
C ASP B 37 1.73 -29.79 4.77
N TRP B 38 2.08 -29.03 3.74
CA TRP B 38 1.08 -28.52 2.84
C TRP B 38 0.32 -29.66 2.16
N MET B 39 1.07 -30.54 1.49
CA MET B 39 0.46 -31.60 0.70
C MET B 39 -0.39 -32.52 1.53
N PHE B 40 -0.05 -32.71 2.81
CA PHE B 40 -0.88 -33.54 3.66
C PHE B 40 -2.22 -32.87 3.95
N ILE B 41 -2.21 -31.59 4.29
CA ILE B 41 -3.47 -30.92 4.56
C ILE B 41 -4.33 -30.89 3.30
N ALA B 42 -3.74 -30.49 2.17
CA ALA B 42 -4.50 -30.40 0.94
C ALA B 42 -5.09 -31.75 0.55
N LYS B 43 -4.31 -32.83 0.72
CA LYS B 43 -4.78 -34.15 0.33
C LYS B 43 -5.82 -34.72 1.27
N HIS B 44 -6.06 -34.07 2.40
CA HIS B 44 -7.02 -34.57 3.37
C HIS B 44 -8.15 -33.58 3.63
N LEU B 45 -8.40 -32.63 2.73
CA LEU B 45 -9.45 -31.66 3.00
C LEU B 45 -10.79 -32.34 3.28
N PRO B 46 -11.20 -33.38 2.55
CA PRO B 46 -12.47 -34.03 2.89
C PRO B 46 -12.54 -34.51 4.34
N ASP B 47 -11.64 -35.37 4.82
CA ASP B 47 -11.78 -35.84 6.19
C ASP B 47 -11.66 -34.67 7.16
N LEU B 48 -10.82 -33.70 6.83
CA LEU B 48 -10.47 -32.61 7.73
C LEU B 48 -11.52 -31.51 7.83
N ILE B 49 -12.28 -31.24 6.78
CA ILE B 49 -13.39 -30.30 6.91
C ILE B 49 -14.53 -30.93 7.67
N GLU B 50 -14.88 -32.18 7.33
CA GLU B 50 -16.05 -32.77 7.98
C GLU B 50 -15.83 -32.90 9.48
N SER B 51 -14.58 -33.07 9.92
CA SER B 51 -14.29 -33.19 11.35
C SER B 51 -13.93 -31.88 11.99
N GLY B 52 -13.75 -30.82 11.23
CA GLY B 52 -13.34 -29.58 11.82
C GLY B 52 -11.89 -29.50 12.23
N GLN B 53 -11.09 -30.53 11.98
CA GLN B 53 -9.68 -30.48 12.37
C GLN B 53 -8.82 -29.64 11.43
N LEU B 54 -9.33 -29.23 10.25
CA LEU B 54 -8.52 -28.52 9.26
C LEU B 54 -7.97 -27.20 9.82
N ARG B 55 -8.79 -26.40 10.48
CA ARG B 55 -8.24 -25.11 10.91
C ARG B 55 -7.14 -25.26 11.97
N GLU B 56 -7.23 -26.29 12.81
CA GLU B 56 -6.16 -26.47 13.77
C GLU B 56 -4.84 -26.87 13.10
N ARG B 57 -4.89 -27.71 12.05
CA ARG B 57 -3.70 -28.07 11.27
C ARG B 57 -3.14 -26.91 10.46
N VAL B 58 -3.94 -25.90 10.15
CA VAL B 58 -3.35 -24.78 9.45
C VAL B 58 -2.80 -23.79 10.44
N GLU B 59 -3.41 -23.69 11.64
CA GLU B 59 -2.91 -22.73 12.61
C GLU B 59 -1.62 -23.20 13.27
N LYS B 60 -1.36 -24.51 13.38
CA LYS B 60 -0.09 -24.95 13.94
C LYS B 60 0.95 -25.27 12.86
N LEU B 61 0.91 -24.58 11.74
CA LEU B 61 1.71 -24.89 10.56
C LEU B 61 2.89 -23.95 10.47
N ASN B 62 4.06 -24.50 10.17
CA ASN B 62 5.24 -23.69 10.05
C ASN B 62 5.34 -22.95 8.73
N MET B 63 6.21 -21.95 8.75
CA MET B 63 6.45 -21.15 7.57
C MET B 63 7.48 -21.86 6.72
N LEU B 64 7.10 -22.18 5.49
CA LEU B 64 7.99 -22.88 4.58
C LEU B 64 8.41 -21.87 3.55
N SER B 65 9.71 -21.83 3.24
CA SER B 65 10.15 -20.98 2.15
C SER B 65 9.66 -21.53 0.83
N ILE B 66 9.29 -20.64 -0.10
CA ILE B 66 8.95 -21.16 -1.43
C ILE B 66 10.18 -21.31 -2.31
N ASP B 67 11.38 -21.06 -1.78
CA ASP B 67 12.60 -21.08 -2.58
C ASP B 67 12.92 -22.47 -3.16
N HIS B 68 12.33 -23.54 -2.62
CA HIS B 68 12.56 -24.90 -3.11
C HIS B 68 11.55 -25.35 -4.17
N LEU B 69 10.76 -24.44 -4.71
CA LEU B 69 9.90 -24.70 -5.86
C LEU B 69 10.57 -24.12 -7.11
N THR B 70 11.27 -24.96 -7.88
CA THR B 70 12.24 -24.45 -8.85
C THR B 70 11.71 -24.38 -10.28
N ASP B 71 10.73 -25.22 -10.63
CA ASP B 71 10.15 -25.24 -11.96
C ASP B 71 8.72 -24.70 -11.89
N HIS B 72 8.15 -24.47 -13.06
CA HIS B 72 6.83 -23.88 -13.15
C HIS B 72 5.75 -24.83 -12.65
N LYS B 73 5.81 -26.09 -13.09
CA LYS B 73 4.78 -27.02 -12.66
C LYS B 73 4.81 -27.18 -11.14
N SER B 74 6.01 -27.20 -10.55
CA SER B 74 6.11 -27.29 -9.11
C SER B 74 5.40 -26.09 -8.47
N GLN B 75 5.61 -24.90 -9.04
CA GLN B 75 4.97 -23.69 -8.49
C GLN B 75 3.46 -23.68 -8.76
N ARG B 76 3.04 -24.22 -9.91
CA ARG B 76 1.62 -24.28 -10.16
C ARG B 76 0.95 -25.22 -9.20
N LEU B 77 1.60 -26.33 -8.90
CA LEU B 77 1.01 -27.29 -7.96
C LEU B 77 0.88 -26.69 -6.58
N ALA B 78 1.88 -25.92 -6.17
CA ALA B 78 1.85 -25.34 -4.85
C ALA B 78 0.71 -24.35 -4.71
N ARG B 79 0.52 -23.43 -5.65
CA ARG B 79 -0.60 -22.54 -5.38
C ARG B 79 -1.91 -23.31 -5.44
N LEU B 80 -2.00 -24.37 -6.19
CA LEU B 80 -3.24 -25.15 -6.12
C LEU B 80 -3.41 -25.76 -4.73
N VAL B 81 -2.32 -26.23 -4.13
CA VAL B 81 -2.36 -26.77 -2.78
C VAL B 81 -2.76 -25.72 -1.77
N LEU B 82 -2.09 -24.56 -1.78
CA LEU B 82 -2.33 -23.56 -0.76
C LEU B 82 -3.66 -22.89 -0.90
N GLY B 83 -4.13 -22.73 -2.14
CA GLY B 83 -5.44 -22.14 -2.38
C GLY B 83 -6.56 -23.04 -1.94
N CYS B 84 -6.47 -24.34 -2.19
CA CYS B 84 -7.47 -25.21 -1.62
C CYS B 84 -7.45 -25.13 -0.12
N ILE B 85 -6.27 -25.06 0.45
CA ILE B 85 -6.21 -24.97 1.90
C ILE B 85 -6.83 -23.67 2.35
N THR B 86 -6.53 -22.58 1.62
CA THR B 86 -7.08 -21.28 1.95
C THR B 86 -8.61 -21.24 1.84
N MET B 87 -9.18 -21.75 0.75
CA MET B 87 -10.63 -21.63 0.67
C MET B 87 -11.31 -22.39 1.81
N ALA B 88 -10.81 -23.58 2.14
CA ALA B 88 -11.36 -24.34 3.26
C ALA B 88 -11.13 -23.68 4.61
N TYR B 89 -10.01 -22.97 4.77
CA TYR B 89 -9.76 -22.31 6.06
C TYR B 89 -10.67 -21.12 6.21
N VAL B 90 -10.85 -20.35 5.12
CA VAL B 90 -11.64 -19.15 5.23
C VAL B 90 -13.10 -19.52 5.47
N TRP B 91 -13.62 -20.50 4.73
CA TRP B 91 -15.06 -20.75 4.81
C TRP B 91 -15.45 -21.93 5.69
N GLY B 92 -14.54 -22.88 5.95
CA GLY B 92 -14.86 -23.92 6.91
C GLY B 92 -16.01 -24.78 6.44
N LYS B 93 -16.92 -25.13 7.37
CA LYS B 93 -18.08 -25.94 7.04
C LYS B 93 -19.24 -25.11 6.51
N GLY B 94 -19.08 -23.78 6.47
CA GLY B 94 -19.98 -22.91 5.74
C GLY B 94 -21.28 -22.55 6.43
N HIS B 95 -21.28 -22.27 7.73
CA HIS B 95 -22.52 -21.95 8.44
C HIS B 95 -22.40 -20.61 9.18
N GLY B 96 -21.81 -19.62 8.52
CA GLY B 96 -21.50 -18.37 9.17
C GLY B 96 -20.18 -18.37 9.91
N ASP B 97 -19.52 -19.53 10.05
CA ASP B 97 -18.28 -19.60 10.80
C ASP B 97 -17.08 -19.36 9.87
N VAL B 98 -16.86 -18.09 9.52
CA VAL B 98 -15.83 -17.73 8.58
C VAL B 98 -14.62 -17.30 9.39
N ARG B 99 -13.47 -17.31 8.75
CA ARG B 99 -12.26 -16.78 9.34
C ARG B 99 -11.84 -15.59 8.51
N LYS B 100 -11.73 -14.44 9.16
CA LYS B 100 -11.48 -13.15 8.54
C LYS B 100 -10.00 -12.87 8.36
N VAL B 101 -9.14 -13.70 8.95
CA VAL B 101 -7.68 -13.50 8.94
C VAL B 101 -7.02 -14.83 8.55
N LEU B 102 -6.23 -14.83 7.44
CA LEU B 102 -5.46 -16.01 7.03
C LEU B 102 -4.13 -16.04 7.78
N PRO B 103 -3.80 -17.14 8.49
CA PRO B 103 -2.63 -17.13 9.37
C PRO B 103 -1.29 -16.93 8.65
N ARG B 104 -0.39 -16.20 9.32
CA ARG B 104 0.92 -15.80 8.80
C ARG B 104 1.63 -16.93 8.07
N ASN B 105 1.66 -18.11 8.65
CA ASN B 105 2.57 -19.13 8.16
C ASN B 105 2.17 -19.71 6.82
N ILE B 106 0.94 -19.46 6.40
CA ILE B 106 0.48 -19.89 5.10
C ILE B 106 0.22 -18.70 4.18
N ALA B 107 -0.17 -17.56 4.74
CA ALA B 107 -0.50 -16.42 3.89
C ALA B 107 0.74 -15.86 3.24
N VAL B 108 1.84 -15.81 3.95
CA VAL B 108 3.06 -15.23 3.41
C VAL B 108 3.60 -16.05 2.25
N PRO B 109 3.80 -17.35 2.41
CA PRO B 109 4.29 -18.13 1.27
C PRO B 109 3.31 -18.18 0.12
N TYR B 110 2.00 -18.21 0.39
CA TYR B 110 1.03 -18.18 -0.68
C TYR B 110 1.08 -16.84 -1.44
N CYS B 111 1.19 -15.72 -0.74
CA CYS B 111 1.34 -14.44 -1.42
C CYS B 111 2.68 -14.32 -2.13
N GLN B 112 3.75 -14.87 -1.56
CA GLN B 112 5.05 -14.82 -2.23
C GLN B 112 5.01 -15.55 -3.55
N LEU B 113 4.36 -16.71 -3.56
CA LEU B 113 4.22 -17.53 -4.73
C LEU B 113 3.19 -16.92 -5.70
N SER B 114 2.19 -16.18 -5.18
CA SER B 114 1.31 -15.45 -6.08
C SER B 114 2.08 -14.30 -6.76
N LYS B 115 2.92 -13.56 -6.03
CA LYS B 115 3.68 -12.53 -6.72
C LYS B 115 4.53 -13.13 -7.82
N LYS B 116 5.15 -14.29 -7.56
CA LYS B 116 5.99 -14.91 -8.56
C LYS B 116 5.21 -15.30 -9.82
N LEU B 117 4.03 -15.91 -9.68
CA LEU B 117 3.29 -16.36 -10.86
C LEU B 117 2.35 -15.30 -11.44
N GLU B 118 2.32 -14.08 -10.85
CA GLU B 118 1.57 -12.91 -11.30
C GLU B 118 0.09 -13.20 -11.28
N LEU B 119 -0.33 -13.90 -10.24
CA LEU B 119 -1.73 -14.22 -10.04
C LEU B 119 -2.19 -13.75 -8.66
N PRO B 120 -3.48 -13.49 -8.47
CA PRO B 120 -3.92 -13.04 -7.17
C PRO B 120 -3.92 -14.19 -6.18
N PRO B 121 -3.70 -13.91 -4.87
CA PRO B 121 -3.67 -14.98 -3.84
C PRO B 121 -5.06 -15.49 -3.48
N ILE B 122 -5.66 -16.20 -4.42
CA ILE B 122 -6.97 -16.81 -4.19
C ILE B 122 -7.11 -17.89 -5.22
N LEU B 123 -7.87 -18.90 -4.89
CA LEU B 123 -8.04 -19.96 -5.85
C LEU B 123 -8.69 -19.44 -7.17
N VAL B 124 -8.08 -19.83 -8.31
CA VAL B 124 -8.51 -19.45 -9.66
C VAL B 124 -8.66 -20.69 -10.56
N TYR B 125 -9.36 -20.47 -11.69
CA TYR B 125 -9.52 -21.51 -12.72
C TYR B 125 -8.18 -22.14 -13.14
N ALA B 126 -7.11 -21.33 -13.28
CA ALA B 126 -5.83 -21.90 -13.71
C ALA B 126 -5.25 -22.89 -12.69
N ASP B 127 -5.65 -22.76 -11.41
CA ASP B 127 -5.30 -23.68 -10.34
C ASP B 127 -6.20 -24.89 -10.34
N CYS B 128 -7.47 -24.73 -9.98
CA CYS B 128 -8.25 -25.94 -9.74
C CYS B 128 -8.88 -26.51 -11.00
N VAL B 129 -8.64 -25.95 -12.19
CA VAL B 129 -9.03 -26.67 -13.40
C VAL B 129 -7.79 -27.01 -14.21
N LEU B 130 -7.05 -25.99 -14.64
CA LEU B 130 -6.01 -26.18 -15.64
C LEU B 130 -4.88 -27.03 -15.10
N ALA B 131 -4.57 -26.89 -13.81
CA ALA B 131 -3.47 -27.60 -13.20
C ALA B 131 -3.93 -28.72 -12.27
N ASN B 132 -5.20 -29.13 -12.32
CA ASN B 132 -5.74 -30.03 -11.32
C ASN B 132 -6.28 -31.32 -11.97
N TRP B 133 -5.47 -31.99 -12.77
CA TRP B 133 -5.96 -33.20 -13.41
C TRP B 133 -4.82 -34.18 -13.62
N LYS B 134 -5.18 -35.45 -13.74
CA LYS B 134 -4.24 -36.48 -14.13
C LYS B 134 -5.00 -37.47 -15.03
N LYS B 135 -4.27 -38.14 -15.92
CA LYS B 135 -4.83 -39.29 -16.63
C LYS B 135 -4.76 -40.53 -15.74
N LYS B 136 -5.77 -41.39 -15.83
CA LYS B 136 -5.75 -42.62 -15.05
C LYS B 136 -4.75 -43.60 -15.63
N ASP B 137 -4.77 -43.77 -16.96
CA ASP B 137 -3.83 -44.61 -17.70
C ASP B 137 -3.32 -43.74 -18.84
N PRO B 138 -2.02 -43.46 -18.93
CA PRO B 138 -1.55 -42.52 -19.95
C PRO B 138 -1.67 -43.03 -21.37
N ASN B 139 -1.72 -44.36 -21.57
CA ASN B 139 -1.79 -44.94 -22.90
C ASN B 139 -3.18 -44.83 -23.52
N LYS B 140 -4.17 -44.40 -22.77
CA LYS B 140 -5.53 -44.14 -23.21
C LYS B 140 -5.78 -42.62 -23.30
N PRO B 141 -6.84 -42.20 -23.97
CA PRO B 141 -7.06 -40.76 -24.30
C PRO B 141 -7.65 -39.93 -23.15
N LEU B 142 -7.89 -38.66 -23.48
CA LEU B 142 -8.41 -37.67 -22.54
C LEU B 142 -9.93 -37.71 -22.51
N THR B 143 -10.48 -38.63 -21.74
CA THR B 143 -11.92 -38.66 -21.53
C THR B 143 -12.23 -38.75 -20.05
N TYR B 144 -13.47 -38.40 -19.69
CA TYR B 144 -13.84 -38.37 -18.28
C TYR B 144 -13.49 -39.67 -17.58
N GLU B 145 -13.70 -40.79 -18.29
CA GLU B 145 -13.57 -42.12 -17.71
C GLU B 145 -12.12 -42.47 -17.39
N ASN B 146 -11.16 -41.75 -17.97
CA ASN B 146 -9.73 -41.98 -17.83
C ASN B 146 -9.02 -40.87 -17.07
N MET B 147 -9.74 -40.06 -16.34
CA MET B 147 -9.19 -38.84 -15.74
C MET B 147 -9.62 -38.71 -14.29
N ASP B 148 -8.87 -37.92 -13.54
CA ASP B 148 -9.24 -37.60 -12.17
C ASP B 148 -8.65 -36.23 -11.88
N VAL B 149 -9.10 -35.64 -10.79
CA VAL B 149 -8.53 -34.38 -10.28
C VAL B 149 -7.50 -34.71 -9.22
N LEU B 150 -6.66 -33.74 -8.89
CA LEU B 150 -5.66 -33.90 -7.85
C LEU B 150 -6.19 -33.60 -6.43
N PHE B 151 -7.16 -32.67 -6.28
CA PHE B 151 -7.67 -32.23 -4.97
C PHE B 151 -9.17 -32.00 -4.99
N SER B 152 -9.85 -32.37 -3.89
CA SER B 152 -11.29 -32.18 -3.69
C SER B 152 -11.58 -31.39 -2.42
N PHE B 153 -12.84 -30.97 -2.23
CA PHE B 153 -13.21 -30.28 -0.99
C PHE B 153 -14.03 -31.12 -0.01
N ARG B 154 -15.10 -31.75 -0.44
CA ARG B 154 -15.98 -32.50 0.46
C ARG B 154 -16.50 -33.70 -0.29
N ASP B 155 -16.59 -34.83 0.39
CA ASP B 155 -17.26 -35.98 -0.23
C ASP B 155 -18.65 -35.52 -0.69
N GLY B 156 -18.94 -35.73 -1.98
CA GLY B 156 -20.22 -35.35 -2.56
C GLY B 156 -20.29 -33.92 -3.03
N ASP B 157 -19.19 -33.17 -2.98
CA ASP B 157 -19.14 -31.81 -3.52
C ASP B 157 -19.24 -31.80 -5.05
N CYS B 158 -19.05 -32.94 -5.69
CA CYS B 158 -18.94 -33.01 -7.14
C CYS B 158 -17.73 -32.21 -7.65
N SER B 159 -16.68 -32.10 -6.82
CA SER B 159 -15.43 -31.48 -7.26
C SER B 159 -14.95 -32.08 -8.58
N LYS B 160 -14.95 -33.43 -8.70
CA LYS B 160 -14.43 -34.08 -9.89
C LYS B 160 -15.21 -33.66 -11.16
N GLY B 161 -16.53 -33.84 -11.14
CA GLY B 161 -17.31 -33.59 -12.35
C GLY B 161 -17.24 -32.14 -12.80
N PHE B 162 -17.45 -31.21 -11.88
CA PHE B 162 -17.47 -29.82 -12.30
C PHE B 162 -16.11 -29.39 -12.77
N PHE B 163 -15.04 -29.88 -12.13
CA PHE B 163 -13.71 -29.49 -12.54
C PHE B 163 -13.31 -30.16 -13.86
N LEU B 164 -13.58 -31.47 -13.99
CA LEU B 164 -13.15 -32.15 -15.22
C LEU B 164 -13.99 -31.79 -16.43
N VAL B 165 -15.31 -31.66 -16.29
CA VAL B 165 -16.05 -31.26 -17.49
C VAL B 165 -15.63 -29.85 -17.92
N SER B 166 -15.22 -29.01 -16.98
CA SER B 166 -14.64 -27.71 -17.36
C SER B 166 -13.41 -27.89 -18.21
N LEU B 167 -12.50 -28.73 -17.74
CA LEU B 167 -11.25 -28.94 -18.44
C LEU B 167 -11.48 -29.58 -19.81
N LEU B 168 -12.49 -30.45 -19.93
CA LEU B 168 -12.81 -31.05 -21.22
C LEU B 168 -13.34 -30.00 -22.20
N VAL B 169 -13.84 -28.88 -21.71
CA VAL B 169 -14.15 -27.81 -22.64
C VAL B 169 -12.87 -27.18 -23.10
N GLU B 170 -11.96 -26.93 -22.17
CA GLU B 170 -10.71 -26.32 -22.59
C GLU B 170 -9.98 -27.23 -23.59
N ILE B 171 -10.05 -28.54 -23.40
CA ILE B 171 -9.38 -29.44 -24.34
C ILE B 171 -10.09 -29.39 -25.70
N ALA B 172 -11.43 -29.46 -25.72
CA ALA B 172 -12.09 -29.37 -27.01
C ALA B 172 -11.71 -28.08 -27.70
N ALA B 173 -11.56 -27.00 -26.94
CA ALA B 173 -11.23 -25.73 -27.56
C ALA B 173 -9.88 -25.75 -28.20
N ALA B 174 -8.95 -26.52 -27.65
CA ALA B 174 -7.63 -26.50 -28.22
C ALA B 174 -7.69 -26.92 -29.68
N SER B 175 -8.64 -27.79 -30.02
CA SER B 175 -8.71 -28.24 -31.39
C SER B 175 -8.85 -27.05 -32.31
N ALA B 176 -9.57 -26.01 -31.86
CA ALA B 176 -9.72 -24.79 -32.62
C ALA B 176 -8.58 -23.79 -32.42
N ILE B 177 -8.10 -23.59 -31.20
CA ILE B 177 -7.09 -22.55 -30.97
C ILE B 177 -5.84 -22.82 -31.80
N LYS B 178 -5.52 -24.09 -32.03
CA LYS B 178 -4.34 -24.43 -32.82
C LYS B 178 -4.49 -24.12 -34.30
N VAL B 179 -5.67 -23.70 -34.73
CA VAL B 179 -5.88 -23.25 -36.10
C VAL B 179 -5.58 -21.78 -36.30
N ILE B 180 -5.46 -20.99 -35.23
CA ILE B 180 -5.31 -19.53 -35.25
C ILE B 180 -4.16 -19.15 -36.17
N PRO B 181 -3.06 -19.91 -36.18
CA PRO B 181 -1.96 -19.53 -37.07
C PRO B 181 -2.27 -19.76 -38.55
N THR B 182 -3.08 -20.78 -38.89
CA THR B 182 -3.49 -20.92 -40.29
C THR B 182 -4.33 -19.73 -40.78
N VAL B 183 -5.13 -19.14 -39.93
CA VAL B 183 -5.94 -18.00 -40.32
C VAL B 183 -5.05 -16.82 -40.77
N PHE B 184 -4.05 -16.47 -39.96
CA PHE B 184 -3.22 -15.30 -40.28
C PHE B 184 -2.29 -15.59 -41.47
N LYS B 185 -1.75 -16.81 -41.53
CA LYS B 185 -0.95 -17.20 -42.69
C LYS B 185 -1.75 -17.08 -43.98
N ALA B 186 -2.95 -17.65 -44.01
CA ALA B 186 -3.74 -17.58 -45.25
C ALA B 186 -4.10 -16.14 -45.62
N MET B 187 -4.38 -15.28 -44.62
CA MET B 187 -4.53 -13.85 -44.88
C MET B 187 -3.28 -13.27 -45.53
N GLN B 188 -2.11 -13.42 -44.89
CA GLN B 188 -0.91 -12.82 -45.45
C GLN B 188 -0.59 -13.33 -46.87
N MET B 189 -1.04 -14.52 -47.23
CA MET B 189 -0.79 -15.05 -48.55
C MET B 189 -1.96 -14.85 -49.51
N GLN B 190 -3.08 -14.33 -49.02
CA GLN B 190 -4.33 -14.21 -49.81
C GLN B 190 -4.69 -15.56 -50.43
N GLU B 191 -4.62 -16.62 -49.61
CA GLU B 191 -5.09 -17.96 -49.94
C GLU B 191 -6.54 -18.08 -49.47
N ARG B 192 -7.50 -17.67 -50.31
CA ARG B 192 -8.88 -17.64 -49.87
C ARG B 192 -9.39 -19.04 -49.45
N ASP B 193 -9.09 -20.07 -50.22
CA ASP B 193 -9.60 -21.38 -49.86
C ASP B 193 -9.04 -21.87 -48.51
N THR B 194 -7.81 -21.51 -48.17
CA THR B 194 -7.28 -21.92 -46.88
C THR B 194 -7.96 -21.15 -45.73
N LEU B 195 -8.19 -19.85 -45.92
CA LEU B 195 -8.85 -19.07 -44.88
C LEU B 195 -10.28 -19.57 -44.65
N LEU B 196 -10.97 -19.98 -45.71
CA LEU B 196 -12.32 -20.52 -45.56
C LEU B 196 -12.29 -21.83 -44.79
N LYS B 197 -11.44 -22.74 -45.23
CA LYS B 197 -11.36 -24.03 -44.55
C LYS B 197 -10.94 -23.84 -43.10
N ALA B 198 -10.10 -22.87 -42.81
CA ALA B 198 -9.61 -22.77 -41.44
C ALA B 198 -10.72 -22.30 -40.52
N LEU B 199 -11.53 -21.36 -41.02
CA LEU B 199 -12.64 -20.82 -40.27
C LEU B 199 -13.74 -21.86 -40.11
N LEU B 200 -13.97 -22.67 -41.14
CA LEU B 200 -14.94 -23.73 -40.98
C LEU B 200 -14.48 -24.78 -39.96
N GLU B 201 -13.18 -25.02 -39.86
CA GLU B 201 -12.67 -25.97 -38.88
C GLU B 201 -12.76 -25.39 -37.47
N ILE B 202 -12.51 -24.08 -37.31
CA ILE B 202 -12.68 -23.44 -36.00
C ILE B 202 -14.14 -23.51 -35.56
N ALA B 203 -15.05 -23.10 -36.44
CA ALA B 203 -16.46 -23.24 -36.13
C ALA B 203 -16.76 -24.68 -35.75
N SER B 204 -16.28 -25.62 -36.56
CA SER B 204 -16.55 -27.01 -36.24
C SER B 204 -15.97 -27.42 -34.87
N CYS B 205 -14.84 -26.85 -34.46
CA CYS B 205 -14.32 -27.28 -33.17
C CYS B 205 -15.10 -26.62 -32.03
N LEU B 206 -15.53 -25.37 -32.21
CA LEU B 206 -16.39 -24.74 -31.21
C LEU B 206 -17.74 -25.45 -31.12
N GLU B 207 -18.29 -25.91 -32.25
CA GLU B 207 -19.57 -26.62 -32.17
C GLU B 207 -19.39 -27.97 -31.47
N LYS B 208 -18.22 -28.59 -31.58
CA LYS B 208 -17.96 -29.81 -30.83
C LYS B 208 -17.70 -29.49 -29.34
N ALA B 209 -17.14 -28.31 -29.04
CA ALA B 209 -17.03 -27.91 -27.64
C ALA B 209 -18.40 -27.77 -26.99
N LEU B 210 -19.34 -27.21 -27.72
CA LEU B 210 -20.66 -27.02 -27.18
C LEU B 210 -21.21 -28.35 -26.70
N GLN B 211 -20.91 -29.43 -27.41
CA GLN B 211 -21.41 -30.74 -27.00
C GLN B 211 -20.75 -31.26 -25.71
N VAL B 212 -19.57 -30.73 -25.34
CA VAL B 212 -18.96 -31.15 -24.07
C VAL B 212 -19.77 -30.60 -22.91
N PHE B 213 -20.27 -29.37 -23.05
CA PHE B 213 -21.06 -28.78 -22.00
C PHE B 213 -22.15 -29.73 -21.51
N HIS B 214 -22.72 -30.56 -22.41
CA HIS B 214 -23.77 -31.52 -22.01
C HIS B 214 -23.30 -32.46 -20.91
N GLN B 215 -21.99 -32.71 -20.80
CA GLN B 215 -21.53 -33.76 -19.88
C GLN B 215 -21.72 -33.37 -18.44
N ILE B 216 -21.87 -32.05 -18.18
CA ILE B 216 -22.04 -31.53 -16.82
C ILE B 216 -23.23 -32.19 -16.15
N HIS B 217 -24.30 -32.38 -16.90
CA HIS B 217 -25.53 -32.90 -16.32
C HIS B 217 -25.33 -34.34 -15.83
N ASP B 218 -24.35 -35.07 -16.34
CA ASP B 218 -24.14 -36.44 -15.89
C ASP B 218 -23.20 -36.53 -14.69
N HIS B 219 -22.56 -35.42 -14.31
CA HIS B 219 -21.51 -35.47 -13.31
C HIS B 219 -21.61 -34.45 -12.20
N VAL B 220 -22.48 -33.46 -12.30
CA VAL B 220 -22.65 -32.45 -11.27
C VAL B 220 -24.11 -32.34 -10.90
N ASN B 221 -24.38 -32.48 -9.64
CA ASN B 221 -25.71 -32.36 -9.05
C ASN B 221 -25.92 -30.92 -8.56
N PRO B 222 -27.02 -30.26 -8.93
CA PRO B 222 -27.17 -28.85 -8.53
C PRO B 222 -27.06 -28.60 -7.03
N LYS B 223 -27.78 -29.36 -6.19
CA LYS B 223 -27.74 -29.09 -4.76
C LYS B 223 -26.32 -29.25 -4.21
N ALA B 224 -25.62 -30.35 -4.57
CA ALA B 224 -24.24 -30.48 -4.12
C ALA B 224 -23.40 -29.32 -4.65
N PHE B 225 -23.58 -28.94 -5.92
CA PHE B 225 -22.79 -27.84 -6.45
C PHE B 225 -23.08 -26.53 -5.74
N PHE B 226 -24.37 -26.17 -5.65
CA PHE B 226 -24.76 -24.84 -5.16
C PHE B 226 -24.61 -24.70 -3.64
N SER B 227 -24.97 -25.74 -2.87
CA SER B 227 -24.94 -25.58 -1.43
C SER B 227 -23.63 -26.08 -0.79
N VAL B 228 -22.77 -26.76 -1.55
CA VAL B 228 -21.47 -27.24 -1.07
C VAL B 228 -20.30 -26.72 -1.93
N LEU B 229 -20.22 -27.12 -3.20
CA LEU B 229 -19.02 -26.75 -3.93
C LEU B 229 -18.89 -25.24 -4.09
N ARG B 230 -19.97 -24.57 -4.51
CA ARG B 230 -19.86 -23.16 -4.83
C ARG B 230 -19.37 -22.38 -3.62
N ILE B 231 -19.66 -22.87 -2.40
CA ILE B 231 -19.18 -22.24 -1.18
C ILE B 231 -17.65 -22.09 -1.21
N TYR B 232 -16.95 -23.17 -1.46
CA TYR B 232 -15.51 -23.09 -1.43
C TYR B 232 -14.93 -22.39 -2.64
N LEU B 233 -15.73 -22.06 -3.65
CA LEU B 233 -15.18 -21.27 -4.73
C LEU B 233 -15.45 -19.81 -4.53
N SER B 234 -16.16 -19.47 -3.46
CA SER B 234 -16.53 -18.08 -3.20
C SER B 234 -15.28 -17.28 -2.87
N GLY B 235 -15.21 -16.08 -3.40
CA GLY B 235 -14.13 -15.17 -3.11
C GLY B 235 -14.51 -14.18 -2.05
N TRP B 236 -13.82 -13.05 -2.03
CA TRP B 236 -14.14 -12.00 -1.09
C TRP B 236 -13.94 -10.62 -1.72
N LYS B 237 -14.58 -10.44 -2.89
CA LYS B 237 -14.81 -9.14 -3.51
C LYS B 237 -16.31 -8.95 -3.57
N GLY B 238 -16.82 -7.96 -2.85
CA GLY B 238 -18.25 -7.80 -2.74
C GLY B 238 -18.93 -8.96 -2.06
N ASN B 239 -18.32 -9.52 -1.00
CA ASN B 239 -18.95 -10.60 -0.25
C ASN B 239 -19.48 -10.07 1.07
N PRO B 240 -20.78 -10.18 1.37
CA PRO B 240 -21.26 -9.58 2.62
C PRO B 240 -20.63 -10.17 3.85
N GLN B 241 -20.19 -11.43 3.79
CA GLN B 241 -19.57 -12.10 4.93
C GLN B 241 -18.14 -11.67 5.17
N LEU B 242 -17.46 -11.14 4.13
CA LEU B 242 -16.13 -10.54 4.26
C LEU B 242 -16.13 -9.16 3.58
N SER B 243 -16.83 -8.21 4.21
CA SER B 243 -17.12 -6.95 3.55
C SER B 243 -15.85 -6.22 3.13
N ASP B 244 -14.79 -6.32 3.92
CA ASP B 244 -13.56 -5.57 3.69
C ASP B 244 -12.44 -6.39 3.08
N GLY B 245 -12.69 -7.66 2.78
CA GLY B 245 -11.69 -8.57 2.26
C GLY B 245 -11.18 -9.53 3.32
N LEU B 246 -10.08 -10.19 2.96
CA LEU B 246 -9.39 -11.14 3.83
C LEU B 246 -8.05 -10.52 4.22
N VAL B 247 -7.68 -10.66 5.49
CA VAL B 247 -6.38 -10.18 5.95
C VAL B 247 -5.35 -11.26 5.65
N TYR B 248 -4.32 -10.89 4.90
CA TYR B 248 -3.23 -11.83 4.62
C TYR B 248 -2.16 -11.50 5.68
N GLU B 249 -2.25 -12.15 6.84
CA GLU B 249 -1.41 -11.80 7.99
C GLU B 249 0.06 -11.89 7.60
N GLY B 250 0.82 -10.84 7.90
CA GLY B 250 2.24 -10.83 7.60
C GLY B 250 2.60 -10.36 6.22
N PHE B 251 1.64 -10.15 5.31
CA PHE B 251 1.99 -9.69 3.97
C PHE B 251 1.52 -8.28 3.69
N TRP B 252 0.24 -7.97 3.95
CA TRP B 252 -0.33 -6.64 3.88
C TRP B 252 -1.04 -6.33 5.18
N GLU B 253 -0.88 -5.11 5.70
CA GLU B 253 -1.59 -4.80 6.92
C GLU B 253 -3.07 -4.60 6.65
N ASP B 254 -3.44 -4.01 5.41
CA ASP B 254 -4.87 -3.82 5.20
C ASP B 254 -5.47 -5.03 4.50
N PRO B 255 -6.71 -5.42 4.84
CA PRO B 255 -7.38 -6.51 4.11
C PRO B 255 -7.70 -6.11 2.68
N LYS B 256 -7.69 -7.13 1.81
CA LYS B 256 -7.72 -6.99 0.36
C LYS B 256 -8.84 -7.86 -0.22
N GLU B 257 -9.57 -7.35 -1.22
CA GLU B 257 -10.62 -8.13 -1.87
C GLU B 257 -10.12 -8.82 -3.15
N PHE B 258 -10.52 -10.07 -3.31
CA PHE B 258 -10.31 -10.81 -4.54
C PHE B 258 -11.53 -11.67 -4.80
N ALA B 259 -11.91 -11.76 -6.07
CA ALA B 259 -13.06 -12.53 -6.51
C ALA B 259 -12.72 -14.00 -6.60
N GLY B 260 -13.77 -14.82 -6.55
CA GLY B 260 -13.66 -16.24 -6.77
C GLY B 260 -14.19 -16.69 -8.11
N GLY B 261 -14.11 -17.99 -8.32
CA GLY B 261 -14.96 -18.71 -9.30
C GLY B 261 -14.99 -18.07 -10.67
N SER B 262 -16.09 -18.29 -11.35
CA SER B 262 -16.38 -17.72 -12.68
C SER B 262 -15.75 -18.49 -13.83
N ALA B 263 -16.63 -18.97 -14.71
CA ALA B 263 -16.29 -19.41 -16.06
C ALA B 263 -15.61 -18.30 -16.84
N GLY B 264 -15.77 -17.06 -16.37
CA GLY B 264 -15.05 -15.97 -16.97
C GLY B 264 -13.56 -16.03 -16.74
N GLN B 265 -13.11 -16.89 -15.81
CA GLN B 265 -11.68 -17.05 -15.65
C GLN B 265 -11.08 -17.83 -16.80
N SER B 266 -11.88 -18.62 -17.50
CA SER B 266 -11.41 -19.21 -18.73
C SER B 266 -11.07 -18.16 -19.81
N SER B 267 -9.96 -18.44 -20.51
CA SER B 267 -9.46 -17.67 -21.64
C SER B 267 -10.15 -18.04 -22.95
N VAL B 268 -11.01 -19.06 -22.96
CA VAL B 268 -11.52 -19.53 -24.24
C VAL B 268 -12.49 -18.52 -24.84
N PHE B 269 -13.43 -18.03 -24.04
CA PHE B 269 -14.39 -17.10 -24.60
C PHE B 269 -13.67 -15.84 -25.02
N GLN B 270 -12.82 -15.29 -24.16
CA GLN B 270 -12.19 -14.04 -24.57
C GLN B 270 -11.33 -14.24 -25.79
N CYS B 271 -10.72 -15.41 -25.92
CA CYS B 271 -9.85 -15.73 -27.07
C CYS B 271 -10.57 -15.55 -28.42
N PHE B 272 -11.70 -16.21 -28.61
CA PHE B 272 -12.32 -16.12 -29.91
C PHE B 272 -13.02 -14.80 -30.16
N ASP B 273 -13.36 -14.02 -29.14
CA ASP B 273 -13.78 -12.65 -29.39
C ASP B 273 -12.69 -11.88 -30.11
N VAL B 274 -11.47 -11.88 -29.55
CA VAL B 274 -10.38 -11.09 -30.13
C VAL B 274 -10.07 -11.60 -31.54
N LEU B 275 -10.10 -12.91 -31.74
CA LEU B 275 -9.85 -13.48 -33.05
C LEU B 275 -10.80 -12.90 -34.07
N LEU B 276 -12.10 -13.08 -33.81
CA LEU B 276 -13.20 -12.62 -34.63
C LEU B 276 -13.47 -11.13 -34.56
N GLY B 277 -12.74 -10.37 -33.75
CA GLY B 277 -12.89 -8.94 -33.73
C GLY B 277 -14.20 -8.46 -33.13
N ILE B 278 -14.71 -9.17 -32.13
CA ILE B 278 -15.94 -8.82 -31.42
C ILE B 278 -15.61 -7.84 -30.30
N GLN B 279 -16.09 -6.61 -30.41
CA GLN B 279 -15.85 -5.55 -29.45
C GLN B 279 -16.99 -5.45 -28.44
N GLN B 280 -16.67 -5.07 -27.20
CA GLN B 280 -17.66 -4.85 -26.15
C GLN B 280 -17.86 -3.35 -25.92
N THR B 281 -18.87 -2.83 -26.59
CA THR B 281 -19.30 -1.47 -26.49
C THR B 281 -20.27 -1.38 -25.31
N GLY B 285 -20.94 1.17 -20.87
CA GLY B 285 -19.56 0.68 -20.96
C GLY B 285 -19.04 -0.07 -19.75
N HIS B 286 -19.90 -0.35 -18.76
CA HIS B 286 -19.52 -1.12 -17.59
C HIS B 286 -19.20 -2.59 -17.91
N ALA B 287 -19.25 -3.00 -19.17
CA ALA B 287 -18.94 -4.39 -19.49
C ALA B 287 -17.46 -4.60 -19.81
N ALA B 288 -16.85 -3.64 -20.46
CA ALA B 288 -15.42 -3.74 -20.71
C ALA B 288 -14.64 -3.79 -19.42
N GLN B 289 -15.09 -3.11 -18.38
CA GLN B 289 -14.33 -3.19 -17.15
C GLN B 289 -14.31 -4.62 -16.64
N PHE B 290 -15.44 -5.35 -16.78
CA PHE B 290 -15.52 -6.67 -16.16
C PHE B 290 -14.60 -7.66 -16.86
N LEU B 291 -14.62 -7.67 -18.19
CA LEU B 291 -13.78 -8.56 -18.94
C LEU B 291 -12.30 -8.24 -18.75
N GLN B 292 -11.95 -6.96 -18.60
CA GLN B 292 -10.56 -6.63 -18.28
C GLN B 292 -10.17 -7.24 -16.93
N ASP B 293 -11.05 -7.13 -15.92
CA ASP B 293 -10.72 -7.72 -14.62
C ASP B 293 -10.64 -9.25 -14.69
N MET B 294 -11.51 -9.90 -15.47
CA MET B 294 -11.41 -11.34 -15.58
C MET B 294 -10.02 -11.72 -16.09
N ARG B 295 -9.46 -10.91 -16.98
CA ARG B 295 -8.13 -11.21 -17.48
C ARG B 295 -7.11 -11.21 -16.35
N ARG B 296 -7.35 -10.38 -15.31
CA ARG B 296 -6.40 -10.18 -14.23
C ARG B 296 -6.28 -11.43 -13.35
N TYR B 297 -7.17 -12.40 -13.54
CA TYR B 297 -7.19 -13.68 -12.85
C TYR B 297 -6.74 -14.82 -13.71
N MET B 298 -6.28 -14.51 -14.98
CA MET B 298 -5.74 -15.48 -15.92
C MET B 298 -4.20 -15.47 -15.86
N PRO B 299 -3.57 -16.60 -16.23
CA PRO B 299 -2.12 -16.67 -16.21
C PRO B 299 -1.49 -15.57 -17.04
N PRO B 300 -0.31 -15.07 -16.65
CA PRO B 300 0.27 -13.97 -17.41
C PRO B 300 0.60 -14.35 -18.84
N ALA B 301 1.03 -15.59 -19.14
CA ALA B 301 1.18 -16.00 -20.54
C ALA B 301 -0.13 -15.91 -21.31
N HIS B 302 -1.25 -16.27 -20.66
CA HIS B 302 -2.53 -16.29 -21.35
C HIS B 302 -3.04 -14.89 -21.62
N ARG B 303 -2.87 -13.96 -20.69
CA ARG B 303 -3.26 -12.60 -21.00
C ARG B 303 -2.34 -12.00 -22.04
N ASN B 304 -1.07 -12.38 -22.03
CA ASN B 304 -0.16 -11.90 -23.08
C ASN B 304 -0.55 -12.47 -24.43
N PHE B 305 -1.09 -13.68 -24.46
CA PHE B 305 -1.54 -14.27 -25.72
C PHE B 305 -2.69 -13.48 -26.28
N LEU B 306 -3.66 -13.17 -25.43
CA LEU B 306 -4.83 -12.40 -25.85
C LEU B 306 -4.43 -11.03 -26.37
N CYS B 307 -3.28 -10.53 -25.94
CA CYS B 307 -2.81 -9.26 -26.46
C CYS B 307 -2.07 -9.46 -27.77
N SER B 308 -1.29 -10.52 -27.86
CA SER B 308 -0.64 -10.83 -29.12
C SER B 308 -1.68 -10.94 -30.23
N LEU B 309 -2.83 -11.54 -29.92
CA LEU B 309 -3.90 -11.73 -30.89
C LEU B 309 -4.52 -10.40 -31.34
N GLU B 310 -4.77 -9.44 -30.42
CA GLU B 310 -5.34 -8.18 -30.92
C GLU B 310 -4.34 -7.42 -31.81
N SER B 311 -3.03 -7.70 -31.70
CA SER B 311 -2.05 -7.01 -32.54
C SER B 311 -1.95 -7.61 -33.95
N ASN B 312 -2.66 -8.72 -34.23
CA ASN B 312 -2.72 -9.32 -35.56
C ASN B 312 -3.74 -8.57 -36.43
N PRO B 313 -3.59 -8.60 -37.77
CA PRO B 313 -4.59 -7.98 -38.65
C PRO B 313 -6.01 -8.56 -38.44
N SER B 314 -7.01 -7.69 -38.52
CA SER B 314 -8.40 -8.07 -38.22
C SER B 314 -8.91 -9.12 -39.21
N VAL B 315 -9.26 -10.29 -38.70
CA VAL B 315 -9.97 -11.27 -39.53
C VAL B 315 -11.27 -10.65 -40.03
N ARG B 316 -11.91 -9.84 -39.19
CA ARG B 316 -13.15 -9.20 -39.58
C ARG B 316 -12.91 -8.15 -40.66
N GLU B 317 -11.86 -7.33 -40.52
CA GLU B 317 -11.57 -6.38 -41.58
C GLU B 317 -11.28 -7.08 -42.90
N PHE B 318 -10.65 -8.28 -42.84
CA PHE B 318 -10.24 -9.04 -44.03
C PHE B 318 -11.45 -9.71 -44.70
N VAL B 319 -12.38 -10.23 -43.89
CA VAL B 319 -13.57 -10.88 -44.43
C VAL B 319 -14.46 -9.86 -45.14
N LEU B 320 -14.55 -8.66 -44.60
CA LEU B 320 -15.37 -7.61 -45.19
C LEU B 320 -14.72 -7.04 -46.45
N SER B 321 -13.40 -6.89 -46.46
CA SER B 321 -12.68 -6.33 -47.61
C SER B 321 -12.76 -7.20 -48.86
N LYS B 322 -12.97 -8.52 -48.72
CA LYS B 322 -13.02 -9.42 -49.88
C LYS B 322 -14.39 -9.42 -50.55
N GLY B 323 -15.46 -9.14 -49.81
CA GLY B 323 -16.77 -9.24 -50.39
C GLY B 323 -17.18 -10.65 -50.75
N ASP B 324 -16.48 -11.67 -50.20
CA ASP B 324 -16.66 -13.07 -50.57
C ASP B 324 -17.74 -13.71 -49.70
N ALA B 325 -18.77 -14.27 -50.33
CA ALA B 325 -19.91 -14.77 -49.58
C ALA B 325 -19.58 -16.06 -48.85
N GLY B 326 -18.80 -16.94 -49.47
CA GLY B 326 -18.36 -18.14 -48.75
C GLY B 326 -17.63 -17.80 -47.44
N LEU B 327 -16.76 -16.78 -47.47
CA LEU B 327 -16.05 -16.38 -46.26
C LEU B 327 -16.98 -15.78 -45.23
N ARG B 328 -17.99 -15.05 -45.69
CA ARG B 328 -18.94 -14.47 -44.75
C ARG B 328 -19.66 -15.58 -44.00
N GLU B 329 -20.12 -16.61 -44.71
CA GLU B 329 -20.80 -17.71 -44.03
C GLU B 329 -19.86 -18.43 -43.08
N ALA B 330 -18.58 -18.51 -43.40
CA ALA B 330 -17.69 -19.23 -42.51
C ALA B 330 -17.41 -18.41 -41.23
N TYR B 331 -17.24 -17.12 -41.38
CA TYR B 331 -17.10 -16.28 -40.21
C TYR B 331 -18.33 -16.36 -39.32
N ASP B 332 -19.53 -16.21 -39.92
CA ASP B 332 -20.75 -16.30 -39.16
C ASP B 332 -20.90 -17.63 -38.41
N ALA B 333 -20.43 -18.76 -38.97
CA ALA B 333 -20.56 -20.04 -38.25
C ALA B 333 -19.78 -20.00 -36.94
N CYS B 334 -18.64 -19.30 -36.97
CA CYS B 334 -17.84 -19.13 -35.78
C CYS B 334 -18.55 -18.24 -34.79
N VAL B 335 -19.03 -17.09 -35.25
CA VAL B 335 -19.86 -16.23 -34.39
C VAL B 335 -21.10 -16.97 -33.91
N LYS B 336 -21.78 -17.74 -34.79
CA LYS B 336 -22.95 -18.51 -34.35
C LYS B 336 -22.59 -19.55 -33.29
N ALA B 337 -21.48 -20.28 -33.49
CA ALA B 337 -21.05 -21.26 -32.49
C ALA B 337 -20.71 -20.61 -31.17
N LEU B 338 -20.16 -19.39 -31.22
CA LEU B 338 -19.83 -18.67 -29.99
C LEU B 338 -21.09 -18.23 -29.23
N VAL B 339 -22.13 -17.70 -29.93
CA VAL B 339 -23.36 -17.34 -29.22
C VAL B 339 -24.02 -18.56 -28.64
N SER B 340 -23.94 -19.71 -29.29
CA SER B 340 -24.51 -20.90 -28.66
C SER B 340 -23.80 -21.22 -27.32
N LEU B 341 -22.46 -21.17 -27.29
CA LEU B 341 -21.77 -21.48 -26.05
C LEU B 341 -22.21 -20.53 -24.95
N ARG B 342 -22.41 -19.26 -25.30
CA ARG B 342 -22.85 -18.33 -24.29
C ARG B 342 -24.25 -18.64 -23.84
N SER B 343 -25.07 -19.18 -24.71
CA SER B 343 -26.42 -19.56 -24.34
C SER B 343 -26.40 -20.71 -23.34
N TYR B 344 -25.64 -21.77 -23.63
CA TYR B 344 -25.60 -22.91 -22.73
C TYR B 344 -25.05 -22.46 -21.37
N HIS B 345 -24.01 -21.64 -21.40
CA HIS B 345 -23.51 -21.02 -20.20
C HIS B 345 -24.68 -20.48 -19.39
N LEU B 346 -25.57 -19.75 -20.07
CA LEU B 346 -26.72 -19.17 -19.38
C LEU B 346 -27.64 -20.25 -18.83
N GLN B 347 -27.95 -21.26 -19.60
CA GLN B 347 -28.90 -22.20 -19.05
C GLN B 347 -28.27 -23.08 -18.02
N ILE B 348 -26.94 -23.19 -18.01
CA ILE B 348 -26.30 -23.87 -16.90
C ILE B 348 -26.45 -23.05 -15.64
N VAL B 349 -26.32 -21.72 -15.76
CA VAL B 349 -26.55 -20.86 -14.59
C VAL B 349 -27.94 -21.06 -14.03
N THR B 350 -28.93 -21.24 -14.90
CA THR B 350 -30.30 -21.38 -14.42
C THR B 350 -30.44 -22.64 -13.59
N LYS B 351 -29.88 -23.73 -14.08
CA LYS B 351 -30.06 -25.03 -13.45
C LYS B 351 -29.26 -25.11 -12.16
N TYR B 352 -28.05 -24.58 -12.17
CA TYR B 352 -27.06 -24.87 -11.15
C TYR B 352 -26.90 -23.77 -10.13
N ILE B 353 -27.58 -22.63 -10.35
CA ILE B 353 -27.54 -21.49 -9.47
C ILE B 353 -28.96 -20.96 -9.19
N LEU B 354 -29.74 -20.55 -10.20
CA LEU B 354 -31.01 -19.84 -9.89
C LEU B 354 -32.02 -20.74 -9.21
N ILE B 355 -32.14 -21.98 -9.65
CA ILE B 355 -33.24 -22.81 -9.17
C ILE B 355 -32.82 -23.32 -7.80
N PRO B 356 -31.60 -23.81 -7.63
CA PRO B 356 -31.18 -24.24 -6.28
C PRO B 356 -31.22 -23.11 -5.28
N ALA B 357 -31.02 -21.88 -5.74
CA ALA B 357 -31.11 -20.73 -4.85
C ALA B 357 -32.56 -20.42 -4.45
N SER B 358 -33.53 -20.77 -5.28
CA SER B 358 -34.93 -20.56 -4.93
C SER B 358 -35.46 -21.59 -3.94
N GLN B 359 -34.73 -22.68 -3.70
CA GLN B 359 -35.16 -23.73 -2.77
C GLN B 359 -34.69 -23.48 -1.32
N ASP B 382 -29.14 -11.23 -12.06
CA ASP B 382 -27.96 -10.59 -11.47
C ASP B 382 -26.76 -10.59 -12.45
N LEU B 383 -25.96 -11.66 -12.44
CA LEU B 383 -24.93 -11.81 -13.47
C LEU B 383 -25.57 -12.17 -14.81
N MET B 384 -26.80 -12.64 -14.77
CA MET B 384 -27.49 -12.99 -16.01
C MET B 384 -27.72 -11.75 -16.86
N ASN B 385 -28.02 -10.61 -16.25
CA ASN B 385 -28.10 -9.39 -17.03
C ASN B 385 -26.78 -9.18 -17.75
N PHE B 386 -25.68 -9.33 -17.04
CA PHE B 386 -24.40 -9.14 -17.69
C PHE B 386 -24.17 -10.14 -18.82
N LEU B 387 -24.55 -11.40 -18.61
CA LEU B 387 -24.26 -12.41 -19.60
C LEU B 387 -25.12 -12.23 -20.85
N LYS B 388 -26.42 -11.94 -20.65
CA LYS B 388 -27.30 -11.74 -21.79
C LYS B 388 -26.79 -10.63 -22.69
N THR B 389 -26.27 -9.57 -22.09
CA THR B 389 -25.72 -8.45 -22.85
C THR B 389 -24.56 -8.90 -23.75
N VAL B 390 -23.60 -9.63 -23.18
CA VAL B 390 -22.46 -10.08 -23.96
C VAL B 390 -22.92 -10.98 -25.08
N ARG B 391 -23.93 -11.81 -24.81
CA ARG B 391 -24.48 -12.63 -25.86
C ARG B 391 -25.08 -11.78 -26.99
N SER B 392 -25.82 -10.70 -26.64
CA SER B 392 -26.42 -9.88 -27.70
C SER B 392 -25.34 -9.21 -28.53
N THR B 393 -24.28 -8.75 -27.89
CA THR B 393 -23.21 -8.10 -28.64
C THR B 393 -22.53 -9.04 -29.60
N THR B 394 -22.37 -10.30 -29.20
CA THR B 394 -21.82 -11.28 -30.13
C THR B 394 -22.75 -11.43 -31.32
N GLU B 395 -24.04 -11.62 -31.06
CA GLU B 395 -24.98 -11.78 -32.15
C GLU B 395 -24.95 -10.57 -33.08
N LYS B 396 -24.77 -9.37 -32.54
CA LYS B 396 -24.77 -8.19 -33.38
C LYS B 396 -23.49 -8.05 -34.19
N SER B 397 -22.51 -8.92 -33.93
CA SER B 397 -21.29 -8.93 -34.69
C SER B 397 -21.40 -9.88 -35.90
N LEU B 398 -22.56 -10.51 -36.07
CA LEU B 398 -22.86 -11.25 -37.29
C LEU B 398 -22.87 -10.31 -38.49
N LEU B 399 -22.56 -10.87 -39.64
CA LEU B 399 -22.38 -10.09 -40.86
C LEU B 399 -23.62 -10.03 -41.74
N LYS B 400 -24.34 -11.15 -41.90
CA LYS B 400 -25.46 -11.22 -42.84
C LYS B 400 -26.80 -11.56 -42.18
N HIS C 3 31.55 22.24 31.25
CA HIS C 3 31.06 22.13 29.88
C HIS C 3 31.05 20.68 29.45
N MET C 4 29.84 20.12 29.24
CA MET C 4 29.68 18.67 29.02
C MET C 4 30.02 17.92 30.30
N GLU C 5 29.90 16.59 30.27
CA GLU C 5 30.35 15.76 31.37
C GLU C 5 29.72 16.22 32.70
N ASN C 6 28.39 16.05 32.79
CA ASN C 6 27.55 16.19 33.98
C ASN C 6 26.05 16.27 33.63
N SER C 7 25.57 17.47 33.23
CA SER C 7 24.18 17.75 32.85
C SER C 7 23.81 19.17 33.30
N TRP C 8 23.96 19.44 34.61
CA TRP C 8 23.88 20.82 35.10
C TRP C 8 24.95 21.68 34.41
N THR C 9 26.16 21.15 34.26
CA THR C 9 27.18 21.91 33.53
C THR C 9 26.72 22.20 32.12
N ILE C 10 25.88 21.33 31.57
CA ILE C 10 25.38 21.51 30.22
C ILE C 10 24.31 22.61 30.19
N SER C 11 23.41 22.61 31.18
CA SER C 11 22.42 23.67 31.30
C SER C 11 23.11 25.00 31.58
N LYS C 12 23.95 25.04 32.61
CA LYS C 12 24.59 26.30 32.98
C LYS C 12 25.28 26.87 31.76
N GLU C 13 25.99 26.02 31.03
CA GLU C 13 26.84 26.54 29.96
C GLU C 13 26.10 26.76 28.65
N TYR C 14 25.23 25.84 28.27
CA TYR C 14 24.63 25.88 26.95
C TYR C 14 23.12 26.10 26.91
N HIS C 15 22.45 26.24 28.07
CA HIS C 15 21.01 26.52 28.19
C HIS C 15 20.18 25.42 27.55
N ILE C 16 20.56 24.20 27.87
CA ILE C 16 19.87 23.01 27.42
C ILE C 16 19.38 22.33 28.69
N ASP C 17 18.07 22.17 28.82
CA ASP C 17 17.47 21.67 30.05
C ASP C 17 17.43 20.15 30.03
N GLU C 18 17.52 19.55 31.22
CA GLU C 18 17.49 18.10 31.31
C GLU C 18 16.10 17.55 30.98
N GLU C 19 15.03 18.31 31.27
CA GLU C 19 13.70 17.81 30.99
C GLU C 19 13.25 18.17 29.59
N VAL C 20 13.51 19.41 29.14
CA VAL C 20 12.91 19.94 27.93
C VAL C 20 13.95 20.31 26.88
N GLY C 21 15.22 20.16 27.21
CA GLY C 21 16.25 20.17 26.18
C GLY C 21 16.55 21.56 25.70
N PHE C 22 16.49 21.73 24.37
CA PHE C 22 16.70 23.04 23.78
C PHE C 22 15.57 23.99 24.08
N ALA C 23 14.43 23.50 24.53
CA ALA C 23 13.37 24.43 24.83
C ALA C 23 13.75 25.25 26.07
N LEU C 24 13.08 26.39 26.21
CA LEU C 24 13.24 27.27 27.34
C LEU C 24 12.49 26.72 28.53
N PRO C 25 13.14 26.51 29.68
CA PRO C 25 12.40 25.95 30.82
C PRO C 25 11.50 26.98 31.50
N ASN C 26 10.28 26.55 31.84
CA ASN C 26 9.34 27.44 32.54
C ASN C 26 9.22 28.82 31.92
N PRO C 27 8.67 28.98 30.73
CA PRO C 27 8.59 30.30 30.11
C PRO C 27 7.72 31.29 30.85
N GLN C 28 8.09 32.55 30.73
CA GLN C 28 7.23 33.61 31.23
C GLN C 28 6.00 33.72 30.37
N GLU C 29 4.88 34.07 31.02
CA GLU C 29 3.61 34.38 30.36
C GLU C 29 3.26 35.86 30.40
N ASN C 30 3.88 36.66 31.27
CA ASN C 30 3.57 38.09 31.38
C ASN C 30 4.86 38.91 31.40
N LEU C 31 4.75 40.12 30.86
CA LEU C 31 5.79 41.15 30.84
C LEU C 31 5.59 42.15 31.97
N PRO C 32 6.60 42.97 32.24
CA PRO C 32 6.37 44.12 33.13
C PRO C 32 5.14 44.88 32.68
N ASP C 33 4.48 45.52 33.65
CA ASP C 33 3.33 46.39 33.32
C ASP C 33 3.69 47.41 32.27
N PHE C 34 4.95 47.87 32.27
CA PHE C 34 5.43 48.93 31.39
C PHE C 34 5.03 48.69 29.96
N TYR C 35 4.74 47.44 29.60
CA TYR C 35 4.65 47.00 28.21
C TYR C 35 3.29 46.39 27.89
N ASN C 36 2.25 46.72 28.65
CA ASN C 36 0.94 46.12 28.38
C ASN C 36 0.43 46.39 26.96
N ASP C 37 0.76 47.54 26.35
CA ASP C 37 0.25 47.81 25.00
C ASP C 37 0.69 46.74 24.00
N TRP C 38 1.99 46.39 23.98
CA TRP C 38 2.45 45.26 23.18
C TRP C 38 1.64 44.02 23.55
N MET C 39 1.59 43.69 24.84
CA MET C 39 0.92 42.44 25.19
C MET C 39 -0.56 42.44 24.76
N PHE C 40 -1.25 43.58 24.74
CA PHE C 40 -2.60 43.53 24.23
C PHE C 40 -2.61 43.11 22.75
N ILE C 41 -1.77 43.73 21.94
CA ILE C 41 -1.79 43.40 20.54
C ILE C 41 -1.51 41.91 20.29
N ALA C 42 -0.39 41.38 20.83
CA ALA C 42 0.03 40.02 20.50
C ALA C 42 -1.00 39.00 20.91
N LYS C 43 -1.65 39.24 22.03
CA LYS C 43 -2.62 38.33 22.62
C LYS C 43 -3.97 38.35 21.93
N HIS C 44 -4.22 39.26 21.01
CA HIS C 44 -5.49 39.34 20.30
C HIS C 44 -5.26 39.37 18.80
N LEU C 45 -4.13 38.83 18.34
CA LEU C 45 -3.83 38.88 16.91
C LEU C 45 -4.93 38.27 16.06
N PRO C 46 -5.49 37.13 16.40
CA PRO C 46 -6.62 36.64 15.61
C PRO C 46 -7.70 37.69 15.43
N ASP C 47 -8.13 38.36 16.50
CA ASP C 47 -9.19 39.36 16.41
C ASP C 47 -8.73 40.61 15.67
N LEU C 48 -7.48 41.03 15.84
CA LEU C 48 -7.04 42.31 15.27
C LEU C 48 -6.73 42.21 13.76
N ILE C 49 -6.34 41.04 13.28
CA ILE C 49 -6.16 40.88 11.85
C ILE C 49 -7.51 40.80 11.13
N GLU C 50 -8.40 39.90 11.60
CA GLU C 50 -9.65 39.67 10.87
C GLU C 50 -10.50 40.94 10.78
N SER C 51 -10.36 41.85 11.76
CA SER C 51 -11.08 43.12 11.77
C SER C 51 -10.34 44.25 11.07
N GLY C 52 -9.13 44.02 10.55
CA GLY C 52 -8.35 45.05 9.91
C GLY C 52 -7.72 46.03 10.86
N GLN C 53 -7.93 45.84 12.15
CA GLN C 53 -7.47 46.77 13.15
C GLN C 53 -5.98 46.65 13.51
N LEU C 54 -5.31 45.54 13.15
CA LEU C 54 -3.96 45.27 13.66
C LEU C 54 -2.97 46.36 13.27
N ARG C 55 -2.92 46.74 12.01
CA ARG C 55 -1.90 47.69 11.62
C ARG C 55 -2.17 49.07 12.21
N GLU C 56 -3.44 49.45 12.36
CA GLU C 56 -3.77 50.71 13.00
C GLU C 56 -3.27 50.71 14.45
N ARG C 57 -3.37 49.58 15.13
CA ARG C 57 -3.05 49.59 16.55
C ARG C 57 -1.56 49.42 16.79
N VAL C 58 -0.81 48.94 15.82
CA VAL C 58 0.66 48.96 15.90
C VAL C 58 1.18 50.39 15.71
N GLU C 59 0.52 51.16 14.86
CA GLU C 59 0.98 52.50 14.55
C GLU C 59 0.54 53.54 15.59
N LYS C 60 -0.51 53.26 16.35
CA LYS C 60 -1.02 54.11 17.42
C LYS C 60 -0.32 53.85 18.74
N LEU C 61 0.96 53.52 18.67
CA LEU C 61 1.75 52.96 19.78
C LEU C 61 2.99 53.81 20.08
N ASN C 62 3.25 54.06 21.35
CA ASN C 62 4.46 54.81 21.70
C ASN C 62 5.73 53.93 21.59
N MET C 63 6.87 54.58 21.49
CA MET C 63 8.11 53.82 21.46
C MET C 63 8.51 53.52 22.89
N LEU C 64 8.67 52.24 23.21
CA LEU C 64 8.98 51.81 24.58
C LEU C 64 10.43 51.40 24.71
N SER C 65 11.11 51.93 25.71
CA SER C 65 12.49 51.47 25.88
C SER C 65 12.50 50.00 26.21
N ILE C 66 13.55 49.30 25.76
CA ILE C 66 13.68 47.91 26.20
C ILE C 66 14.42 47.80 27.53
N ASP C 67 14.76 48.93 28.15
CA ASP C 67 15.58 48.93 29.35
C ASP C 67 14.97 48.17 30.52
N HIS C 68 13.67 47.92 30.55
CA HIS C 68 13.06 47.26 31.69
C HIS C 68 12.85 45.76 31.51
N LEU C 69 13.40 45.18 30.45
CA LEU C 69 13.42 43.74 30.25
C LEU C 69 14.80 43.26 30.63
N THR C 70 14.94 42.76 31.88
CA THR C 70 16.28 42.65 32.49
C THR C 70 16.87 41.25 32.49
N ASP C 71 16.06 40.21 32.49
CA ASP C 71 16.51 38.84 32.59
C ASP C 71 16.19 38.10 31.30
N HIS C 72 16.66 36.87 31.22
CA HIS C 72 16.53 36.13 29.98
C HIS C 72 15.06 35.80 29.69
N LYS C 73 14.32 35.30 30.68
CA LYS C 73 12.95 34.91 30.42
C LYS C 73 12.08 36.10 30.00
N SER C 74 12.29 37.27 30.63
CA SER C 74 11.55 38.49 30.24
C SER C 74 11.84 38.84 28.79
N GLN C 75 13.09 38.70 28.38
CA GLN C 75 13.49 39.10 27.05
C GLN C 75 13.04 38.12 25.97
N ARG C 76 13.04 36.83 26.28
CA ARG C 76 12.61 35.86 25.29
C ARG C 76 11.13 36.02 25.00
N LEU C 77 10.33 36.26 26.05
CA LEU C 77 8.90 36.49 25.90
C LEU C 77 8.65 37.79 25.14
N ALA C 78 9.46 38.80 25.41
CA ALA C 78 9.34 40.05 24.70
C ALA C 78 9.67 39.85 23.22
N ARG C 79 10.64 38.99 22.91
CA ARG C 79 10.99 38.69 21.52
C ARG C 79 9.87 37.92 20.83
N LEU C 80 9.16 37.09 21.57
CA LEU C 80 8.01 36.38 21.05
C LEU C 80 6.86 37.33 20.76
N VAL C 81 6.57 38.25 21.71
CA VAL C 81 5.49 39.21 21.52
C VAL C 81 5.76 40.01 20.25
N LEU C 82 6.95 40.63 20.19
CA LEU C 82 7.28 41.51 19.08
C LEU C 82 7.51 40.74 17.77
N GLY C 83 8.00 39.52 17.83
CA GLY C 83 8.16 38.78 16.59
C GLY C 83 6.82 38.39 15.99
N CYS C 84 5.92 37.90 16.83
CA CYS C 84 4.56 37.63 16.39
C CYS C 84 3.83 38.88 15.87
N ILE C 85 3.97 40.01 16.54
CA ILE C 85 3.29 41.20 16.06
C ILE C 85 3.79 41.55 14.67
N THR C 86 5.13 41.47 14.44
CA THR C 86 5.73 41.86 13.18
C THR C 86 5.20 41.00 12.05
N MET C 87 5.23 39.68 12.22
CA MET C 87 4.76 38.83 11.15
C MET C 87 3.36 39.21 10.77
N ALA C 88 2.53 39.54 11.77
CA ALA C 88 1.18 40.04 11.50
C ALA C 88 1.20 41.40 10.82
N TYR C 89 2.18 42.24 11.15
CA TYR C 89 2.20 43.55 10.53
C TYR C 89 2.60 43.50 9.06
N VAL C 90 3.56 42.64 8.72
CA VAL C 90 4.08 42.59 7.35
C VAL C 90 3.07 41.91 6.42
N TRP C 91 2.49 40.81 6.87
CA TRP C 91 1.68 39.95 6.03
C TRP C 91 0.18 40.20 6.12
N GLY C 92 -0.31 40.94 7.12
CA GLY C 92 -1.71 41.35 7.11
C GLY C 92 -2.69 40.20 7.22
N LYS C 93 -3.75 40.21 6.39
CA LYS C 93 -4.77 39.16 6.43
C LYS C 93 -4.32 37.90 5.75
N GLY C 94 -3.09 37.95 5.19
CA GLY C 94 -2.34 36.85 4.61
C GLY C 94 -2.65 36.53 3.15
N HIS C 95 -2.86 37.57 2.32
CA HIS C 95 -3.34 37.34 0.95
C HIS C 95 -2.78 38.38 -0.05
N GLY C 96 -1.59 38.93 0.23
CA GLY C 96 -0.82 39.73 -0.70
C GLY C 96 -0.73 41.21 -0.37
N ASP C 97 -1.57 41.70 0.54
CA ASP C 97 -1.54 43.11 0.95
C ASP C 97 -0.48 43.17 2.03
N VAL C 98 0.76 43.34 1.61
CA VAL C 98 1.87 43.33 2.52
C VAL C 98 2.35 44.75 2.80
N ARG C 99 3.07 44.92 3.92
CA ARG C 99 3.73 46.18 4.27
C ARG C 99 5.23 46.02 4.11
N LYS C 100 5.84 46.91 3.32
CA LYS C 100 7.27 46.88 3.04
C LYS C 100 8.07 47.59 4.13
N VAL C 101 7.41 48.26 5.07
CA VAL C 101 8.08 49.06 6.11
C VAL C 101 7.51 48.75 7.48
N LEU C 102 8.40 48.34 8.41
CA LEU C 102 8.05 48.15 9.82
C LEU C 102 8.19 49.47 10.60
N PRO C 103 7.15 49.94 11.27
CA PRO C 103 7.17 51.31 11.83
C PRO C 103 8.20 51.52 12.94
N ARG C 104 8.73 52.73 12.97
CA ARG C 104 9.81 53.13 13.88
C ARG C 104 9.60 52.66 15.32
N ASN C 105 8.39 52.88 15.86
CA ASN C 105 8.12 52.73 17.28
C ASN C 105 8.02 51.27 17.72
N ILE C 106 8.03 50.34 16.76
CA ILE C 106 8.12 48.91 17.08
C ILE C 106 9.42 48.29 16.57
N ALA C 107 9.94 48.80 15.45
CA ALA C 107 11.09 48.17 14.80
C ALA C 107 12.38 48.40 15.59
N VAL C 108 12.56 49.63 16.10
CA VAL C 108 13.77 49.96 16.85
C VAL C 108 13.89 49.11 18.11
N PRO C 109 12.89 49.03 19.01
CA PRO C 109 13.04 48.17 20.20
C PRO C 109 13.20 46.69 19.87
N TYR C 110 12.60 46.21 18.77
CA TYR C 110 12.74 44.82 18.35
C TYR C 110 14.16 44.50 17.88
N CYS C 111 14.76 45.42 17.11
CA CYS C 111 16.14 45.22 16.69
C CYS C 111 17.07 45.38 17.88
N GLN C 112 16.76 46.34 18.76
CA GLN C 112 17.56 46.51 19.96
C GLN C 112 17.50 45.25 20.80
N LEU C 113 16.29 44.68 20.91
CA LEU C 113 16.11 43.50 21.72
C LEU C 113 16.71 42.28 21.06
N SER C 114 16.70 42.23 19.72
CA SER C 114 17.27 41.12 18.97
C SER C 114 18.79 41.16 18.97
N LYS C 115 19.38 42.35 18.83
CA LYS C 115 20.82 42.47 18.99
C LYS C 115 21.26 41.97 20.38
N LYS C 116 20.50 42.31 21.42
CA LYS C 116 20.88 41.91 22.78
C LYS C 116 20.94 40.40 22.88
N LEU C 117 19.98 39.74 22.24
CA LEU C 117 19.93 38.30 22.25
C LEU C 117 20.71 37.63 21.12
N GLU C 118 21.37 38.39 20.24
CA GLU C 118 22.19 37.83 19.13
C GLU C 118 21.30 36.94 18.25
N LEU C 119 20.11 37.42 17.93
CA LEU C 119 19.20 36.78 16.98
C LEU C 119 18.78 37.78 15.91
N PRO C 120 18.34 37.29 14.75
CA PRO C 120 17.87 38.21 13.69
C PRO C 120 16.48 38.72 13.98
N PRO C 121 16.15 39.98 13.51
CA PRO C 121 14.84 40.62 13.78
C PRO C 121 13.72 40.06 12.94
N ILE C 122 13.37 38.80 13.27
CA ILE C 122 12.30 38.05 12.63
C ILE C 122 11.95 36.91 13.54
N LEU C 123 10.69 36.48 13.49
CA LEU C 123 10.27 35.37 14.34
C LEU C 123 11.05 34.08 14.01
N VAL C 124 11.50 33.37 15.05
CA VAL C 124 12.18 32.09 14.80
C VAL C 124 11.64 31.02 15.74
N TYR C 125 12.00 29.78 15.40
CA TYR C 125 11.65 28.62 16.23
C TYR C 125 11.95 28.89 17.72
N ALA C 126 13.08 29.54 18.01
CA ALA C 126 13.39 29.77 19.43
C ALA C 126 12.37 30.68 20.08
N ASP C 127 11.68 31.49 19.28
CA ASP C 127 10.56 32.27 19.79
C ASP C 127 9.29 31.42 19.86
N CYS C 128 8.69 31.05 18.72
CA CYS C 128 7.32 30.54 18.77
C CYS C 128 7.21 29.06 19.03
N VAL C 129 8.33 28.37 19.32
CA VAL C 129 8.22 27.02 19.87
C VAL C 129 8.93 26.94 21.23
N LEU C 130 10.22 27.23 21.24
CA LEU C 130 10.99 26.98 22.47
C LEU C 130 10.51 27.84 23.65
N ALA C 131 10.04 29.07 23.40
CA ALA C 131 9.59 30.01 24.45
C ALA C 131 8.08 30.22 24.56
N ASN C 132 7.26 29.39 23.90
CA ASN C 132 5.86 29.70 23.62
C ASN C 132 4.94 28.56 24.01
N TRP C 133 5.06 28.16 25.27
CA TRP C 133 4.27 27.11 25.85
C TRP C 133 4.06 27.39 27.35
N LYS C 134 3.01 26.76 27.90
CA LYS C 134 2.66 26.80 29.29
C LYS C 134 2.15 25.43 29.64
N LYS C 135 2.25 25.04 30.91
CA LYS C 135 1.45 23.91 31.35
C LYS C 135 0.04 24.37 31.68
N LYS C 136 -0.92 23.47 31.52
CA LYS C 136 -2.25 23.75 32.02
C LYS C 136 -2.34 23.55 33.55
N ASP C 137 -1.86 22.41 34.05
CA ASP C 137 -1.86 22.06 35.46
C ASP C 137 -0.47 21.56 35.86
N PRO C 138 0.19 22.17 36.86
CA PRO C 138 1.57 21.76 37.21
C PRO C 138 1.70 20.37 37.84
N ASN C 139 0.61 19.75 38.32
CA ASN C 139 0.72 18.42 38.90
C ASN C 139 0.84 17.30 37.87
N LYS C 140 0.49 17.55 36.60
CA LYS C 140 0.57 16.52 35.57
C LYS C 140 1.71 16.78 34.57
N PRO C 141 2.13 15.78 33.79
CA PRO C 141 3.35 15.90 32.99
C PRO C 141 3.12 16.67 31.71
N LEU C 142 4.19 16.76 30.92
CA LEU C 142 4.21 17.49 29.65
C LEU C 142 3.68 16.59 28.57
N THR C 143 2.37 16.67 28.37
CA THR C 143 1.70 15.99 27.27
C THR C 143 0.79 17.00 26.56
N TYR C 144 0.40 16.67 25.33
CA TYR C 144 -0.39 17.62 24.54
C TYR C 144 -1.64 18.07 25.32
N GLU C 145 -2.24 17.12 26.04
CA GLU C 145 -3.47 17.35 26.77
C GLU C 145 -3.28 18.28 27.96
N ASN C 146 -2.06 18.42 28.48
CA ASN C 146 -1.78 19.32 29.59
C ASN C 146 -0.91 20.53 29.18
N MET C 147 -0.89 20.89 27.89
CA MET C 147 -0.03 21.98 27.41
C MET C 147 -0.86 22.94 26.58
N ASP C 148 -0.30 24.12 26.35
CA ASP C 148 -0.93 25.11 25.50
C ASP C 148 0.16 26.09 25.05
N VAL C 149 -0.13 26.77 23.95
CA VAL C 149 0.75 27.81 23.47
C VAL C 149 0.27 29.15 24.02
N LEU C 150 1.17 30.12 23.99
CA LEU C 150 0.91 31.48 24.41
C LEU C 150 0.40 32.41 23.30
N PHE C 151 0.79 32.20 22.05
CA PHE C 151 0.44 33.14 20.99
C PHE C 151 0.12 32.39 19.72
N SER C 152 -0.97 32.78 19.06
CA SER C 152 -1.45 32.25 17.79
C SER C 152 -1.56 33.40 16.80
N PHE C 153 -1.75 33.07 15.53
CA PHE C 153 -1.94 34.13 14.52
C PHE C 153 -3.42 34.31 14.14
N ARG C 154 -4.12 33.22 13.81
CA ARG C 154 -5.50 33.30 13.33
C ARG C 154 -6.29 32.14 13.89
N ASP C 155 -7.55 32.38 14.19
CA ASP C 155 -8.41 31.26 14.50
C ASP C 155 -8.35 30.25 13.36
N GLY C 156 -8.08 28.99 13.71
CA GLY C 156 -8.01 27.92 12.74
C GLY C 156 -6.69 27.74 12.04
N ASP C 157 -5.64 28.49 12.44
CA ASP C 157 -4.28 28.33 11.93
C ASP C 157 -3.57 27.07 12.41
N CYS C 158 -4.10 26.34 13.38
CA CYS C 158 -3.42 25.18 13.92
C CYS C 158 -2.07 25.58 14.52
N SER C 159 -1.95 26.83 14.94
CA SER C 159 -0.76 27.31 15.66
C SER C 159 -0.43 26.38 16.83
N LYS C 160 -1.43 26.08 17.65
CA LYS C 160 -1.22 25.20 18.81
C LYS C 160 -0.62 23.87 18.38
N GLY C 161 -1.28 23.17 17.46
CA GLY C 161 -0.86 21.82 17.10
C GLY C 161 0.53 21.78 16.50
N PHE C 162 0.79 22.68 15.59
CA PHE C 162 2.08 22.65 14.94
C PHE C 162 3.19 23.01 15.90
N PHE C 163 2.96 23.95 16.81
CA PHE C 163 4.02 24.35 17.74
C PHE C 163 4.23 23.28 18.81
N LEU C 164 3.13 22.73 19.34
CA LEU C 164 3.23 21.81 20.46
C LEU C 164 3.77 20.44 20.07
N VAL C 165 3.42 19.94 18.88
CA VAL C 165 4.01 18.69 18.45
C VAL C 165 5.49 18.94 18.14
N SER C 166 5.85 20.13 17.65
CA SER C 166 7.26 20.47 17.52
C SER C 166 7.94 20.42 18.88
N LEU C 167 7.35 21.12 19.85
CA LEU C 167 7.95 21.23 21.16
C LEU C 167 8.10 19.86 21.82
N LEU C 168 7.12 18.99 21.59
CA LEU C 168 7.17 17.64 22.13
C LEU C 168 8.29 16.81 21.50
N VAL C 169 8.73 17.15 20.30
CA VAL C 169 9.88 16.47 19.74
C VAL C 169 11.12 16.91 20.48
N GLU C 170 11.18 18.19 20.77
CA GLU C 170 12.25 18.74 21.55
C GLU C 170 12.29 18.09 22.94
N ILE C 171 11.12 17.86 23.54
CA ILE C 171 11.11 17.25 24.85
C ILE C 171 11.54 15.78 24.79
N ALA C 172 11.08 15.06 23.77
CA ALA C 172 11.51 13.67 23.56
C ALA C 172 13.02 13.59 23.33
N ALA C 173 13.58 14.58 22.65
CA ALA C 173 15.01 14.59 22.38
C ALA C 173 15.81 14.81 23.67
N ALA C 174 15.29 15.60 24.58
CA ALA C 174 16.02 15.83 25.81
C ALA C 174 16.31 14.50 26.53
N SER C 175 15.46 13.50 26.33
CA SER C 175 15.70 12.21 26.95
C SER C 175 16.99 11.60 26.45
N ALA C 176 17.33 11.88 25.20
CA ALA C 176 18.55 11.38 24.58
C ALA C 176 19.73 12.32 24.77
N ILE C 177 19.53 13.61 24.66
CA ILE C 177 20.61 14.56 24.86
C ILE C 177 21.17 14.46 26.28
N LYS C 178 20.31 14.19 27.27
CA LYS C 178 20.80 14.11 28.63
C LYS C 178 21.70 12.90 28.82
N VAL C 179 21.78 12.03 27.82
CA VAL C 179 22.68 10.88 27.81
C VAL C 179 24.08 11.24 27.31
N ILE C 180 24.22 12.39 26.64
CA ILE C 180 25.47 12.70 25.95
C ILE C 180 26.66 12.80 26.89
N PRO C 181 26.56 13.40 28.08
CA PRO C 181 27.77 13.44 28.93
C PRO C 181 28.29 12.04 29.30
N THR C 182 27.37 11.09 29.40
CA THR C 182 27.74 9.70 29.64
C THR C 182 28.55 9.11 28.48
N VAL C 183 28.25 9.54 27.25
CA VAL C 183 28.95 8.97 26.08
C VAL C 183 30.41 9.33 26.16
N PHE C 184 30.69 10.60 26.36
CA PHE C 184 32.04 11.09 26.30
C PHE C 184 32.90 10.55 27.45
N LYS C 185 32.32 10.35 28.63
CA LYS C 185 33.11 9.80 29.71
C LYS C 185 33.81 8.51 29.22
N ALA C 186 33.03 7.63 28.61
CA ALA C 186 33.59 6.45 28.02
C ALA C 186 34.41 6.78 26.74
N ASP C 193 32.28 -0.55 26.62
CA ASP C 193 31.19 -1.37 27.16
C ASP C 193 30.09 -0.53 27.88
N THR C 194 30.45 0.52 28.64
CA THR C 194 29.44 1.44 29.17
C THR C 194 28.85 2.29 28.04
N LEU C 195 29.62 2.43 26.96
CA LEU C 195 29.12 3.11 25.80
C LEU C 195 27.95 2.34 25.17
N LEU C 196 27.93 1.00 25.24
CA LEU C 196 26.81 0.30 24.60
C LEU C 196 25.47 0.70 25.22
N LYS C 197 25.35 0.69 26.55
CA LYS C 197 24.06 1.03 27.14
C LYS C 197 23.67 2.46 26.78
N ALA C 198 24.65 3.36 26.68
CA ALA C 198 24.34 4.77 26.43
C ALA C 198 23.85 5.01 25.01
N LEU C 199 24.43 4.32 24.02
CA LEU C 199 24.00 4.47 22.63
C LEU C 199 22.63 3.84 22.43
N LEU C 200 22.41 2.68 23.02
CA LEU C 200 21.13 2.01 22.84
C LEU C 200 19.99 2.88 23.34
N GLU C 201 20.22 3.65 24.43
CA GLU C 201 19.18 4.52 24.98
C GLU C 201 18.98 5.73 24.07
N ILE C 202 20.05 6.21 23.47
CA ILE C 202 19.89 7.24 22.45
C ILE C 202 19.04 6.70 21.29
N ALA C 203 19.35 5.48 20.82
CA ALA C 203 18.54 4.89 19.76
C ALA C 203 17.08 4.78 20.20
N SER C 204 16.84 4.16 21.35
CA SER C 204 15.48 4.02 21.91
C SER C 204 14.79 5.37 22.14
N CYS C 205 15.54 6.44 22.42
CA CYS C 205 14.96 7.77 22.62
C CYS C 205 14.64 8.45 21.28
N LEU C 206 15.49 8.20 20.28
CA LEU C 206 15.27 8.72 18.92
C LEU C 206 14.06 8.04 18.29
N GLU C 207 13.79 6.79 18.70
CA GLU C 207 12.62 6.03 18.25
C GLU C 207 11.33 6.57 18.88
N LYS C 208 11.42 7.12 20.10
CA LYS C 208 10.25 7.75 20.71
C LYS C 208 9.95 9.07 20.05
N ALA C 209 10.98 9.80 19.65
CA ALA C 209 10.72 11.07 19.00
C ALA C 209 9.98 10.83 17.70
N LEU C 210 10.30 9.73 17.02
CA LEU C 210 9.55 9.40 15.83
C LEU C 210 8.06 9.22 16.15
N GLN C 211 7.76 8.65 17.31
CA GLN C 211 6.36 8.44 17.65
C GLN C 211 5.66 9.78 17.89
N VAL C 212 6.42 10.83 18.22
CA VAL C 212 5.87 12.17 18.36
C VAL C 212 5.54 12.73 16.99
N PHE C 213 6.45 12.55 16.02
CA PHE C 213 6.15 13.00 14.66
C PHE C 213 4.77 12.53 14.24
N HIS C 214 4.38 11.32 14.66
CA HIS C 214 3.07 10.80 14.30
C HIS C 214 1.96 11.72 14.78
N GLN C 215 2.19 12.49 15.85
CA GLN C 215 1.13 13.25 16.48
C GLN C 215 0.67 14.46 15.68
N ILE C 216 1.48 14.93 14.73
CA ILE C 216 1.11 16.09 13.93
C ILE C 216 -0.25 15.92 13.23
N HIS C 217 -0.60 14.69 12.82
CA HIS C 217 -1.84 14.45 12.06
C HIS C 217 -3.11 14.72 12.85
N ASP C 218 -3.08 14.57 14.16
CA ASP C 218 -4.24 14.73 15.01
C ASP C 218 -4.46 16.16 15.46
N HIS C 219 -3.51 17.05 15.21
CA HIS C 219 -3.58 18.44 15.65
C HIS C 219 -3.28 19.45 14.53
N VAL C 220 -2.83 19.02 13.34
CA VAL C 220 -2.49 19.94 12.27
C VAL C 220 -3.21 19.57 11.00
N ASN C 221 -3.87 20.55 10.41
CA ASN C 221 -4.67 20.39 9.20
C ASN C 221 -3.87 20.86 7.98
N PRO C 222 -3.70 20.04 6.94
CA PRO C 222 -2.83 20.47 5.83
C PRO C 222 -3.24 21.77 5.18
N LYS C 223 -4.51 21.93 4.85
CA LYS C 223 -4.96 23.17 4.24
C LYS C 223 -4.73 24.35 5.19
N ALA C 224 -5.08 24.17 6.46
CA ALA C 224 -4.87 25.19 7.47
C ALA C 224 -3.40 25.57 7.62
N PHE C 225 -2.48 24.59 7.67
CA PHE C 225 -1.05 24.88 7.79
C PHE C 225 -0.50 25.60 6.57
N PHE C 226 -0.79 25.05 5.38
CA PHE C 226 -0.15 25.54 4.17
C PHE C 226 -0.63 26.93 3.79
N SER C 227 -1.94 27.22 3.90
CA SER C 227 -2.47 28.51 3.43
C SER C 227 -2.61 29.55 4.54
N VAL C 228 -2.43 29.19 5.80
CA VAL C 228 -2.53 30.23 6.82
C VAL C 228 -1.25 30.32 7.62
N LEU C 229 -1.08 29.40 8.55
CA LEU C 229 0.07 29.41 9.44
C LEU C 229 1.40 29.54 8.68
N ARG C 230 1.51 28.90 7.50
CA ARG C 230 2.74 29.01 6.70
C ARG C 230 3.02 30.44 6.23
N ILE C 231 1.98 31.25 6.04
CA ILE C 231 2.17 32.61 5.53
C ILE C 231 2.85 33.47 6.58
N TYR C 232 2.41 33.35 7.84
CA TYR C 232 2.93 34.17 8.90
C TYR C 232 4.28 33.68 9.42
N LEU C 233 4.73 32.46 9.08
CA LEU C 233 6.10 32.07 9.40
C LEU C 233 7.07 32.36 8.26
N SER C 234 6.55 32.84 7.13
CA SER C 234 7.37 33.16 5.98
C SER C 234 8.19 34.41 6.26
N GLY C 235 9.42 34.43 5.74
CA GLY C 235 10.31 35.56 5.88
C GLY C 235 10.38 36.41 4.63
N TRP C 236 11.48 37.17 4.54
CA TRP C 236 11.76 38.05 3.41
C TRP C 236 13.23 37.93 3.02
N LYS C 237 13.73 36.71 2.79
CA LYS C 237 15.04 36.53 2.15
C LYS C 237 14.73 35.84 0.83
N GLY C 238 15.00 36.53 -0.26
CA GLY C 238 14.68 35.94 -1.54
C GLY C 238 13.19 35.69 -1.69
N ASN C 239 12.35 36.61 -1.20
CA ASN C 239 10.91 36.49 -1.38
C ASN C 239 10.48 37.50 -2.43
N PRO C 240 9.86 37.08 -3.52
CA PRO C 240 9.44 38.08 -4.52
C PRO C 240 8.44 39.11 -3.98
N GLN C 241 7.73 38.82 -2.88
CA GLN C 241 6.77 39.78 -2.34
C GLN C 241 7.45 40.95 -1.64
N LEU C 242 8.67 40.76 -1.15
CA LEU C 242 9.49 41.84 -0.62
C LEU C 242 10.88 41.67 -1.24
N SER C 243 10.98 41.97 -2.54
CA SER C 243 12.16 41.57 -3.31
C SER C 243 13.44 42.02 -2.62
N ASP C 244 13.43 43.20 -2.01
CA ASP C 244 14.63 43.83 -1.51
C ASP C 244 14.76 43.73 0.01
N GLY C 245 13.85 43.01 0.66
CA GLY C 245 13.86 42.88 2.11
C GLY C 245 12.83 43.75 2.80
N LEU C 246 13.01 43.86 4.11
CA LEU C 246 12.12 44.62 4.98
C LEU C 246 12.84 45.84 5.52
N VAL C 247 12.15 46.98 5.55
CA VAL C 247 12.72 48.20 6.12
C VAL C 247 12.43 48.25 7.60
N TYR C 248 13.46 48.16 8.41
CA TYR C 248 13.24 48.26 9.85
C TYR C 248 13.43 49.72 10.17
N GLU C 249 12.33 50.46 10.04
CA GLU C 249 12.38 51.90 10.16
C GLU C 249 13.05 52.30 11.45
N GLY C 250 14.01 53.20 11.35
CA GLY C 250 14.68 53.79 12.49
C GLY C 250 15.92 53.09 12.97
N PHE C 251 16.23 51.92 12.43
CA PHE C 251 17.43 51.17 12.82
C PHE C 251 18.43 50.99 11.69
N TRP C 252 17.97 50.64 10.49
CA TRP C 252 18.73 50.62 9.25
C TRP C 252 18.01 51.44 8.20
N GLU C 253 18.74 52.24 7.41
CA GLU C 253 18.07 53.00 6.35
C GLU C 253 17.65 52.11 5.18
N ASP C 254 18.34 51.01 4.95
CA ASP C 254 18.18 50.01 3.92
C ASP C 254 17.28 48.85 4.35
N PRO C 255 16.53 48.26 3.44
CA PRO C 255 15.83 47.01 3.78
C PRO C 255 16.83 45.88 3.96
N LYS C 256 16.47 44.92 4.80
CA LYS C 256 17.31 43.79 5.13
C LYS C 256 16.53 42.50 4.95
N GLU C 257 17.25 41.47 4.49
CA GLU C 257 16.69 40.15 4.30
C GLU C 257 16.93 39.28 5.54
N PHE C 258 15.87 38.57 5.93
CA PHE C 258 15.98 37.51 6.90
C PHE C 258 14.95 36.50 6.48
N ALA C 259 15.31 35.21 6.59
CA ALA C 259 14.45 34.09 6.26
C ALA C 259 13.53 33.73 7.41
N GLY C 260 12.46 33.00 7.08
CA GLY C 260 11.61 32.42 8.10
C GLY C 260 11.82 30.92 8.34
N GLY C 261 11.03 30.42 9.26
CA GLY C 261 10.65 29.02 9.36
C GLY C 261 11.70 27.95 9.22
N SER C 262 11.28 26.77 8.77
CA SER C 262 12.15 25.62 8.53
C SER C 262 12.28 24.75 9.77
N ALA C 263 12.08 23.44 9.63
CA ALA C 263 12.54 22.51 10.65
C ALA C 263 14.04 22.61 10.85
N GLY C 264 14.74 23.30 9.97
CA GLY C 264 16.15 23.50 10.13
C GLY C 264 16.54 24.45 11.23
N GLN C 265 15.59 25.20 11.78
CA GLN C 265 15.91 26.07 12.90
C GLN C 265 16.05 25.28 14.21
N SER C 266 15.48 24.09 14.27
CA SER C 266 15.74 23.21 15.40
C SER C 266 17.19 22.73 15.43
N SER C 267 17.72 22.60 16.62
CA SER C 267 19.02 21.97 16.80
C SER C 267 18.94 20.45 16.93
N VAL C 268 17.75 19.86 17.01
CA VAL C 268 17.67 18.44 17.36
C VAL C 268 18.41 17.59 16.36
N PHE C 269 18.14 17.82 15.08
CA PHE C 269 18.74 17.03 14.02
C PHE C 269 20.25 17.30 13.88
N GLN C 270 20.69 18.56 13.91
CA GLN C 270 22.13 18.73 13.78
C GLN C 270 22.88 18.09 14.97
N CYS C 271 22.31 18.16 16.18
CA CYS C 271 22.93 17.57 17.35
C CYS C 271 23.25 16.11 17.07
N PHE C 272 22.27 15.33 16.60
CA PHE C 272 22.58 13.92 16.51
C PHE C 272 23.34 13.53 15.24
N ASP C 273 23.29 14.33 14.16
CA ASP C 273 24.27 14.17 13.12
C ASP C 273 25.69 14.34 13.68
N VAL C 274 25.93 15.42 14.42
CA VAL C 274 27.28 15.70 14.90
C VAL C 274 27.72 14.66 15.93
N LEU C 275 26.82 14.27 16.82
CA LEU C 275 27.19 13.26 17.81
C LEU C 275 27.67 12.00 17.12
N LEU C 276 26.84 11.44 16.26
CA LEU C 276 27.12 10.20 15.56
C LEU C 276 28.18 10.38 14.48
N GLY C 277 28.70 11.60 14.36
CA GLY C 277 29.75 11.83 13.40
C GLY C 277 29.27 11.79 11.97
N ILE C 278 28.02 12.18 11.72
CA ILE C 278 27.52 12.21 10.35
C ILE C 278 27.97 13.54 9.77
N GLN C 279 28.95 13.49 8.88
CA GLN C 279 29.51 14.68 8.29
C GLN C 279 28.77 14.90 6.97
N GLN C 280 27.92 15.92 6.95
CA GLN C 280 27.01 16.21 5.86
C GLN C 280 27.71 16.85 4.67
N HIS C 286 27.91 23.26 -0.57
CA HIS C 286 26.82 24.16 -0.93
C HIS C 286 25.58 23.70 -0.23
N ALA C 287 25.72 22.66 0.56
CA ALA C 287 24.69 22.20 1.46
C ALA C 287 25.15 22.26 2.92
N ALA C 288 26.41 21.92 3.17
CA ALA C 288 26.97 22.15 4.49
C ALA C 288 26.97 23.63 4.79
N GLN C 289 27.12 24.46 3.76
CA GLN C 289 27.06 25.91 3.97
C GLN C 289 25.68 26.31 4.51
N PHE C 290 24.62 25.67 4.00
CA PHE C 290 23.27 26.02 4.43
C PHE C 290 22.99 25.54 5.85
N LEU C 291 23.38 24.31 6.17
CA LEU C 291 23.20 23.87 7.54
C LEU C 291 24.02 24.74 8.48
N GLN C 292 25.16 25.22 8.03
CA GLN C 292 25.89 26.16 8.85
C GLN C 292 25.07 27.44 9.05
N ASP C 293 24.53 28.00 7.96
CA ASP C 293 23.81 29.25 8.02
C ASP C 293 22.61 29.13 8.97
N MET C 294 21.93 27.98 8.94
CA MET C 294 20.79 27.78 9.81
C MET C 294 21.12 28.07 11.27
N ARG C 295 22.38 27.84 11.68
CA ARG C 295 22.74 27.98 13.06
C ARG C 295 22.60 29.40 13.54
N ARG C 296 22.73 30.37 12.62
CA ARG C 296 22.56 31.77 12.96
C ARG C 296 21.14 32.09 13.47
N TYR C 297 20.16 31.27 13.10
CA TYR C 297 18.78 31.48 13.55
C TYR C 297 18.48 30.68 14.78
N MET C 298 19.51 29.91 15.25
CA MET C 298 19.44 29.19 16.50
C MET C 298 19.97 30.12 17.61
N PRO C 299 19.56 29.90 18.87
CA PRO C 299 20.10 30.71 20.00
C PRO C 299 21.60 30.58 20.12
N PRO C 300 22.30 31.65 20.56
CA PRO C 300 23.77 31.61 20.60
C PRO C 300 24.38 30.51 21.46
N ALA C 301 23.87 30.23 22.67
CA ALA C 301 24.42 29.15 23.49
C ALA C 301 24.24 27.79 22.80
N HIS C 302 23.15 27.65 22.05
CA HIS C 302 22.90 26.40 21.35
C HIS C 302 23.85 26.22 20.16
N ARG C 303 24.22 27.28 19.51
CA ARG C 303 25.17 27.15 18.43
C ARG C 303 26.58 26.92 18.94
N ASN C 304 26.89 27.36 20.16
CA ASN C 304 28.09 26.90 20.84
C ASN C 304 28.02 25.41 21.10
N PHE C 305 26.88 24.92 21.57
CA PHE C 305 26.81 23.51 21.91
C PHE C 305 27.07 22.67 20.66
N LEU C 306 26.42 23.00 19.54
CA LEU C 306 26.62 22.20 18.34
C LEU C 306 28.07 22.24 17.84
N CYS C 307 28.79 23.31 18.12
CA CYS C 307 30.18 23.34 17.73
C CYS C 307 31.07 22.64 18.77
N SER C 308 30.83 22.86 20.06
CA SER C 308 31.59 22.18 21.10
C SER C 308 31.51 20.66 20.96
N LEU C 309 30.45 20.15 20.33
CA LEU C 309 30.27 18.69 20.23
C LEU C 309 31.27 18.04 19.26
N GLU C 310 31.54 18.65 18.09
CA GLU C 310 32.58 18.14 17.20
C GLU C 310 33.98 18.28 17.79
N SER C 311 34.19 19.13 18.79
CA SER C 311 35.50 19.28 19.40
C SER C 311 35.79 18.20 20.44
N ASN C 312 34.82 17.36 20.78
CA ASN C 312 34.94 16.24 21.71
C ASN C 312 35.42 15.00 20.96
N PRO C 313 35.92 13.98 21.67
CA PRO C 313 36.31 12.73 20.99
C PRO C 313 35.17 12.17 20.17
N SER C 314 35.52 11.60 19.04
CA SER C 314 34.55 11.05 18.09
C SER C 314 34.01 9.70 18.52
N VAL C 315 32.70 9.62 18.66
CA VAL C 315 32.02 8.34 18.82
C VAL C 315 32.28 7.44 17.59
N ARG C 316 32.20 7.98 16.38
CA ARG C 316 32.37 7.13 15.20
C ARG C 316 33.77 6.54 15.15
N GLU C 317 34.81 7.39 15.36
CA GLU C 317 36.18 6.89 15.39
C GLU C 317 36.35 5.86 16.49
N PHE C 318 35.59 5.99 17.59
CA PHE C 318 35.72 5.11 18.74
C PHE C 318 35.14 3.71 18.48
N VAL C 319 33.98 3.61 17.85
CA VAL C 319 33.43 2.28 17.55
C VAL C 319 34.20 1.59 16.42
N LEU C 320 34.70 2.35 15.44
CA LEU C 320 35.48 1.77 14.34
C LEU C 320 36.86 1.29 14.80
N SER C 321 37.55 2.04 15.68
CA SER C 321 38.85 1.59 16.16
C SER C 321 38.72 0.31 16.97
N LYS C 322 37.53 0.04 17.50
CA LYS C 322 37.23 -1.18 18.23
C LYS C 322 36.85 -2.28 17.25
N GLY C 326 30.96 -5.52 17.93
CA GLY C 326 29.67 -5.63 18.61
C GLY C 326 28.96 -4.29 18.78
N LEU C 327 29.72 -3.26 19.13
CA LEU C 327 29.21 -1.89 19.20
C LEU C 327 28.82 -1.33 17.84
N ARG C 328 29.25 -1.94 16.75
CA ARG C 328 28.85 -1.41 15.46
C ARG C 328 27.34 -1.48 15.29
N GLU C 329 26.72 -2.55 15.77
CA GLU C 329 25.27 -2.65 15.63
C GLU C 329 24.54 -1.59 16.47
N ALA C 330 25.07 -1.20 17.64
CA ALA C 330 24.38 -0.23 18.48
C ALA C 330 24.45 1.17 17.90
N TYR C 331 25.63 1.57 17.42
CA TYR C 331 25.78 2.84 16.72
C TYR C 331 24.87 2.88 15.50
N ASP C 332 24.82 1.80 14.72
CA ASP C 332 23.95 1.76 13.54
C ASP C 332 22.48 1.99 13.91
N ALA C 333 22.07 1.49 15.09
CA ALA C 333 20.69 1.65 15.54
C ALA C 333 20.32 3.13 15.73
N CYS C 334 21.28 3.95 16.17
CA CYS C 334 21.02 5.38 16.26
C CYS C 334 20.85 5.95 14.87
N VAL C 335 21.78 5.61 13.98
CA VAL C 335 21.68 6.03 12.60
C VAL C 335 20.39 5.51 11.98
N LYS C 336 20.06 4.23 12.20
CA LYS C 336 18.80 3.73 11.66
C LYS C 336 17.63 4.56 12.20
N ALA C 337 17.64 4.83 13.51
CA ALA C 337 16.62 5.68 14.09
C ALA C 337 16.61 7.06 13.47
N LEU C 338 17.77 7.54 13.08
CA LEU C 338 17.87 8.85 12.49
C LEU C 338 17.30 8.87 11.06
N VAL C 339 17.53 7.82 10.25
CA VAL C 339 16.97 7.82 8.90
C VAL C 339 15.46 7.73 8.95
N SER C 340 14.92 7.01 9.94
CA SER C 340 13.48 6.90 10.05
C SER C 340 12.88 8.30 10.24
N LEU C 341 13.49 9.08 11.15
CA LEU C 341 13.04 10.45 11.40
C LEU C 341 13.15 11.31 10.15
N ARG C 342 14.24 11.16 9.43
CA ARG C 342 14.42 11.92 8.22
C ARG C 342 13.48 11.42 7.12
N SER C 343 13.12 10.13 7.12
CA SER C 343 12.06 9.69 6.22
C SER C 343 10.75 10.38 6.56
N TYR C 344 10.36 10.35 7.83
CA TYR C 344 9.03 10.83 8.19
C TYR C 344 8.92 12.34 7.97
N HIS C 345 10.04 13.05 8.14
CA HIS C 345 10.12 14.45 7.78
C HIS C 345 9.73 14.64 6.32
N LEU C 346 10.37 13.90 5.42
CA LEU C 346 9.97 13.92 4.01
C LEU C 346 8.48 13.71 3.84
N GLN C 347 7.93 12.67 4.49
CA GLN C 347 6.50 12.38 4.34
C GLN C 347 5.62 13.50 4.87
N ILE C 348 6.09 14.24 5.90
CA ILE C 348 5.34 15.39 6.39
C ILE C 348 5.37 16.52 5.35
N VAL C 349 6.53 16.73 4.70
CA VAL C 349 6.61 17.76 3.66
C VAL C 349 5.64 17.43 2.53
N THR C 350 5.51 16.16 2.21
CA THR C 350 4.57 15.73 1.18
C THR C 350 3.14 16.08 1.55
N LYS C 351 2.73 15.78 2.79
CA LYS C 351 1.34 16.02 3.18
C LYS C 351 1.07 17.50 3.36
N TYR C 352 2.01 18.25 3.95
CA TYR C 352 1.72 19.57 4.46
C TYR C 352 2.20 20.67 3.53
N ILE C 353 2.90 20.33 2.46
CA ILE C 353 3.37 21.35 1.52
C ILE C 353 3.11 20.96 0.07
N LEU C 354 3.50 19.74 -0.32
CA LEU C 354 3.61 19.43 -1.75
C LEU C 354 2.25 19.29 -2.38
N ILE C 355 1.36 18.61 -1.67
CA ILE C 355 -0.01 18.29 -2.08
C ILE C 355 -0.89 19.53 -1.94
N PRO C 356 -0.90 20.22 -0.81
CA PRO C 356 -1.69 21.45 -0.73
C PRO C 356 -1.22 22.54 -1.68
N ALA C 357 0.06 22.51 -2.07
CA ALA C 357 0.56 23.48 -3.03
C ALA C 357 0.03 23.24 -4.45
N SER C 358 -0.11 21.98 -4.88
CA SER C 358 -0.68 21.73 -6.21
C SER C 358 -2.20 21.61 -6.21
N GLN C 359 -2.88 21.90 -5.09
CA GLN C 359 -4.36 21.76 -5.01
C GLN C 359 -5.09 23.11 -5.12
N ASP C 382 12.93 20.31 -5.07
CA ASP C 382 12.31 21.36 -4.28
C ASP C 382 13.09 21.50 -2.93
N LEU C 383 12.37 21.52 -1.78
CA LEU C 383 12.96 21.23 -0.47
C LEU C 383 13.16 19.74 -0.28
N MET C 384 12.48 18.94 -1.12
CA MET C 384 12.55 17.49 -1.07
C MET C 384 13.92 16.95 -1.48
N ASN C 385 14.54 17.54 -2.48
CA ASN C 385 15.84 17.05 -2.92
C ASN C 385 16.90 17.25 -1.85
N PHE C 386 16.86 18.38 -1.16
CA PHE C 386 17.79 18.61 -0.06
C PHE C 386 17.60 17.58 1.04
N LEU C 387 16.33 17.28 1.37
CA LEU C 387 16.01 16.35 2.43
C LEU C 387 16.37 14.93 2.06
N LYS C 388 16.09 14.53 0.82
CA LYS C 388 16.49 13.22 0.33
C LYS C 388 18.00 13.05 0.41
N THR C 389 18.75 14.12 0.09
CA THR C 389 20.21 14.04 0.13
C THR C 389 20.71 13.77 1.54
N VAL C 390 20.25 14.59 2.51
CA VAL C 390 20.66 14.41 3.91
C VAL C 390 20.26 13.03 4.40
N ARG C 391 19.06 12.57 4.02
CA ARG C 391 18.68 11.20 4.36
C ARG C 391 19.65 10.18 3.75
N SER C 392 20.06 10.35 2.48
CA SER C 392 21.03 9.38 1.91
C SER C 392 22.35 9.42 2.68
N THR C 393 22.84 10.62 2.96
CA THR C 393 24.09 10.69 3.66
C THR C 393 24.01 10.03 5.04
N THR C 394 22.85 10.14 5.70
CA THR C 394 22.65 9.41 6.95
C THR C 394 22.66 7.89 6.70
N GLU C 395 21.93 7.42 5.68
CA GLU C 395 21.88 6.00 5.39
C GLU C 395 23.28 5.43 5.07
N LYS C 396 24.12 6.23 4.37
CA LYS C 396 25.45 5.80 3.95
C LYS C 396 26.48 5.81 5.10
N SER C 397 26.08 6.27 6.28
CA SER C 397 26.92 6.35 7.47
C SER C 397 26.85 5.10 8.35
N LEU C 398 26.12 4.07 7.93
CA LEU C 398 26.12 2.82 8.66
C LEU C 398 27.47 2.14 8.46
N LEU C 399 27.60 0.96 9.08
CA LEU C 399 28.89 0.28 9.16
C LEU C 399 28.80 -1.15 8.64
N LYS C 400 28.07 -2.03 9.32
CA LYS C 400 28.11 -3.46 9.03
C LYS C 400 27.26 -4.22 10.05
N THR D 9 11.95 -18.49 18.47
CA THR D 9 10.68 -18.65 17.73
C THR D 9 9.52 -18.77 18.75
N ILE D 10 9.51 -19.86 19.53
CA ILE D 10 8.93 -19.97 20.88
C ILE D 10 7.41 -19.94 20.99
N SER D 11 6.71 -20.45 19.98
CA SER D 11 5.25 -20.49 20.04
C SER D 11 4.76 -21.86 19.63
N LYS D 12 3.64 -21.90 18.91
CA LYS D 12 3.04 -23.13 18.42
C LYS D 12 2.62 -24.02 19.59
N GLU D 13 3.56 -24.51 20.41
CA GLU D 13 3.19 -25.41 21.50
C GLU D 13 2.45 -24.64 22.60
N TYR D 14 2.78 -23.35 22.76
CA TYR D 14 2.35 -22.56 23.91
C TYR D 14 1.29 -21.50 23.64
N HIS D 15 0.84 -21.31 22.40
CA HIS D 15 -0.27 -20.39 22.12
C HIS D 15 0.09 -18.99 22.59
N ILE D 16 1.30 -18.57 22.25
CA ILE D 16 1.79 -17.24 22.60
C ILE D 16 2.05 -16.47 21.33
N ASP D 17 1.25 -15.44 21.08
CA ASP D 17 1.34 -14.63 19.88
C ASP D 17 2.39 -13.57 20.09
N GLU D 18 3.08 -13.22 19.00
CA GLU D 18 4.18 -12.24 19.05
C GLU D 18 3.64 -10.83 19.22
N GLU D 19 2.43 -10.57 18.72
CA GLU D 19 1.86 -9.23 18.77
C GLU D 19 1.03 -9.04 20.03
N VAL D 20 0.29 -10.06 20.41
CA VAL D 20 -0.75 -9.94 21.40
C VAL D 20 -0.48 -10.78 22.65
N GLY D 21 0.61 -11.56 22.63
CA GLY D 21 1.08 -12.27 23.81
C GLY D 21 0.18 -13.43 24.15
N PHE D 22 -0.25 -13.44 25.41
CA PHE D 22 -1.14 -14.47 25.94
C PHE D 22 -2.56 -14.29 25.46
N ALA D 23 -2.89 -13.09 25.03
CA ALA D 23 -4.24 -12.92 24.58
C ALA D 23 -4.41 -13.67 23.26
N LEU D 24 -5.66 -13.95 22.92
CA LEU D 24 -5.97 -14.72 21.72
C LEU D 24 -5.88 -13.83 20.48
N PRO D 25 -5.08 -14.18 19.47
CA PRO D 25 -5.01 -13.35 18.26
C PRO D 25 -6.26 -13.50 17.42
N ASN D 26 -6.68 -12.38 16.86
CA ASN D 26 -7.84 -12.31 15.97
C ASN D 26 -9.06 -13.03 16.56
N PRO D 27 -9.56 -12.58 17.70
CA PRO D 27 -10.66 -13.30 18.34
C PRO D 27 -11.89 -13.33 17.44
N GLN D 28 -12.49 -14.52 17.37
CA GLN D 28 -13.68 -14.74 16.57
C GLN D 28 -14.83 -13.95 17.16
N GLU D 29 -15.64 -13.32 16.30
CA GLU D 29 -16.80 -12.58 16.77
C GLU D 29 -18.11 -13.31 16.58
N ASN D 30 -18.16 -14.33 15.73
CA ASN D 30 -19.41 -14.98 15.39
C ASN D 30 -19.28 -16.48 15.61
N LEU D 31 -20.36 -17.08 16.11
CA LEU D 31 -20.49 -18.53 16.22
C LEU D 31 -21.13 -19.09 14.94
N PRO D 32 -21.01 -20.39 14.73
CA PRO D 32 -21.80 -21.04 13.69
C PRO D 32 -23.28 -20.68 13.82
N ASP D 33 -24.00 -20.68 12.68
CA ASP D 33 -25.44 -20.37 12.70
C ASP D 33 -26.18 -21.14 13.81
N PHE D 34 -25.77 -22.37 14.09
CA PHE D 34 -26.47 -23.22 15.05
C PHE D 34 -26.76 -22.51 16.39
N TYR D 35 -25.90 -21.57 16.81
CA TYR D 35 -25.87 -21.08 18.19
C TYR D 35 -26.36 -19.64 18.36
N ASN D 36 -27.25 -19.19 17.46
CA ASN D 36 -27.83 -17.83 17.56
C ASN D 36 -28.60 -17.59 18.87
N ASP D 37 -29.33 -18.59 19.38
CA ASP D 37 -30.08 -18.38 20.63
C ASP D 37 -29.12 -18.03 21.78
N TRP D 38 -27.99 -18.74 21.91
CA TRP D 38 -26.95 -18.30 22.83
C TRP D 38 -26.52 -16.88 22.48
N MET D 39 -26.11 -16.66 21.22
CA MET D 39 -25.53 -15.38 20.86
C MET D 39 -26.46 -14.19 21.11
N PHE D 40 -27.79 -14.37 20.95
CA PHE D 40 -28.71 -13.29 21.28
C PHE D 40 -28.67 -12.95 22.75
N ILE D 41 -28.72 -13.96 23.62
CA ILE D 41 -28.68 -13.65 25.05
C ILE D 41 -27.37 -12.94 25.41
N ALA D 42 -26.23 -13.49 25.00
CA ALA D 42 -24.98 -12.89 25.44
C ALA D 42 -24.84 -11.47 24.92
N LYS D 43 -25.26 -11.23 23.68
CA LYS D 43 -25.04 -9.88 23.13
C LYS D 43 -25.99 -8.81 23.72
N HIS D 44 -26.99 -9.17 24.51
CA HIS D 44 -27.89 -8.17 25.07
C HIS D 44 -27.96 -8.21 26.59
N LEU D 45 -26.89 -8.66 27.25
CA LEU D 45 -26.95 -8.83 28.69
C LEU D 45 -27.37 -7.54 29.38
N PRO D 46 -26.86 -6.37 29.00
CA PRO D 46 -27.41 -5.11 29.57
C PRO D 46 -28.93 -4.95 29.45
N ASP D 47 -29.51 -5.09 28.25
CA ASP D 47 -30.95 -4.92 28.08
C ASP D 47 -31.75 -6.02 28.77
N LEU D 48 -31.27 -7.26 28.73
CA LEU D 48 -32.01 -8.38 29.28
C LEU D 48 -31.91 -8.45 30.81
N ILE D 49 -30.79 -7.97 31.40
CA ILE D 49 -30.73 -7.90 32.86
C ILE D 49 -31.70 -6.84 33.38
N GLU D 50 -31.64 -5.62 32.80
CA GLU D 50 -32.41 -4.47 33.29
C GLU D 50 -33.93 -4.65 33.17
N SER D 51 -34.40 -5.46 32.21
CA SER D 51 -35.84 -5.71 32.04
C SER D 51 -36.33 -6.92 32.84
N GLY D 52 -35.45 -7.63 33.52
CA GLY D 52 -35.84 -8.81 34.27
C GLY D 52 -36.06 -10.04 33.44
N GLN D 53 -35.86 -9.94 32.13
CA GLN D 53 -36.14 -11.01 31.18
C GLN D 53 -35.06 -12.09 31.06
N LEU D 54 -33.85 -11.87 31.58
CA LEU D 54 -32.72 -12.78 31.26
C LEU D 54 -32.99 -14.22 31.70
N ARG D 55 -33.46 -14.41 32.91
CA ARG D 55 -33.60 -15.78 33.39
C ARG D 55 -34.73 -16.53 32.65
N GLU D 56 -35.82 -15.84 32.27
CA GLU D 56 -36.84 -16.52 31.45
C GLU D 56 -36.30 -16.89 30.08
N ARG D 57 -35.36 -16.10 29.56
CA ARG D 57 -34.79 -16.38 28.25
C ARG D 57 -33.81 -17.55 28.31
N VAL D 58 -32.98 -17.60 29.34
CA VAL D 58 -32.10 -18.75 29.51
C VAL D 58 -32.91 -20.01 29.76
N GLU D 59 -34.04 -19.87 30.43
CA GLU D 59 -34.85 -21.01 30.79
C GLU D 59 -35.70 -21.50 29.60
N LYS D 60 -36.01 -20.62 28.62
CA LYS D 60 -36.75 -20.98 27.42
C LYS D 60 -35.81 -21.49 26.30
N LEU D 61 -34.68 -22.02 26.67
CA LEU D 61 -33.59 -22.27 25.73
C LEU D 61 -33.42 -23.77 25.56
N ASN D 62 -33.34 -24.21 24.32
CA ASN D 62 -33.05 -25.61 24.10
C ASN D 62 -31.55 -25.88 24.30
N MET D 63 -31.23 -27.14 24.57
CA MET D 63 -29.84 -27.54 24.79
C MET D 63 -29.14 -27.82 23.48
N LEU D 64 -28.04 -27.15 23.22
CA LEU D 64 -27.35 -27.30 21.96
C LEU D 64 -26.11 -28.16 22.11
N SER D 65 -25.96 -29.14 21.22
CA SER D 65 -24.72 -29.90 21.23
C SER D 65 -23.61 -28.95 20.89
N ILE D 66 -22.43 -29.20 21.46
CA ILE D 66 -21.25 -28.41 21.14
C ILE D 66 -20.48 -29.05 19.97
N ASP D 67 -21.07 -30.04 19.33
CA ASP D 67 -20.38 -30.81 18.29
C ASP D 67 -19.97 -29.96 17.08
N HIS D 68 -20.53 -28.77 16.90
CA HIS D 68 -20.21 -27.93 15.76
C HIS D 68 -19.20 -26.83 16.10
N LEU D 69 -18.62 -26.88 17.30
CA LEU D 69 -17.52 -25.99 17.69
C LEU D 69 -16.25 -26.82 17.60
N THR D 70 -15.54 -26.66 16.49
CA THR D 70 -14.50 -27.61 16.07
C THR D 70 -13.08 -27.10 16.19
N ASP D 71 -12.87 -25.82 16.25
CA ASP D 71 -11.55 -25.27 16.35
C ASP D 71 -11.43 -24.57 17.69
N HIS D 72 -10.25 -24.07 17.95
CA HIS D 72 -10.01 -23.37 19.20
C HIS D 72 -10.80 -22.06 19.24
N LYS D 73 -10.74 -21.27 18.17
CA LYS D 73 -11.35 -19.95 18.19
C LYS D 73 -12.86 -20.04 18.39
N SER D 74 -13.52 -20.95 17.71
CA SER D 74 -14.96 -21.14 17.90
C SER D 74 -15.28 -21.58 19.33
N GLN D 75 -14.45 -22.44 19.90
CA GLN D 75 -14.71 -22.93 21.26
C GLN D 75 -14.41 -21.88 22.33
N ARG D 76 -13.39 -21.02 22.11
CA ARG D 76 -13.10 -19.95 23.05
C ARG D 76 -14.20 -18.92 23.06
N LEU D 77 -14.72 -18.57 21.90
CA LEU D 77 -15.83 -17.62 21.81
C LEU D 77 -17.10 -18.22 22.42
N ALA D 78 -17.30 -19.52 22.26
CA ALA D 78 -18.42 -20.16 22.93
C ALA D 78 -18.29 -20.09 24.45
N ARG D 79 -17.06 -20.27 24.98
CA ARG D 79 -16.83 -20.20 26.43
C ARG D 79 -17.06 -18.80 26.93
N LEU D 80 -16.69 -17.82 26.14
CA LEU D 80 -16.94 -16.44 26.50
C LEU D 80 -18.43 -16.14 26.50
N VAL D 81 -19.15 -16.65 25.51
CA VAL D 81 -20.59 -16.44 25.43
C VAL D 81 -21.30 -17.07 26.63
N LEU D 82 -21.12 -18.37 26.85
CA LEU D 82 -21.88 -19.03 27.91
C LEU D 82 -21.42 -18.57 29.30
N GLY D 83 -20.14 -18.26 29.47
CA GLY D 83 -19.69 -17.79 30.76
C GLY D 83 -20.30 -16.44 31.13
N CYS D 84 -20.39 -15.52 30.18
CA CYS D 84 -21.07 -14.27 30.46
C CYS D 84 -22.53 -14.50 30.80
N ILE D 85 -23.17 -15.47 30.15
CA ILE D 85 -24.57 -15.73 30.43
C ILE D 85 -24.73 -16.29 31.83
N THR D 86 -23.81 -17.21 32.20
CA THR D 86 -23.83 -17.86 33.51
C THR D 86 -23.69 -16.81 34.63
N MET D 87 -22.66 -15.98 34.55
CA MET D 87 -22.52 -14.95 35.57
C MET D 87 -23.78 -14.13 35.64
N ALA D 88 -24.38 -13.83 34.48
CA ALA D 88 -25.61 -13.04 34.50
C ALA D 88 -26.77 -13.82 35.08
N TYR D 89 -26.83 -15.13 34.84
CA TYR D 89 -27.96 -15.91 35.37
C TYR D 89 -27.86 -16.05 36.87
N VAL D 90 -26.65 -16.26 37.38
CA VAL D 90 -26.45 -16.49 38.80
C VAL D 90 -26.66 -15.21 39.60
N TRP D 91 -26.13 -14.08 39.12
CA TRP D 91 -26.13 -12.84 39.89
C TRP D 91 -27.28 -11.88 39.53
N GLY D 92 -27.96 -12.10 38.38
CA GLY D 92 -29.17 -11.35 38.13
C GLY D 92 -28.91 -9.86 38.03
N LYS D 93 -29.76 -9.06 38.68
CA LYS D 93 -29.60 -7.60 38.63
C LYS D 93 -28.53 -7.11 39.61
N GLY D 94 -27.94 -8.01 40.40
CA GLY D 94 -26.77 -7.72 41.21
C GLY D 94 -27.06 -7.08 42.56
N HIS D 95 -28.08 -7.57 43.28
CA HIS D 95 -28.52 -6.89 44.49
C HIS D 95 -29.03 -7.88 45.55
N GLY D 96 -28.87 -9.19 45.33
CA GLY D 96 -29.08 -10.22 46.35
C GLY D 96 -29.99 -11.37 45.96
N ASP D 97 -30.71 -11.25 44.85
CA ASP D 97 -31.64 -12.26 44.36
C ASP D 97 -30.87 -13.20 43.43
N VAL D 98 -30.25 -14.23 44.00
CA VAL D 98 -29.38 -15.14 43.24
C VAL D 98 -30.09 -16.45 42.90
N ARG D 99 -29.52 -17.14 41.93
CA ARG D 99 -29.98 -18.48 41.56
C ARG D 99 -28.84 -19.44 41.90
N LYS D 100 -29.15 -20.41 42.74
CA LYS D 100 -28.16 -21.39 43.15
C LYS D 100 -28.05 -22.54 42.15
N VAL D 101 -28.91 -22.57 41.11
CA VAL D 101 -28.95 -23.68 40.14
C VAL D 101 -28.91 -23.12 38.73
N LEU D 102 -27.89 -23.54 37.98
CA LEU D 102 -27.67 -23.27 36.55
C LEU D 102 -28.44 -24.29 35.70
N PRO D 103 -29.28 -23.86 34.76
CA PRO D 103 -30.20 -24.81 34.08
C PRO D 103 -29.51 -25.84 33.19
N ARG D 104 -30.13 -27.03 33.12
CA ARG D 104 -29.57 -28.14 32.33
C ARG D 104 -29.05 -27.65 31.00
N ASN D 105 -29.88 -26.89 30.27
CA ASN D 105 -29.67 -26.62 28.87
C ASN D 105 -28.53 -25.65 28.63
N ILE D 106 -28.04 -25.00 29.68
CA ILE D 106 -26.86 -24.17 29.56
C ILE D 106 -25.66 -24.77 30.30
N ALA D 107 -25.89 -25.44 31.42
CA ALA D 107 -24.79 -25.95 32.21
C ALA D 107 -24.13 -27.12 31.50
N VAL D 108 -24.93 -27.99 30.90
CA VAL D 108 -24.38 -29.20 30.30
C VAL D 108 -23.44 -28.82 29.17
N PRO D 109 -23.88 -28.09 28.16
CA PRO D 109 -22.95 -27.72 27.07
C PRO D 109 -21.81 -26.84 27.56
N TYR D 110 -22.03 -25.99 28.58
CA TYR D 110 -20.96 -25.15 29.12
C TYR D 110 -19.91 -26.00 29.84
N CYS D 111 -20.37 -26.97 30.64
CA CYS D 111 -19.44 -27.85 31.33
C CYS D 111 -18.71 -28.78 30.37
N GLN D 112 -19.41 -29.20 29.29
CA GLN D 112 -18.82 -30.00 28.22
C GLN D 112 -17.72 -29.23 27.53
N LEU D 113 -17.98 -27.95 27.28
CA LEU D 113 -17.01 -27.14 26.57
C LEU D 113 -15.82 -26.84 27.46
N SER D 114 -16.05 -26.71 28.77
CA SER D 114 -14.98 -26.43 29.72
C SER D 114 -14.05 -27.62 29.88
N LYS D 115 -14.61 -28.83 29.97
CA LYS D 115 -13.79 -30.02 29.98
C LYS D 115 -12.91 -30.03 28.74
N LYS D 116 -13.50 -29.76 27.56
CA LYS D 116 -12.76 -29.88 26.32
C LYS D 116 -11.59 -28.89 26.30
N LEU D 117 -11.81 -27.69 26.79
CA LEU D 117 -10.77 -26.66 26.85
C LEU D 117 -9.93 -26.73 28.13
N GLU D 118 -10.27 -27.63 29.08
CA GLU D 118 -9.54 -27.80 30.34
C GLU D 118 -9.49 -26.51 31.14
N LEU D 119 -10.60 -25.82 31.19
CA LEU D 119 -10.75 -24.67 32.07
C LEU D 119 -11.95 -24.95 32.96
N PRO D 120 -12.05 -24.25 34.08
CA PRO D 120 -13.16 -24.51 34.97
C PRO D 120 -14.42 -23.85 34.45
N PRO D 121 -15.68 -24.43 34.77
CA PRO D 121 -16.94 -23.84 34.23
C PRO D 121 -17.36 -22.55 34.92
N ILE D 122 -16.60 -21.47 34.68
CA ILE D 122 -16.91 -20.13 35.21
C ILE D 122 -16.07 -19.14 34.41
N LEU D 123 -16.58 -17.90 34.27
CA LEU D 123 -15.87 -16.90 33.49
C LEU D 123 -14.48 -16.63 34.08
N VAL D 124 -13.47 -16.56 33.23
CA VAL D 124 -12.13 -16.29 33.70
C VAL D 124 -11.53 -15.20 32.83
N TYR D 125 -10.35 -14.75 33.25
CA TYR D 125 -9.60 -13.75 32.51
C TYR D 125 -9.41 -14.16 31.05
N ALA D 126 -9.14 -15.45 30.82
CA ALA D 126 -8.89 -15.92 29.47
C ALA D 126 -10.09 -15.77 28.55
N ASP D 127 -11.29 -15.78 29.12
CA ASP D 127 -12.53 -15.48 28.41
C ASP D 127 -12.76 -13.97 28.24
N CYS D 128 -13.02 -13.25 29.33
CA CYS D 128 -13.54 -11.89 29.14
C CYS D 128 -12.47 -10.84 29.02
N VAL D 129 -11.19 -11.24 28.99
CA VAL D 129 -10.21 -10.26 28.56
C VAL D 129 -9.54 -10.78 27.29
N LEU D 130 -8.90 -11.95 27.37
CA LEU D 130 -8.03 -12.39 26.27
C LEU D 130 -8.82 -12.67 24.99
N ALA D 131 -10.05 -13.19 25.10
CA ALA D 131 -10.80 -13.60 23.91
C ALA D 131 -11.96 -12.67 23.55
N ASN D 132 -12.04 -11.49 24.16
CA ASN D 132 -13.22 -10.64 24.10
C ASN D 132 -12.90 -9.23 23.59
N TRP D 133 -12.25 -9.15 22.46
CA TRP D 133 -11.91 -7.86 21.90
C TRP D 133 -11.96 -7.94 20.37
N LYS D 134 -12.09 -6.76 19.74
CA LYS D 134 -12.02 -6.61 18.29
C LYS D 134 -11.33 -5.31 17.92
N LYS D 135 -10.68 -5.30 16.76
CA LYS D 135 -10.25 -4.07 16.09
C LYS D 135 -11.45 -3.42 15.42
N LYS D 136 -11.57 -2.08 15.55
CA LYS D 136 -12.63 -1.31 14.89
C LYS D 136 -12.31 -1.06 13.43
N ASP D 137 -11.07 -0.67 13.11
CA ASP D 137 -10.60 -0.52 11.72
C ASP D 137 -9.27 -1.24 11.59
N PRO D 138 -9.14 -2.26 10.72
CA PRO D 138 -7.90 -3.06 10.64
C PRO D 138 -6.69 -2.34 10.03
N ASN D 139 -6.88 -1.24 9.31
CA ASN D 139 -5.73 -0.58 8.71
C ASN D 139 -4.89 0.17 9.74
N LYS D 140 -5.44 0.43 10.97
CA LYS D 140 -4.78 1.10 12.09
C LYS D 140 -4.40 0.12 13.20
N PRO D 141 -3.51 0.50 14.11
CA PRO D 141 -2.94 -0.44 15.08
C PRO D 141 -3.83 -0.61 16.31
N LEU D 142 -3.30 -1.40 17.27
CA LEU D 142 -3.99 -1.82 18.51
C LEU D 142 -3.85 -0.75 19.59
N THR D 143 -4.79 0.20 19.60
CA THR D 143 -4.87 1.15 20.70
C THR D 143 -6.30 1.27 21.19
N TYR D 144 -6.45 1.81 22.41
CA TYR D 144 -7.77 1.82 23.03
C TYR D 144 -8.81 2.35 22.04
N GLU D 145 -8.40 3.33 21.23
CA GLU D 145 -9.29 4.05 20.35
C GLU D 145 -9.76 3.21 19.15
N ASN D 146 -9.04 2.15 18.82
CA ASN D 146 -9.40 1.29 17.69
C ASN D 146 -9.82 -0.12 18.10
N MET D 147 -10.23 -0.30 19.35
CA MET D 147 -10.55 -1.60 19.92
C MET D 147 -11.90 -1.53 20.64
N ASP D 148 -12.56 -2.68 20.78
CA ASP D 148 -13.80 -2.73 21.51
C ASP D 148 -13.95 -4.12 22.10
N VAL D 149 -14.76 -4.21 23.11
CA VAL D 149 -15.01 -5.50 23.69
C VAL D 149 -16.19 -6.13 22.96
N LEU D 150 -16.32 -7.45 23.08
CA LEU D 150 -17.44 -8.12 22.43
C LEU D 150 -18.66 -8.19 23.35
N PHE D 151 -18.45 -8.26 24.68
CA PHE D 151 -19.56 -8.46 25.60
C PHE D 151 -19.39 -7.57 26.81
N SER D 152 -20.52 -7.04 27.28
CA SER D 152 -20.65 -6.31 28.54
C SER D 152 -21.78 -6.92 29.35
N PHE D 153 -21.85 -6.49 30.61
CA PHE D 153 -22.89 -6.95 31.53
C PHE D 153 -24.00 -5.90 31.72
N ARG D 154 -23.64 -4.65 32.00
CA ARG D 154 -24.60 -3.60 32.28
C ARG D 154 -24.10 -2.29 31.69
N ASP D 155 -25.05 -1.45 31.23
CA ASP D 155 -24.68 -0.12 30.81
C ASP D 155 -24.01 0.61 31.96
N GLY D 156 -22.79 1.12 31.73
CA GLY D 156 -22.03 1.80 32.74
C GLY D 156 -21.22 0.95 33.71
N ASP D 157 -21.17 -0.37 33.52
CA ASP D 157 -20.33 -1.29 34.32
C ASP D 157 -18.84 -1.05 34.08
N CYS D 158 -18.50 -0.24 33.08
CA CYS D 158 -17.12 0.00 32.67
C CYS D 158 -16.43 -1.30 32.25
N SER D 159 -17.23 -2.27 31.79
CA SER D 159 -16.72 -3.48 31.14
C SER D 159 -15.72 -3.13 30.03
N LYS D 160 -16.08 -2.19 29.15
CA LYS D 160 -15.18 -1.84 28.07
C LYS D 160 -13.81 -1.44 28.61
N GLY D 161 -13.77 -0.41 29.47
CA GLY D 161 -12.48 0.10 29.94
C GLY D 161 -11.67 -0.92 30.73
N PHE D 162 -12.29 -1.61 31.66
CA PHE D 162 -11.53 -2.52 32.49
C PHE D 162 -11.00 -3.68 31.68
N PHE D 163 -11.78 -4.18 30.72
CA PHE D 163 -11.34 -5.31 29.94
C PHE D 163 -10.25 -4.93 28.95
N LEU D 164 -10.42 -3.80 28.26
CA LEU D 164 -9.48 -3.41 27.24
C LEU D 164 -8.14 -2.97 27.82
N VAL D 165 -8.15 -2.22 28.92
CA VAL D 165 -6.89 -1.83 29.50
C VAL D 165 -6.15 -3.05 30.04
N SER D 166 -6.87 -4.06 30.50
CA SER D 166 -6.22 -5.30 30.85
C SER D 166 -5.52 -5.87 29.64
N LEU D 167 -6.27 -5.95 28.53
CA LEU D 167 -5.73 -6.54 27.32
C LEU D 167 -4.55 -5.74 26.80
N LEU D 168 -4.62 -4.42 26.93
CA LEU D 168 -3.50 -3.60 26.53
C LEU D 168 -2.26 -3.79 27.41
N VAL D 169 -2.40 -4.33 28.63
CA VAL D 169 -1.20 -4.71 29.37
C VAL D 169 -0.64 -5.99 28.80
N GLU D 170 -1.52 -6.96 28.54
CA GLU D 170 -1.11 -8.23 27.94
C GLU D 170 -0.40 -7.99 26.60
N ILE D 171 -0.89 -7.01 25.83
CA ILE D 171 -0.22 -6.61 24.61
C ILE D 171 1.10 -5.90 24.91
N ALA D 172 1.12 -4.99 25.89
CA ALA D 172 2.38 -4.36 26.25
C ALA D 172 3.44 -5.41 26.54
N ALA D 173 3.04 -6.50 27.19
CA ALA D 173 3.97 -7.54 27.59
C ALA D 173 4.50 -8.31 26.42
N ALA D 174 3.68 -8.50 25.40
CA ALA D 174 4.09 -9.31 24.26
C ALA D 174 5.41 -8.79 23.66
N SER D 175 5.66 -7.49 23.73
CA SER D 175 6.97 -7.01 23.31
C SER D 175 8.04 -7.56 24.23
N ALA D 176 7.74 -7.79 25.49
CA ALA D 176 8.78 -8.38 26.31
C ALA D 176 8.76 -9.90 26.18
N ILE D 177 7.57 -10.50 26.16
CA ILE D 177 7.48 -11.95 26.00
C ILE D 177 8.16 -12.38 24.70
N LYS D 178 8.02 -11.60 23.62
CA LYS D 178 8.64 -12.06 22.39
C LYS D 178 10.16 -12.02 22.46
N VAL D 179 10.74 -11.43 23.49
CA VAL D 179 12.20 -11.38 23.54
C VAL D 179 12.81 -12.62 24.21
N ILE D 180 12.04 -13.45 24.91
CA ILE D 180 12.69 -14.40 25.83
C ILE D 180 13.35 -15.58 25.08
N PRO D 181 13.05 -15.85 23.81
CA PRO D 181 13.90 -16.82 23.09
C PRO D 181 15.27 -16.29 22.72
N THR D 182 15.39 -14.99 22.46
CA THR D 182 16.70 -14.39 22.29
C THR D 182 17.57 -14.56 23.55
N VAL D 183 16.95 -14.44 24.73
CA VAL D 183 17.68 -14.54 25.98
C VAL D 183 18.35 -15.90 26.08
N PHE D 184 17.58 -16.96 25.85
CA PHE D 184 18.14 -18.28 26.04
C PHE D 184 19.19 -18.59 24.98
N LYS D 185 18.96 -18.14 23.74
CA LYS D 185 19.94 -18.37 22.67
C LYS D 185 21.26 -17.68 22.99
N ALA D 186 21.20 -16.44 23.48
CA ALA D 186 22.45 -15.77 23.83
C ALA D 186 23.16 -16.53 24.93
N MET D 187 22.41 -17.26 25.78
CA MET D 187 23.04 -17.93 26.90
C MET D 187 23.75 -19.21 26.45
N GLN D 188 23.06 -20.11 25.73
CA GLN D 188 23.75 -21.31 25.27
C GLN D 188 24.85 -20.98 24.24
N MET D 189 24.75 -19.84 23.54
CA MET D 189 25.79 -19.30 22.68
C MET D 189 26.78 -18.42 23.43
N GLN D 190 26.67 -18.33 24.75
CA GLN D 190 27.60 -17.56 25.59
C GLN D 190 27.98 -16.21 24.98
N GLU D 191 27.03 -15.58 24.25
CA GLU D 191 27.21 -14.27 23.62
C GLU D 191 26.66 -13.23 24.58
N ARG D 192 27.53 -12.72 25.47
CA ARG D 192 27.11 -11.87 26.59
C ARG D 192 26.62 -10.49 26.13
N ASP D 193 27.28 -9.89 25.12
CA ASP D 193 26.77 -8.62 24.60
C ASP D 193 25.36 -8.81 23.99
N THR D 194 25.05 -10.00 23.44
CA THR D 194 23.70 -10.22 22.95
C THR D 194 22.69 -10.33 24.11
N LEU D 195 23.10 -10.95 25.22
CA LEU D 195 22.17 -11.08 26.35
C LEU D 195 21.80 -9.74 26.98
N LEU D 196 22.73 -8.80 27.07
CA LEU D 196 22.38 -7.52 27.68
C LEU D 196 21.30 -6.74 26.88
N LYS D 197 21.43 -6.67 25.54
CA LYS D 197 20.43 -5.95 24.74
C LYS D 197 19.04 -6.56 24.95
N ALA D 198 18.97 -7.88 25.14
CA ALA D 198 17.66 -8.51 25.32
C ALA D 198 17.05 -8.11 26.66
N LEU D 199 17.86 -8.01 27.71
CA LEU D 199 17.31 -7.62 29.01
C LEU D 199 16.90 -6.15 29.03
N LEU D 200 17.68 -5.28 28.41
CA LEU D 200 17.26 -3.88 28.40
C LEU D 200 15.97 -3.70 27.63
N GLU D 201 15.75 -4.47 26.58
CA GLU D 201 14.52 -4.34 25.81
C GLU D 201 13.33 -4.78 26.64
N ILE D 202 13.52 -5.82 27.44
CA ILE D 202 12.48 -6.32 28.34
C ILE D 202 12.16 -5.28 29.41
N ALA D 203 13.18 -4.75 30.07
CA ALA D 203 12.98 -3.73 31.08
C ALA D 203 12.22 -2.54 30.52
N SER D 204 12.66 -2.04 29.35
CA SER D 204 11.93 -0.97 28.67
C SER D 204 10.52 -1.40 28.33
N CYS D 205 10.31 -2.68 28.11
CA CYS D 205 8.97 -3.09 27.73
C CYS D 205 8.09 -3.18 28.96
N LEU D 206 8.65 -3.58 30.09
CA LEU D 206 7.89 -3.52 31.35
C LEU D 206 7.70 -2.09 31.83
N GLU D 207 8.60 -1.18 31.49
CA GLU D 207 8.37 0.22 31.81
C GLU D 207 7.28 0.81 30.93
N LYS D 208 7.16 0.36 29.67
CA LYS D 208 6.03 0.78 28.83
C LYS D 208 4.74 0.10 29.29
N ALA D 209 4.84 -1.11 29.82
CA ALA D 209 3.67 -1.75 30.38
C ALA D 209 3.06 -0.97 31.56
N LEU D 210 3.91 -0.44 32.44
CA LEU D 210 3.43 0.35 33.57
C LEU D 210 2.65 1.58 33.10
N GLN D 211 3.10 2.21 32.02
CA GLN D 211 2.40 3.39 31.51
C GLN D 211 1.01 3.06 30.95
N VAL D 212 0.75 1.77 30.66
CA VAL D 212 -0.60 1.32 30.32
C VAL D 212 -1.49 1.32 31.55
N PHE D 213 -0.95 0.82 32.68
CA PHE D 213 -1.67 0.84 33.95
C PHE D 213 -2.25 2.23 34.25
N HIS D 214 -1.54 3.28 33.85
CA HIS D 214 -2.02 4.64 34.05
C HIS D 214 -3.36 4.87 33.36
N GLN D 215 -3.64 4.15 32.26
CA GLN D 215 -4.82 4.43 31.45
C GLN D 215 -6.12 4.03 32.14
N ILE D 216 -6.05 3.21 33.19
CA ILE D 216 -7.28 2.76 33.84
C ILE D 216 -8.13 3.93 34.32
N HIS D 217 -7.49 5.02 34.78
CA HIS D 217 -8.23 6.11 35.40
C HIS D 217 -9.17 6.78 34.41
N ASP D 218 -8.85 6.74 33.14
CA ASP D 218 -9.63 7.43 32.13
C ASP D 218 -10.77 6.59 31.59
N HIS D 219 -10.84 5.29 31.89
CA HIS D 219 -11.90 4.44 31.38
C HIS D 219 -12.68 3.64 32.43
N VAL D 220 -12.30 3.69 33.71
CA VAL D 220 -12.99 2.92 34.72
C VAL D 220 -13.32 3.81 35.90
N ASN D 221 -14.52 3.74 36.35
CA ASN D 221 -15.04 4.51 37.45
C ASN D 221 -15.07 3.64 38.68
N PRO D 222 -14.46 4.05 39.78
CA PRO D 222 -14.38 3.15 40.95
C PRO D 222 -15.73 2.66 41.43
N LYS D 223 -16.70 3.56 41.59
CA LYS D 223 -18.01 3.14 42.10
C LYS D 223 -18.62 2.11 41.17
N ALA D 224 -18.59 2.38 39.87
CA ALA D 224 -19.09 1.47 38.86
C ALA D 224 -18.33 0.13 38.85
N PHE D 225 -17.00 0.19 38.91
CA PHE D 225 -16.26 -1.05 38.94
C PHE D 225 -16.66 -1.89 40.13
N PHE D 226 -16.60 -1.29 41.33
CA PHE D 226 -16.76 -2.05 42.55
C PHE D 226 -18.19 -2.52 42.76
N SER D 227 -19.17 -1.66 42.52
CA SER D 227 -20.57 -2.00 42.80
C SER D 227 -21.33 -2.61 41.62
N VAL D 228 -20.73 -2.66 40.44
CA VAL D 228 -21.38 -3.36 39.33
C VAL D 228 -20.50 -4.48 38.80
N LEU D 229 -19.44 -4.10 38.09
CA LEU D 229 -18.63 -5.07 37.36
C LEU D 229 -18.03 -6.12 38.29
N ARG D 230 -17.51 -5.71 39.43
CA ARG D 230 -16.94 -6.68 40.35
C ARG D 230 -17.98 -7.68 40.81
N ILE D 231 -19.24 -7.26 40.88
CA ILE D 231 -20.33 -8.17 41.25
C ILE D 231 -20.50 -9.28 40.22
N TYR D 232 -20.32 -8.97 38.96
CA TYR D 232 -20.49 -9.97 37.91
C TYR D 232 -19.23 -10.80 37.60
N LEU D 233 -18.06 -10.40 38.07
CA LEU D 233 -16.89 -11.26 37.94
C LEU D 233 -16.72 -12.14 39.17
N SER D 234 -17.57 -11.97 40.17
CA SER D 234 -17.47 -12.73 41.39
C SER D 234 -17.90 -14.17 41.16
N GLY D 235 -17.23 -15.10 41.83
CA GLY D 235 -17.54 -16.52 41.76
C GLY D 235 -18.31 -17.01 42.96
N TRP D 236 -18.21 -18.33 43.19
CA TRP D 236 -18.83 -19.01 44.32
C TRP D 236 -17.86 -20.05 44.93
N LYS D 237 -16.66 -19.61 45.29
CA LYS D 237 -15.77 -20.38 46.18
C LYS D 237 -15.60 -19.54 47.44
N GLY D 238 -16.11 -20.04 48.55
CA GLY D 238 -16.03 -19.28 49.79
C GLY D 238 -16.87 -18.02 49.75
N ASN D 239 -18.07 -18.10 49.17
CA ASN D 239 -19.04 -17.02 49.14
C ASN D 239 -20.25 -17.33 50.01
N PRO D 240 -20.61 -16.46 50.97
CA PRO D 240 -21.83 -16.74 51.77
C PRO D 240 -23.12 -16.76 50.96
N GLN D 241 -23.14 -16.11 49.81
CA GLN D 241 -24.37 -16.09 49.03
C GLN D 241 -24.65 -17.43 48.38
N LEU D 242 -23.59 -18.27 48.14
CA LEU D 242 -23.76 -19.67 47.73
C LEU D 242 -22.84 -20.55 48.60
N SER D 243 -23.24 -20.75 49.87
CA SER D 243 -22.36 -21.35 50.86
C SER D 243 -21.77 -22.65 50.33
N ASP D 244 -22.52 -23.38 49.50
CA ASP D 244 -22.11 -24.69 49.01
C ASP D 244 -21.70 -24.69 47.55
N GLY D 245 -21.72 -23.54 46.88
CA GLY D 245 -21.42 -23.50 45.46
C GLY D 245 -22.66 -23.45 44.59
N LEU D 246 -22.45 -23.73 43.31
CA LEU D 246 -23.48 -23.67 42.27
C LEU D 246 -23.74 -25.07 41.72
N VAL D 247 -25.04 -25.42 41.54
CA VAL D 247 -25.44 -26.70 40.94
C VAL D 247 -25.49 -26.56 39.42
N TYR D 248 -24.67 -27.35 38.71
CA TYR D 248 -24.65 -27.40 37.24
C TYR D 248 -25.58 -28.53 36.82
N GLU D 249 -26.87 -28.18 36.63
CA GLU D 249 -27.93 -29.17 36.46
C GLU D 249 -27.61 -30.14 35.33
N GLY D 250 -27.70 -31.42 35.65
CA GLY D 250 -27.50 -32.48 34.70
C GLY D 250 -26.07 -32.92 34.46
N PHE D 251 -25.07 -32.26 35.03
CA PHE D 251 -23.67 -32.63 34.86
C PHE D 251 -23.06 -33.20 36.14
N TRP D 252 -23.25 -32.52 37.27
CA TRP D 252 -22.95 -33.04 38.61
C TRP D 252 -24.23 -32.94 39.41
N GLU D 253 -24.53 -33.94 40.24
CA GLU D 253 -25.70 -33.77 41.10
C GLU D 253 -25.37 -32.88 42.27
N ASP D 254 -24.05 -32.85 42.71
CA ASP D 254 -23.57 -32.12 43.90
C ASP D 254 -23.20 -30.67 43.52
N PRO D 255 -23.44 -29.67 44.39
CA PRO D 255 -22.95 -28.32 44.07
C PRO D 255 -21.43 -28.24 44.16
N LYS D 256 -20.84 -27.43 43.29
CA LYS D 256 -19.39 -27.32 43.15
C LYS D 256 -18.96 -25.86 43.22
N GLU D 257 -17.81 -25.63 43.85
CA GLU D 257 -17.28 -24.28 44.02
C GLU D 257 -16.25 -23.92 42.94
N PHE D 258 -16.29 -22.67 42.48
CA PHE D 258 -15.23 -22.10 41.66
C PHE D 258 -15.10 -20.62 41.96
N ALA D 259 -13.85 -20.14 41.90
CA ALA D 259 -13.50 -18.74 42.15
C ALA D 259 -13.77 -17.87 40.92
N GLY D 260 -13.88 -16.56 41.16
CA GLY D 260 -13.98 -15.58 40.11
C GLY D 260 -12.70 -14.78 39.94
N GLY D 261 -12.78 -13.83 39.02
CA GLY D 261 -11.99 -12.63 38.99
C GLY D 261 -10.50 -12.80 39.19
N SER D 262 -9.89 -11.74 39.71
CA SER D 262 -8.48 -11.69 40.10
C SER D 262 -7.55 -11.49 38.90
N ALA D 263 -6.78 -10.39 38.95
CA ALA D 263 -5.58 -10.20 38.15
C ALA D 263 -4.59 -11.35 38.35
N GLY D 264 -4.85 -12.22 39.31
CA GLY D 264 -4.02 -13.39 39.40
C GLY D 264 -4.22 -14.33 38.25
N GLN D 265 -5.33 -14.19 37.53
CA GLN D 265 -5.54 -15.09 36.40
C GLN D 265 -4.64 -14.74 35.23
N SER D 266 -4.22 -13.49 35.12
CA SER D 266 -3.22 -13.13 34.14
C SER D 266 -1.90 -13.83 34.37
N SER D 267 -1.26 -14.19 33.28
CA SER D 267 0.04 -14.82 33.35
C SER D 267 1.18 -13.83 33.36
N VAL D 268 0.90 -12.55 33.17
CA VAL D 268 1.97 -11.62 32.90
C VAL D 268 2.91 -11.55 34.10
N PHE D 269 2.36 -11.39 35.31
CA PHE D 269 3.25 -11.26 36.46
C PHE D 269 4.04 -12.56 36.66
N GLN D 270 3.37 -13.72 36.58
CA GLN D 270 4.10 -14.94 36.84
C GLN D 270 5.18 -15.18 35.80
N CYS D 271 4.89 -14.85 34.54
CA CYS D 271 5.87 -15.06 33.49
C CYS D 271 7.19 -14.44 33.86
N PHE D 272 7.19 -13.16 34.20
CA PHE D 272 8.47 -12.52 34.37
C PHE D 272 9.11 -12.85 35.69
N ASP D 273 8.32 -13.32 36.68
CA ASP D 273 8.89 -13.90 37.90
C ASP D 273 9.77 -15.11 37.61
N VAL D 274 9.26 -16.08 36.86
CA VAL D 274 10.06 -17.29 36.72
C VAL D 274 11.25 -17.06 35.77
N LEU D 275 11.09 -16.24 34.75
CA LEU D 275 12.22 -15.82 33.93
C LEU D 275 13.37 -15.32 34.79
N LEU D 276 13.11 -14.26 35.55
CA LEU D 276 14.10 -13.55 36.36
C LEU D 276 14.54 -14.35 37.58
N GLY D 277 13.98 -15.53 37.77
CA GLY D 277 14.37 -16.36 38.88
C GLY D 277 13.93 -15.85 40.22
N ILE D 278 12.76 -15.22 40.27
CA ILE D 278 12.21 -14.69 41.50
C ILE D 278 11.35 -15.76 42.19
N GLN D 279 11.84 -16.27 43.30
CA GLN D 279 11.15 -17.35 44.02
C GLN D 279 10.19 -16.74 45.04
N GLN D 280 8.90 -17.03 44.90
CA GLN D 280 7.87 -16.54 45.81
C GLN D 280 7.66 -17.45 47.04
N THR D 281 8.68 -18.23 47.41
CA THR D 281 8.59 -19.14 48.53
C THR D 281 9.10 -18.44 49.79
N HIS D 286 1.64 -19.23 52.69
CA HIS D 286 0.25 -19.39 52.27
C HIS D 286 -0.07 -18.53 51.03
N ALA D 287 0.93 -17.82 50.51
CA ALA D 287 0.79 -17.05 49.27
C ALA D 287 1.29 -17.79 48.04
N ALA D 288 2.41 -18.51 48.14
CA ALA D 288 2.85 -19.33 47.01
C ALA D 288 1.82 -20.40 46.70
N GLN D 289 1.11 -20.90 47.72
CA GLN D 289 0.02 -21.82 47.46
C GLN D 289 -1.09 -21.16 46.63
N PHE D 290 -1.36 -19.86 46.86
CA PHE D 290 -2.40 -19.16 46.09
C PHE D 290 -1.93 -18.87 44.66
N LEU D 291 -0.69 -18.44 44.49
CA LEU D 291 -0.20 -18.19 43.14
C LEU D 291 -0.17 -19.48 42.30
N GLN D 292 0.09 -20.63 42.92
CA GLN D 292 -0.06 -21.86 42.16
C GLN D 292 -1.51 -22.04 41.73
N ASP D 293 -2.47 -21.88 42.65
CA ASP D 293 -3.86 -22.19 42.32
C ASP D 293 -4.36 -21.32 41.16
N MET D 294 -3.91 -20.08 41.09
CA MET D 294 -4.32 -19.26 39.97
C MET D 294 -4.05 -19.95 38.61
N ARG D 295 -2.99 -20.80 38.52
CA ARG D 295 -2.62 -21.39 37.24
C ARG D 295 -3.69 -22.31 36.70
N ARG D 296 -4.48 -22.93 37.57
CA ARG D 296 -5.50 -23.80 37.02
C ARG D 296 -6.63 -23.03 36.37
N TYR D 297 -6.68 -21.70 36.54
CA TYR D 297 -7.65 -20.81 35.88
C TYR D 297 -7.05 -20.14 34.66
N MET D 298 -5.75 -20.45 34.36
CA MET D 298 -5.08 -19.97 33.19
C MET D 298 -5.26 -21.02 32.10
N PRO D 299 -5.17 -20.64 30.81
CA PRO D 299 -5.27 -21.63 29.74
C PRO D 299 -4.19 -22.69 29.90
N PRO D 300 -4.49 -23.95 29.58
CA PRO D 300 -3.55 -25.04 29.88
C PRO D 300 -2.19 -24.92 29.19
N ALA D 301 -2.17 -24.36 27.98
CA ALA D 301 -0.92 -24.11 27.28
C ALA D 301 -0.08 -23.07 28.02
N HIS D 302 -0.75 -22.11 28.66
CA HIS D 302 -0.04 -21.09 29.41
C HIS D 302 0.55 -21.69 30.70
N ARG D 303 -0.07 -22.74 31.24
CA ARG D 303 0.54 -23.45 32.36
C ARG D 303 1.82 -24.12 31.90
N ASN D 304 1.74 -24.80 30.75
CA ASN D 304 2.87 -25.50 30.13
C ASN D 304 3.97 -24.55 29.77
N PHE D 305 3.65 -23.31 29.46
CA PHE D 305 4.69 -22.35 29.17
C PHE D 305 5.46 -21.99 30.45
N LEU D 306 4.73 -21.72 31.53
CA LEU D 306 5.38 -21.32 32.77
C LEU D 306 6.21 -22.44 33.35
N CYS D 307 5.82 -23.67 33.06
CA CYS D 307 6.62 -24.75 33.60
C CYS D 307 7.85 -24.99 32.74
N SER D 308 7.73 -24.90 31.42
CA SER D 308 8.90 -24.98 30.58
C SER D 308 9.93 -23.91 31.01
N LEU D 309 9.47 -22.69 31.22
CA LEU D 309 10.36 -21.64 31.69
C LEU D 309 11.12 -22.05 32.96
N GLU D 310 10.42 -22.49 34.01
CA GLU D 310 11.11 -22.85 35.25
C GLU D 310 12.15 -23.94 35.02
N SER D 311 11.99 -24.75 34.00
CA SER D 311 12.94 -25.82 33.75
C SER D 311 14.14 -25.36 32.90
N ASN D 312 14.16 -24.11 32.40
CA ASN D 312 15.25 -23.57 31.57
C ASN D 312 16.44 -23.07 32.42
N PRO D 313 17.61 -22.89 31.82
CA PRO D 313 18.73 -22.37 32.60
C PRO D 313 18.36 -21.06 33.25
N SER D 314 18.84 -20.89 34.48
CA SER D 314 18.54 -19.71 35.25
C SER D 314 19.25 -18.51 34.67
N VAL D 315 18.47 -17.50 34.24
CA VAL D 315 19.02 -16.19 33.90
C VAL D 315 19.70 -15.57 35.11
N ARG D 316 19.16 -15.78 36.31
CA ARG D 316 19.81 -15.24 37.50
C ARG D 316 21.20 -15.86 37.70
N GLU D 317 21.31 -17.20 37.68
CA GLU D 317 22.60 -17.85 37.89
C GLU D 317 23.59 -17.41 36.82
N PHE D 318 23.12 -17.19 35.61
CA PHE D 318 24.02 -16.86 34.51
C PHE D 318 24.57 -15.45 34.64
N VAL D 319 23.72 -14.53 35.08
CA VAL D 319 24.18 -13.17 35.28
C VAL D 319 25.13 -13.12 36.47
N LEU D 320 24.83 -13.89 37.50
CA LEU D 320 25.70 -13.90 38.66
C LEU D 320 27.01 -14.61 38.38
N SER D 321 26.96 -15.71 37.62
CA SER D 321 28.17 -16.47 37.34
C SER D 321 29.16 -15.67 36.53
N LYS D 322 28.71 -14.66 35.80
CA LYS D 322 29.65 -13.91 34.98
C LYS D 322 30.44 -12.92 35.84
N GLY D 323 29.84 -12.45 36.94
CA GLY D 323 30.36 -11.28 37.62
C GLY D 323 30.13 -10.00 36.84
N ASP D 324 29.40 -10.08 35.74
CA ASP D 324 29.26 -8.94 34.84
C ASP D 324 28.49 -7.85 35.54
N ALA D 325 29.13 -6.68 35.71
CA ALA D 325 28.47 -5.55 36.36
C ALA D 325 27.31 -5.02 35.54
N GLY D 326 27.47 -5.00 34.21
CA GLY D 326 26.43 -4.50 33.33
C GLY D 326 25.24 -5.44 33.20
N LEU D 327 25.51 -6.75 33.09
CA LEU D 327 24.39 -7.68 33.08
C LEU D 327 23.67 -7.64 34.41
N ARG D 328 24.40 -7.35 35.51
CA ARG D 328 23.76 -7.15 36.81
C ARG D 328 22.86 -5.93 36.78
N GLU D 329 23.35 -4.83 36.19
CA GLU D 329 22.56 -3.61 36.16
C GLU D 329 21.31 -3.79 35.32
N ALA D 330 21.41 -4.59 34.25
CA ALA D 330 20.26 -4.83 33.38
C ALA D 330 19.26 -5.80 34.02
N TYR D 331 19.73 -6.79 34.79
CA TYR D 331 18.81 -7.65 35.53
C TYR D 331 18.00 -6.82 36.53
N ASP D 332 18.68 -5.99 37.31
CA ASP D 332 17.98 -5.16 38.28
C ASP D 332 16.93 -4.25 37.63
N ALA D 333 17.20 -3.75 36.42
CA ALA D 333 16.24 -2.91 35.72
C ALA D 333 14.93 -3.65 35.45
N CYS D 334 15.02 -4.94 35.15
CA CYS D 334 13.80 -5.73 34.99
C CYS D 334 13.09 -5.91 36.32
N VAL D 335 13.85 -6.26 37.37
CA VAL D 335 13.28 -6.39 38.73
C VAL D 335 12.70 -5.07 39.17
N LYS D 336 13.43 -3.96 38.97
CA LYS D 336 12.88 -2.66 39.37
C LYS D 336 11.56 -2.37 38.64
N ALA D 337 11.49 -2.68 37.33
CA ALA D 337 10.26 -2.48 36.58
C ALA D 337 9.09 -3.30 37.13
N LEU D 338 9.38 -4.51 37.61
CA LEU D 338 8.35 -5.34 38.19
C LEU D 338 7.83 -4.79 39.54
N VAL D 339 8.71 -4.29 40.42
CA VAL D 339 8.18 -3.74 41.68
C VAL D 339 7.28 -2.56 41.36
N SER D 340 7.68 -1.75 40.37
CA SER D 340 6.88 -0.59 40.04
C SER D 340 5.48 -1.01 39.61
N LEU D 341 5.35 -2.06 38.80
CA LEU D 341 4.00 -2.49 38.42
C LEU D 341 3.22 -3.02 39.63
N ARG D 342 3.87 -3.77 40.50
CA ARG D 342 3.16 -4.24 41.68
C ARG D 342 2.86 -3.08 42.64
N SER D 343 3.68 -2.04 42.66
CA SER D 343 3.29 -0.86 43.40
C SER D 343 2.03 -0.25 42.80
N TYR D 344 2.04 0.03 41.51
CA TYR D 344 0.84 0.56 40.87
C TYR D 344 -0.36 -0.39 41.02
N HIS D 345 -0.11 -1.70 41.03
CA HIS D 345 -1.17 -2.64 41.37
C HIS D 345 -1.79 -2.31 42.73
N LEU D 346 -0.95 -2.03 43.74
CA LEU D 346 -1.45 -1.71 45.07
C LEU D 346 -2.26 -0.42 45.07
N GLN D 347 -1.77 0.62 44.37
CA GLN D 347 -2.53 1.86 44.32
C GLN D 347 -3.86 1.66 43.63
N ILE D 348 -3.94 0.72 42.67
CA ILE D 348 -5.21 0.48 42.00
C ILE D 348 -6.18 -0.21 42.95
N VAL D 349 -5.69 -1.17 43.73
CA VAL D 349 -6.57 -1.78 44.73
C VAL D 349 -7.14 -0.73 45.70
N THR D 350 -6.32 0.26 46.08
CA THR D 350 -6.81 1.29 46.98
C THR D 350 -8.01 2.03 46.40
N LYS D 351 -7.87 2.50 45.16
CA LYS D 351 -8.93 3.29 44.58
C LYS D 351 -10.13 2.42 44.22
N TYR D 352 -9.88 1.20 43.75
CA TYR D 352 -10.92 0.47 43.03
C TYR D 352 -11.56 -0.64 43.83
N ILE D 353 -11.06 -0.92 45.03
CA ILE D 353 -11.66 -1.99 45.81
C ILE D 353 -11.79 -1.49 47.24
N LEU D 354 -10.71 -0.94 47.79
CA LEU D 354 -10.61 -0.56 49.21
C LEU D 354 -11.51 0.62 49.56
N ILE D 355 -11.44 1.72 48.79
CA ILE D 355 -12.16 2.95 49.12
C ILE D 355 -13.66 2.85 48.80
N PRO D 356 -14.05 2.35 47.63
CA PRO D 356 -15.49 2.15 47.37
C PRO D 356 -16.14 1.18 48.33
N ALA D 357 -15.37 0.25 48.88
CA ALA D 357 -15.89 -0.64 49.91
C ALA D 357 -16.12 0.09 51.23
N SER D 358 -15.30 1.09 51.57
CA SER D 358 -15.57 1.81 52.81
C SER D 358 -16.70 2.82 52.63
N GLN D 359 -17.14 3.08 51.38
CA GLN D 359 -18.17 4.06 51.09
C GLN D 359 -19.57 3.46 50.94
N GLN D 360 -19.86 2.36 51.65
CA GLN D 360 -21.14 1.63 51.57
C GLN D 360 -21.23 0.88 50.23
N THR D 381 -7.17 -5.81 55.43
CA THR D 381 -7.49 -5.82 53.99
C THR D 381 -7.41 -7.20 53.35
N ASP D 382 -6.44 -7.99 53.87
CA ASP D 382 -6.07 -9.36 53.45
C ASP D 382 -5.45 -9.46 52.03
N LEU D 383 -6.04 -8.79 51.03
CA LEU D 383 -5.41 -8.75 49.71
C LEU D 383 -4.21 -7.81 49.66
N MET D 384 -4.24 -6.71 50.43
CA MET D 384 -3.12 -5.79 50.44
C MET D 384 -1.91 -6.44 51.07
N ASN D 385 -2.11 -7.20 52.15
CA ASN D 385 -1.00 -7.94 52.74
C ASN D 385 -0.45 -8.96 51.74
N PHE D 386 -1.34 -9.61 50.98
CA PHE D 386 -0.81 -10.51 49.98
C PHE D 386 0.03 -9.77 48.96
N LEU D 387 -0.46 -8.63 48.46
CA LEU D 387 0.26 -7.96 47.37
C LEU D 387 1.52 -7.26 47.88
N LYS D 388 1.43 -6.68 49.08
CA LYS D 388 2.62 -6.08 49.69
C LYS D 388 3.71 -7.09 49.91
N THR D 389 3.33 -8.32 50.32
CA THR D 389 4.33 -9.38 50.53
C THR D 389 5.05 -9.71 49.23
N VAL D 390 4.27 -9.92 48.16
CA VAL D 390 4.82 -10.24 46.86
C VAL D 390 5.77 -9.14 46.40
N ARG D 391 5.37 -7.89 46.56
CA ARG D 391 6.29 -6.82 46.22
C ARG D 391 7.57 -6.90 47.06
N SER D 392 7.49 -7.25 48.37
CA SER D 392 8.72 -7.33 49.19
C SER D 392 9.68 -8.36 48.59
N THR D 393 9.16 -9.51 48.17
CA THR D 393 10.01 -10.53 47.57
C THR D 393 10.67 -10.01 46.29
N THR D 394 9.92 -9.28 45.48
CA THR D 394 10.48 -8.74 44.25
C THR D 394 11.60 -7.73 44.54
N GLU D 395 11.40 -6.82 45.50
CA GLU D 395 12.46 -5.87 45.89
C GLU D 395 13.73 -6.59 46.36
N LYS D 396 13.58 -7.66 47.16
CA LYS D 396 14.72 -8.36 47.77
C LYS D 396 15.57 -9.14 46.75
N SER D 397 15.16 -9.23 45.49
CA SER D 397 15.92 -9.97 44.48
C SER D 397 16.91 -9.12 43.71
N LEU D 398 17.01 -7.83 43.97
CA LEU D 398 17.89 -6.93 43.20
C LEU D 398 19.37 -7.36 43.26
C13 C4V E . 2.96 13.77 -29.77
C18 C4V E . -2.75 15.35 -37.18
C17 C4V E . 4.08 17.86 -32.69
C16 C4V E . 2.38 19.09 -31.41
C15 C4V E . 2.64 17.91 -32.29
C19 C4V E . -2.58 13.93 -36.68
C22 C4V E . -1.64 15.95 -37.98
C23 C4V E . 2.36 13.39 -35.58
C11 C4V E . 2.27 16.66 -31.50
C12 C4V E . 1.83 13.59 -30.71
C27 C4V E . 3.50 10.62 -36.54
C1 C4V E . -0.93 16.23 -35.46
C2 C4V E . -1.20 16.72 -34.18
C3 C4V E . -0.33 16.50 -33.13
C4 C4V E . 0.84 15.79 -33.34
C5 C4V E . 1.12 15.30 -34.63
C6 C4V E . 0.24 15.53 -35.67
C7 C4V E . -1.88 16.46 -36.60
N8 C4V E . 2.29 14.55 -34.85
N9 C4V E . 1.73 15.56 -32.29
C10 C4V E . 2.18 14.19 -32.05
C14 C4V E . 0.58 14.11 -30.19
O20 C4V E . -3.67 13.40 -36.19
O21 C4V E . -1.52 13.35 -36.78
O24 C4V E . 1.44 12.95 -36.28
N25 C4V E . 3.58 12.78 -35.46
C26 C4V E . 4.11 11.83 -36.34
C28 C4V E . 3.95 9.76 -37.53
C29 C4V E . 5.03 10.11 -38.33
C30 C4V E . 5.65 11.33 -38.10
C31 C4V E . 5.21 12.17 -37.12
C32 C4V E . 5.49 9.20 -39.44
H44 C4V E . 3.88 13.30 -30.12
H43 C4V E . 2.73 13.35 -28.79
H45 C4V E . 3.19 14.82 -29.61
H56 C4V E . -3.78 15.56 -37.44
H55 C4V E . 4.31 17.01 -33.31
H53 C4V E . 4.74 17.81 -31.83
H54 C4V E . 4.38 18.75 -33.25
H50 C4V E . 2.64 20.02 -31.93
H52 C4V E . 2.98 19.08 -30.51
H51 C4V E . 1.35 19.17 -31.10
H49 C4V E . 2.01 17.99 -33.18
H58 C4V E . -1.88 16.58 -38.85
H59 C4V E . -0.74 15.37 -38.20
H40 C4V E . 3.15 16.30 -30.97
H41 C4V E . 1.56 16.91 -30.71
H42 C4V E . 1.70 12.52 -30.84
H61 C4V E . 2.64 10.28 -35.96
H33 C4V E . -2.12 17.28 -34.02
H34 C4V E . -0.59 16.90 -32.15
H35 C4V E . 0.47 15.14 -36.66
H36 C4V E . -2.36 17.44 -36.48
H37 C4V E . 3.11 14.94 -34.39
H39 C4V E . 3.25 14.13 -32.21
H38 C4V E . 1.76 13.53 -32.82
H48 C4V E . 0.61 15.20 -30.06
H47 C4V E . 0.32 13.69 -29.22
H46 C4V E . -0.25 13.90 -30.85
H57 C4V E . -3.52 12.48 -35.88
H60 C4V E . 4.20 13.00 -34.68
H62 C4V E . 3.46 8.81 -37.68
H63 C4V E . 6.50 11.63 -38.70
H64 C4V E . 5.74 13.12 -36.96
H67 C4V E . 5.06 8.20 -39.36
H66 C4V E . 6.56 9.10 -39.45
H65 C4V E . 5.19 9.62 -40.40
C13 C4V F . -15.50 -23.53 -18.49
C18 C4V F . -21.53 -19.86 -13.79
C17 C4V F . -18.49 -27.42 -16.74
C16 C4V F . -19.65 -26.80 -18.84
C15 C4V F . -19.01 -26.28 -17.56
C19 C4V F . -20.28 -19.15 -14.20
C22 C4V F . -21.42 -21.07 -12.89
C23 C4V F . -16.72 -22.85 -14.29
C11 C4V F . -17.86 -25.31 -17.82
C12 C4V F . -16.44 -22.53 -19.00
C27 C4V F . -14.23 -21.87 -12.89
C1 C4V F . -20.79 -21.93 -15.30
C2 C4V F . -21.13 -22.09 -16.63
C3 C4V F . -20.28 -22.73 -17.51
C4 C4V F . -19.06 -23.22 -17.06
C5 C4V F . -18.70 -23.06 -15.72
C6 C4V F . -19.58 -22.43 -14.85
C7 C4V F . -21.75 -21.28 -14.32
N8 C4V F . -17.44 -23.48 -15.26
N9 C4V F . -18.19 -23.89 -17.93
C10 C4V F . -17.80 -23.17 -19.15
C14 C4V F . -15.94 -21.90 -20.27
O20 C4V F . -20.49 -18.02 -14.80
O21 C4V F . -19.18 -19.60 -13.97
O24 C4V F . -17.04 -21.79 -13.78
N25 C4V F . -15.59 -23.53 -13.94
C26 C4V F . -14.72 -23.16 -12.90
C28 C4V F . -13.42 -21.44 -11.86
C29 C4V F . -13.08 -22.28 -10.82
C30 C4V F . -13.58 -23.57 -10.83
C31 C4V F . -14.38 -24.02 -11.86
C32 C4V F . -12.21 -21.79 -9.70
H44 C4V F . -15.80 -23.93 -17.52
H43 C4V F . -14.50 -23.12 -18.36
H45 C4V F . -15.41 -24.38 -19.15
H56 C4V F . -22.38 -19.20 -13.68
H55 C4V F . -17.69 -27.96 -17.24
H53 C4V F . -19.26 -28.15 -16.51
H54 C4V F . -18.08 -27.09 -15.79
H50 C4V F . -18.92 -27.34 -19.46
H52 C4V F . -20.05 -26.00 -19.46
H51 C4V F . -20.47 -27.49 -18.66
H49 C4V F . -19.77 -25.76 -16.98
H58 C4V F . -22.18 -21.23 -12.12
H59 C4V F . -20.45 -21.37 -12.50
H40 C4V F . -17.12 -25.42 -17.03
H41 C4V F . -17.32 -25.61 -18.73
H42 C4V F . -16.51 -21.74 -18.25
H61 C4V F . -14.46 -21.16 -13.69
H33 C4V F . -22.08 -21.70 -16.99
H34 C4V F . -20.58 -22.83 -18.55
H35 C4V F . -19.30 -22.31 -13.79
H36 C4V F . -22.77 -21.55 -14.60
H37 C4V F . -17.11 -24.32 -15.72
H39 C4V F . -17.82 -23.83 -20.01
H38 C4V F . -18.53 -22.39 -19.38
H48 C4V F . -15.85 -22.62 -21.07
H47 C4V F . -14.95 -21.45 -20.15
H46 C4V F . -16.60 -21.12 -20.62
H57 C4V F . -19.65 -17.56 -15.06
H60 C4V F . -15.31 -24.38 -14.43
H62 C4V F . -13.05 -20.42 -11.88
H63 C4V F . -13.33 -24.26 -10.02
H64 C4V F . -14.75 -25.04 -11.84
H67 C4V F . -11.45 -21.08 -10.03
H66 C4V F . -11.67 -22.61 -9.21
H65 C4V F . -12.80 -21.30 -8.93
C13 C4V G . 10.54 19.17 16.06
C18 C4V G . 9.13 21.05 6.81
C17 C4V G . 5.75 18.88 14.29
C16 C4V G . 6.31 16.61 13.49
C15 C4V G . 6.65 18.07 13.41
C19 C4V G . 10.31 21.62 7.53
C22 C4V G . 7.76 21.58 7.12
C23 C4V G . 8.72 23.03 12.14
C11 C4V G . 8.10 18.22 13.87
C12 C4V G . 10.94 19.50 14.65
C27 C4V G . 9.86 25.83 12.95
C1 C4V G . 8.38 19.95 9.11
C2 C4V G . 8.76 18.69 9.55
C3 C4V G . 8.95 18.43 10.89
C4 C4V G . 8.77 19.45 11.81
C5 C4V G . 8.40 20.72 11.38
C6 C4V G . 8.22 20.97 10.03
C7 C4V G . 8.14 20.23 7.63
N8 C4V G . 8.25 21.75 12.31
N9 C4V G . 8.91 19.23 13.19
C10 C4V G . 9.77 20.15 13.92
C14 C4V G . 11.40 18.28 13.91
O20 C4V G . 11.42 21.37 6.93
O21 C4V G . 10.21 22.28 8.56
O24 C4V G . 9.19 23.44 11.09
N25 C4V G . 8.60 23.77 13.28
C26 C4V G . 8.71 25.18 13.36
C28 C4V G . 9.92 27.21 12.95
C29 C4V G . 8.83 27.98 13.36
C30 C4V G . 7.70 27.31 13.79
C31 C4V G . 7.63 25.93 13.79
C32 C4V G . 8.87 29.47 13.25
H44 C4V G . 10.25 20.05 16.63
H43 C4V G . 11.36 18.70 16.61
H45 C4V G . 9.70 18.48 16.11
H56 C4V G . 9.37 20.73 5.80
H55 C4V G . 6.00 19.94 14.27
H53 C4V G . 5.81 18.56 15.33
H54 C4V G . 4.71 18.79 14.00
H50 C4V G . 5.29 16.43 13.16
H52 C4V G . 6.39 16.21 14.49
H51 C4V G . 6.95 15.99 12.85
H49 C4V G . 6.55 18.41 12.38
H58 C4V G . 7.03 21.68 6.32
H59 C4V G . 7.65 22.41 7.82
H40 C4V G . 8.10 18.46 14.94
H41 C4V G . 8.61 17.26 13.81
H42 C4V G . 11.77 20.20 14.69
H61 C4V G . 10.74 25.29 12.61
H33 C4V G . 8.89 17.89 8.83
H34 C4V G . 9.25 17.43 11.19
H35 C4V G . 7.94 21.96 9.70
H36 C4V G . 7.71 19.35 7.17
H37 C4V G . 7.74 21.48 13.14
H39 C4V G . 9.19 20.73 14.63
H38 C4V G . 10.20 20.90 13.25
H48 C4V G . 10.60 17.54 13.81
H47 C4V G . 12.23 17.79 14.41
H46 C4V G . 11.73 18.52 12.91
H57 C4V G . 12.20 21.76 7.41
H60 C4V G . 8.43 23.33 14.17
H62 C4V G . 10.83 27.70 12.63
H63 C4V G . 6.84 27.89 14.14
H64 C4V G . 6.71 25.46 14.13
H67 C4V G . 9.88 29.88 13.37
H66 C4V G . 8.25 29.95 14.02
H65 C4V G . 8.49 29.80 12.29
C13 C4V H . -2.69 -7.00 33.20
C18 C4V H . -7.09 -6.11 41.62
C17 C4V H . -5.78 -2.77 34.08
C16 C4V H . -3.96 -1.65 35.22
C15 C4V H . -4.81 -2.87 35.19
C19 C4V H . -6.72 -7.49 41.20
C22 C4V H . -8.23 -5.44 40.91
C23 C4V H . -7.76 -7.17 36.11
C11 C4V H . -3.90 -4.07 34.95
C12 C4V H . -3.04 -7.25 34.64
C27 C4V H . -8.91 -10.06 35.41
C1 C4V H . -6.15 -4.98 39.37
C2 C4V H . -4.83 -4.59 39.21
C3 C4V H . -4.20 -4.67 37.98
C4 C4V H . -4.89 -5.15 36.88
C5 C4V H . -6.23 -5.53 37.02
C6 C4V H . -6.84 -5.44 38.27
C7 C4V H . -6.85 -4.90 40.70
N8 C4V H . -6.91 -6.11 35.96
N9 C4V H . -4.30 -5.31 35.64
C10 C4V H . -4.38 -6.60 34.96
C14 C4V H . -1.99 -6.72 35.56
O20 C4V H . -5.88 -8.06 42.01
O21 C4V H . -7.20 -8.02 40.22
O24 C4V H . -8.26 -7.49 37.18
N25 C4V H . -7.98 -7.87 34.96
C26 C4V H . -8.99 -8.82 34.82
C28 C4V H . -9.98 -10.91 35.37
C29 C4V H . -11.15 -10.56 34.74
C30 C4V H . -11.23 -9.30 34.16
C31 C4V H . -10.15 -8.44 34.20
C32 C4V H . -12.24 -11.57 34.51
H44 C4V H . -3.42 -7.40 32.51
H43 C4V H . -1.73 -7.45 32.94
H45 C4V H . -2.60 -5.94 32.98
H56 C4V H . -6.97 -5.97 42.70
H55 C4V H . -6.41 -3.66 33.99
H53 C4V H . -5.28 -2.64 33.12
H54 C4V H . -6.45 -1.91 34.20
H50 C4V H . -4.56 -0.76 35.39
H52 C4V H . -3.42 -1.49 34.29
H51 C4V H . -3.21 -1.68 36.02
H49 C4V H . -5.34 -2.97 36.14
H58 C4V H . -8.96 -4.86 41.49
H59 C4V H . -8.74 -5.95 40.11
H40 C4V H . -3.86 -4.28 33.89
H41 C4V H . -2.87 -3.83 35.23
H42 C4V H . -3.12 -8.33 34.78
H61 C4V H . -8.01 -10.41 35.92
H33 C4V H . -4.27 -4.21 40.07
H34 C4V H . -3.16 -4.35 37.90
H35 C4V H . -7.89 -5.73 38.36
H36 C4V H . -6.57 -3.97 41.19
H37 C4V H . -6.72 -5.69 35.05
H39 C4V H . -4.96 -6.51 34.04
H38 C4V H . -4.96 -7.31 35.56
H48 C4V H . -1.86 -5.64 35.48
H47 C4V H . -1.00 -7.15 35.37
H46 C4V H . -2.21 -6.92 36.60
H57 C4V H . -5.64 -8.97 41.71
H60 C4V H . -7.41 -7.72 34.13
H62 C4V H . -9.91 -11.89 35.84
H63 C4V H . -12.15 -8.98 33.68
H64 C4V H . -10.25 -7.47 33.72
H67 C4V H . -12.12 -12.46 35.15
H66 C4V H . -12.26 -11.92 33.48
H65 C4V H . -13.21 -11.14 34.72
#